data_1SE9
#
_entry.id   1SE9
#
_entity_poly.entity_id   1
_entity_poly.type   'polypeptide(L)'
_entity_poly.pdbx_seq_one_letter_code
;MGHHHHHHLEAEVHNQLEIKFRLTDGSDIGPKAFPDATTVSALKETVISEWPREKENGPKTVKEVKLISAGKVLENSKTV
KDYRSPVSNLAGAVTTMHVIIQAPVTEKEKKPKGDPKMNKCVCSVM
;
_entity_poly.pdbx_strand_id   A
#
# COMPACT_ATOMS: atom_id res chain seq x y z
N GLU A 10 6.82 18.63 8.93
CA GLU A 10 7.07 17.83 7.74
C GLU A 10 8.42 18.21 7.15
N ALA A 11 8.88 17.42 6.21
CA ALA A 11 10.13 17.69 5.56
C ALA A 11 9.90 18.63 4.39
N GLU A 12 10.87 19.46 4.12
CA GLU A 12 10.78 20.40 3.04
C GLU A 12 10.88 19.69 1.71
N VAL A 13 9.99 20.07 0.79
CA VAL A 13 9.83 19.46 -0.53
C VAL A 13 9.72 17.95 -0.50
N HIS A 14 8.51 17.51 -0.53
CA HIS A 14 8.21 16.10 -0.39
C HIS A 14 8.48 15.28 -1.63
N ASN A 15 9.73 14.94 -1.79
CA ASN A 15 10.13 14.06 -2.83
C ASN A 15 10.67 12.80 -2.27
N GLN A 16 9.77 11.90 -2.00
CA GLN A 16 10.07 10.58 -1.59
C GLN A 16 9.68 9.69 -2.74
N LEU A 17 9.66 8.41 -2.53
CA LEU A 17 9.31 7.55 -3.62
C LEU A 17 7.84 7.26 -3.56
N GLU A 18 7.18 7.48 -4.62
CA GLU A 18 5.76 7.40 -4.64
C GLU A 18 5.27 6.03 -5.01
N ILE A 19 4.22 5.61 -4.36
CA ILE A 19 3.63 4.34 -4.62
C ILE A 19 2.17 4.55 -4.93
N LYS A 20 1.70 3.87 -5.93
CA LYS A 20 0.27 3.84 -6.15
C LYS A 20 -0.20 2.41 -6.13
N PHE A 21 -1.43 2.23 -5.77
CA PHE A 21 -1.97 0.91 -5.59
C PHE A 21 -2.87 0.53 -6.76
N ARG A 22 -2.57 -0.57 -7.40
CA ARG A 22 -3.43 -1.08 -8.43
C ARG A 22 -4.08 -2.33 -7.97
N LEU A 23 -5.37 -2.33 -7.98
CA LEU A 23 -6.15 -3.45 -7.59
C LEU A 23 -6.07 -4.52 -8.65
N THR A 24 -6.26 -5.76 -8.25
CA THR A 24 -6.20 -6.92 -9.12
C THR A 24 -7.21 -6.83 -10.28
N ASP A 25 -8.25 -6.07 -10.06
CA ASP A 25 -9.30 -5.88 -11.05
C ASP A 25 -8.92 -4.82 -12.09
N GLY A 26 -7.75 -4.22 -11.94
CA GLY A 26 -7.25 -3.27 -12.93
C GLY A 26 -7.54 -1.80 -12.61
N SER A 27 -8.13 -1.54 -11.48
CA SER A 27 -8.39 -0.16 -11.07
C SER A 27 -7.22 0.33 -10.21
N ASP A 28 -6.85 1.58 -10.31
CA ASP A 28 -5.74 2.07 -9.53
C ASP A 28 -6.11 3.25 -8.67
N ILE A 29 -5.37 3.41 -7.61
CA ILE A 29 -5.51 4.49 -6.66
C ILE A 29 -4.34 5.46 -6.88
N GLY A 30 -4.61 6.76 -6.78
CA GLY A 30 -3.60 7.78 -7.01
C GLY A 30 -2.36 7.61 -6.14
N PRO A 31 -1.17 7.88 -6.71
CA PRO A 31 0.11 7.72 -6.02
C PRO A 31 0.33 8.71 -4.89
N LYS A 32 0.98 8.25 -3.87
CA LYS A 32 1.34 9.03 -2.73
C LYS A 32 2.83 8.87 -2.53
N ALA A 33 3.48 9.79 -1.86
CA ALA A 33 4.89 9.67 -1.62
C ALA A 33 5.11 8.91 -0.34
N PHE A 34 5.92 7.86 -0.40
CA PHE A 34 6.19 7.06 0.75
C PHE A 34 7.68 6.97 0.96
N PRO A 35 8.18 7.47 2.06
CA PRO A 35 9.56 7.30 2.42
C PRO A 35 9.87 5.80 2.59
N ASP A 36 11.08 5.42 2.31
CA ASP A 36 11.52 4.03 2.47
C ASP A 36 11.42 3.61 3.94
N ALA A 37 11.50 4.58 4.82
CA ALA A 37 11.46 4.33 6.25
C ALA A 37 10.02 4.11 6.74
N THR A 38 9.05 4.22 5.85
CA THR A 38 7.67 3.97 6.22
C THR A 38 7.49 2.47 6.50
N THR A 39 6.80 2.16 7.55
CA THR A 39 6.52 0.79 7.89
C THR A 39 5.37 0.28 7.03
N VAL A 40 5.35 -1.00 6.73
CA VAL A 40 4.26 -1.57 5.98
C VAL A 40 2.96 -1.47 6.79
N SER A 41 3.09 -1.44 8.12
CA SER A 41 1.95 -1.22 8.99
C SER A 41 1.26 0.10 8.64
N ALA A 42 2.04 1.18 8.53
CA ALA A 42 1.52 2.51 8.19
C ALA A 42 1.03 2.54 6.74
N LEU A 43 1.70 1.80 5.87
CA LEU A 43 1.36 1.68 4.49
C LEU A 43 -0.02 1.03 4.36
N LYS A 44 -0.20 -0.04 5.12
CA LYS A 44 -1.42 -0.81 5.17
C LYS A 44 -2.54 0.10 5.70
N GLU A 45 -2.24 0.87 6.75
CA GLU A 45 -3.15 1.88 7.33
C GLU A 45 -3.56 2.93 6.28
N THR A 46 -2.57 3.37 5.51
CA THR A 46 -2.78 4.39 4.47
C THR A 46 -3.85 3.92 3.49
N VAL A 47 -3.80 2.66 3.14
CA VAL A 47 -4.74 2.06 2.21
C VAL A 47 -6.14 2.11 2.80
N ILE A 48 -6.25 1.78 4.07
CA ILE A 48 -7.54 1.71 4.77
C ILE A 48 -8.22 3.07 4.77
N SER A 49 -7.44 4.12 4.82
CA SER A 49 -7.96 5.46 4.78
C SER A 49 -8.41 5.86 3.34
N GLU A 50 -7.72 5.34 2.33
CA GLU A 50 -8.03 5.63 0.94
C GLU A 50 -9.21 4.80 0.47
N TRP A 51 -9.25 3.59 0.93
CA TRP A 51 -10.24 2.61 0.55
C TRP A 51 -11.59 3.01 1.11
N PRO A 52 -12.65 2.98 0.31
CA PRO A 52 -13.99 3.33 0.76
C PRO A 52 -14.51 2.37 1.81
N ARG A 53 -14.79 2.88 3.00
CA ARG A 53 -15.36 2.07 4.08
C ARG A 53 -16.82 1.75 3.77
N GLU A 54 -17.40 2.58 2.92
CA GLU A 54 -18.77 2.40 2.43
C GLU A 54 -18.87 1.19 1.48
N LYS A 55 -17.73 0.70 1.04
CA LYS A 55 -17.65 -0.40 0.09
C LYS A 55 -18.13 -1.70 0.70
N GLU A 56 -19.12 -2.30 0.10
CA GLU A 56 -19.50 -3.62 0.45
C GLU A 56 -18.83 -4.56 -0.51
N ASN A 57 -18.49 -5.71 -0.01
CA ASN A 57 -17.79 -6.75 -0.75
C ASN A 57 -16.42 -6.31 -1.25
N GLY A 58 -15.51 -6.26 -0.33
CA GLY A 58 -14.17 -5.99 -0.58
C GLY A 58 -13.59 -5.60 0.73
N PRO A 59 -12.27 -5.47 0.84
CA PRO A 59 -11.63 -4.99 2.06
C PRO A 59 -12.16 -3.64 2.51
N LYS A 60 -11.74 -3.24 3.70
CA LYS A 60 -12.00 -1.91 4.27
C LYS A 60 -11.45 -1.83 5.66
N THR A 61 -11.17 -2.97 6.24
CA THR A 61 -10.46 -3.00 7.46
C THR A 61 -9.02 -3.44 7.18
N VAL A 62 -8.15 -3.20 8.13
CA VAL A 62 -6.71 -3.40 7.96
C VAL A 62 -6.31 -4.83 7.55
N LYS A 63 -6.93 -5.81 8.15
CA LYS A 63 -6.55 -7.20 7.94
C LYS A 63 -7.03 -7.76 6.60
N GLU A 64 -7.97 -7.08 5.97
CA GLU A 64 -8.57 -7.60 4.74
C GLU A 64 -7.72 -7.33 3.49
N VAL A 65 -6.97 -6.27 3.51
CA VAL A 65 -6.25 -5.86 2.31
C VAL A 65 -4.80 -6.39 2.28
N LYS A 66 -4.43 -6.96 1.14
CA LYS A 66 -3.09 -7.49 0.92
C LYS A 66 -2.33 -6.69 -0.12
N LEU A 67 -1.15 -6.24 0.26
CA LEU A 67 -0.28 -5.49 -0.62
C LEU A 67 0.79 -6.43 -1.15
N ILE A 68 0.91 -6.54 -2.46
CA ILE A 68 1.86 -7.46 -3.08
C ILE A 68 2.71 -6.78 -4.14
N SER A 69 4.01 -6.86 -3.97
CA SER A 69 4.96 -6.27 -4.87
C SER A 69 6.03 -7.30 -5.21
N ALA A 70 6.31 -7.46 -6.52
CA ALA A 70 7.31 -8.41 -7.05
C ALA A 70 6.93 -9.85 -6.75
N GLY A 71 5.67 -10.06 -6.46
CA GLY A 71 5.17 -11.38 -6.14
C GLY A 71 5.41 -11.72 -4.69
N LYS A 72 5.50 -10.71 -3.88
CA LYS A 72 5.75 -10.87 -2.47
C LYS A 72 4.76 -10.04 -1.70
N VAL A 73 4.03 -10.67 -0.79
CA VAL A 73 3.10 -9.94 0.04
C VAL A 73 3.87 -9.18 1.11
N LEU A 74 3.52 -7.94 1.31
CA LEU A 74 4.16 -7.11 2.24
C LEU A 74 3.64 -7.32 3.65
N GLU A 75 4.47 -7.95 4.48
CA GLU A 75 4.17 -8.12 5.88
C GLU A 75 4.31 -6.75 6.57
N ASN A 76 3.40 -6.46 7.48
CA ASN A 76 3.32 -5.15 8.15
C ASN A 76 4.54 -4.90 9.03
N SER A 77 5.18 -6.00 9.41
CA SER A 77 6.32 -5.98 10.31
C SER A 77 7.62 -5.58 9.58
N LYS A 78 7.51 -5.25 8.33
CA LYS A 78 8.61 -4.84 7.50
C LYS A 78 8.38 -3.40 7.07
N THR A 79 9.38 -2.76 6.52
CA THR A 79 9.24 -1.42 6.09
C THR A 79 9.18 -1.40 4.58
N VAL A 80 8.91 -0.26 4.01
CA VAL A 80 8.89 -0.13 2.56
C VAL A 80 10.31 -0.36 2.03
N LYS A 81 11.31 0.08 2.82
CA LYS A 81 12.74 -0.05 2.51
C LYS A 81 13.11 -1.51 2.23
N ASP A 82 12.43 -2.42 2.92
CA ASP A 82 12.62 -3.86 2.77
C ASP A 82 12.35 -4.33 1.34
N TYR A 83 11.48 -3.64 0.64
CA TYR A 83 11.08 -4.02 -0.71
C TYR A 83 11.62 -3.05 -1.75
N ARG A 84 12.28 -2.02 -1.29
CA ARG A 84 12.75 -0.95 -2.10
C ARG A 84 14.15 -1.16 -2.64
N SER A 85 14.55 -0.23 -3.46
CA SER A 85 15.85 -0.16 -4.02
C SER A 85 16.76 0.59 -3.03
N PRO A 86 18.10 0.43 -3.12
CA PRO A 86 19.04 1.13 -2.23
C PRO A 86 18.99 2.67 -2.42
N VAL A 87 19.86 3.38 -1.69
CA VAL A 87 19.90 4.85 -1.73
C VAL A 87 20.54 5.35 -3.04
N SER A 88 20.96 4.41 -3.85
CA SER A 88 21.57 4.68 -5.16
C SER A 88 20.50 4.90 -6.23
N ASN A 89 19.34 5.25 -5.76
CA ASN A 89 18.18 5.52 -6.58
C ASN A 89 17.58 6.82 -6.06
N LEU A 90 17.10 7.65 -6.94
CA LEU A 90 16.59 8.91 -6.59
C LEU A 90 15.11 8.84 -6.23
N ALA A 91 14.52 9.98 -5.91
CA ALA A 91 13.13 10.07 -5.54
C ALA A 91 12.24 10.24 -6.76
N GLY A 92 12.76 9.87 -7.90
CA GLY A 92 12.01 9.99 -9.12
C GLY A 92 11.37 8.70 -9.54
N ALA A 93 11.68 7.64 -8.82
CA ALA A 93 11.15 6.34 -9.13
C ALA A 93 9.81 6.14 -8.45
N VAL A 94 8.78 6.00 -9.24
CA VAL A 94 7.46 5.73 -8.71
C VAL A 94 7.24 4.21 -8.74
N THR A 95 6.51 3.71 -7.79
CA THR A 95 6.28 2.32 -7.66
C THR A 95 4.79 2.05 -7.77
N THR A 96 4.42 1.06 -8.50
CA THR A 96 3.06 0.68 -8.61
C THR A 96 2.91 -0.72 -8.00
N MET A 97 2.11 -0.85 -6.98
CA MET A 97 1.98 -2.10 -6.28
C MET A 97 0.57 -2.66 -6.40
N HIS A 98 0.47 -3.98 -6.53
CA HIS A 98 -0.82 -4.63 -6.66
C HIS A 98 -1.48 -4.89 -5.33
N VAL A 99 -2.76 -4.70 -5.34
CA VAL A 99 -3.60 -5.00 -4.22
C VAL A 99 -4.52 -6.10 -4.62
N ILE A 100 -4.44 -7.16 -3.92
CA ILE A 100 -5.24 -8.28 -4.19
C ILE A 100 -6.38 -8.35 -3.21
N ILE A 101 -7.54 -8.62 -3.72
CA ILE A 101 -8.75 -8.60 -2.97
C ILE A 101 -9.00 -9.95 -2.35
N GLN A 102 -8.82 -10.02 -1.06
CA GLN A 102 -9.10 -11.24 -0.36
C GLN A 102 -10.20 -10.99 0.63
N ALA A 103 -11.33 -11.55 0.37
CA ALA A 103 -12.50 -11.35 1.21
C ALA A 103 -12.66 -12.50 2.20
N PRO A 104 -12.83 -12.18 3.48
CA PRO A 104 -13.05 -13.19 4.51
C PRO A 104 -14.46 -13.79 4.47
N VAL A 105 -14.61 -15.01 4.96
CA VAL A 105 -15.90 -15.66 5.00
C VAL A 105 -16.70 -15.14 6.18
N THR A 106 -17.63 -14.28 5.87
CA THR A 106 -18.48 -13.61 6.83
C THR A 106 -17.66 -12.83 7.88
N GLU A 107 -17.33 -11.63 7.52
CA GLU A 107 -16.57 -10.73 8.33
C GLU A 107 -16.69 -9.35 7.71
N LYS A 108 -16.85 -8.36 8.54
CA LYS A 108 -17.07 -7.01 8.10
C LYS A 108 -17.06 -6.04 9.28
N GLU A 109 -16.00 -5.21 9.37
CA GLU A 109 -15.84 -4.15 10.39
C GLU A 109 -16.34 -4.61 11.81
N LYS A 110 -17.61 -4.29 12.15
CA LYS A 110 -18.31 -4.89 13.30
C LYS A 110 -19.80 -4.58 13.27
N GLU A 10 1.18 15.17 1.79
CA GLU A 10 1.46 16.16 2.82
C GLU A 10 2.63 15.65 3.64
N ALA A 11 3.80 16.22 3.41
CA ALA A 11 5.01 15.85 4.09
C ALA A 11 6.11 16.76 3.65
N GLU A 12 7.24 16.67 4.32
CA GLU A 12 8.40 17.39 3.93
C GLU A 12 9.06 16.64 2.79
N VAL A 13 8.56 16.87 1.61
CA VAL A 13 9.01 16.17 0.45
C VAL A 13 10.19 16.86 -0.16
N HIS A 14 11.21 16.12 -0.24
CA HIS A 14 12.45 16.51 -0.89
C HIS A 14 12.87 15.34 -1.71
N ASN A 15 12.94 14.19 -1.07
CA ASN A 15 13.23 12.95 -1.74
C ASN A 15 12.51 11.78 -1.07
N GLN A 16 11.37 11.45 -1.61
CA GLN A 16 10.62 10.33 -1.21
C GLN A 16 9.89 9.81 -2.41
N LEU A 17 9.53 8.57 -2.38
CA LEU A 17 9.05 7.90 -3.57
C LEU A 17 7.55 7.92 -3.68
N GLU A 18 7.07 8.16 -4.86
CA GLU A 18 5.67 8.24 -5.10
C GLU A 18 5.12 6.89 -5.45
N ILE A 19 4.18 6.47 -4.67
CA ILE A 19 3.58 5.19 -4.80
C ILE A 19 2.13 5.37 -5.16
N LYS A 20 1.69 4.61 -6.10
CA LYS A 20 0.30 4.58 -6.45
C LYS A 20 -0.22 3.18 -6.21
N PHE A 21 -1.44 3.10 -5.82
CA PHE A 21 -2.03 1.83 -5.48
C PHE A 21 -2.89 1.34 -6.61
N ARG A 22 -2.72 0.11 -7.00
CA ARG A 22 -3.54 -0.46 -8.02
C ARG A 22 -4.30 -1.65 -7.46
N LEU A 23 -5.59 -1.55 -7.48
CA LEU A 23 -6.47 -2.54 -6.91
C LEU A 23 -6.57 -3.75 -7.81
N THR A 24 -7.07 -4.83 -7.25
CA THR A 24 -7.22 -6.08 -7.93
C THR A 24 -8.27 -5.98 -9.05
N ASP A 25 -9.17 -5.01 -8.93
CA ASP A 25 -10.25 -4.80 -9.89
C ASP A 25 -9.78 -4.07 -11.13
N GLY A 26 -8.53 -3.70 -11.17
CA GLY A 26 -7.99 -3.01 -12.33
C GLY A 26 -8.17 -1.52 -12.24
N SER A 27 -8.48 -1.07 -11.06
CA SER A 27 -8.64 0.33 -10.79
C SER A 27 -7.40 0.79 -10.03
N ASP A 28 -7.03 2.04 -10.15
CA ASP A 28 -5.87 2.52 -9.45
C ASP A 28 -6.15 3.83 -8.77
N ILE A 29 -5.37 4.11 -7.76
CA ILE A 29 -5.46 5.33 -7.00
C ILE A 29 -4.21 6.16 -7.28
N GLY A 30 -4.38 7.46 -7.40
CA GLY A 30 -3.29 8.39 -7.74
C GLY A 30 -2.09 8.29 -6.80
N PRO A 31 -0.87 8.49 -7.34
CA PRO A 31 0.36 8.41 -6.58
C PRO A 31 0.51 9.52 -5.53
N LYS A 32 1.13 9.18 -4.45
CA LYS A 32 1.39 10.08 -3.36
C LYS A 32 2.83 9.79 -2.95
N ALA A 33 3.54 10.75 -2.39
CA ALA A 33 4.94 10.51 -2.04
C ALA A 33 5.07 9.95 -0.64
N PHE A 34 5.77 8.85 -0.54
CA PHE A 34 6.01 8.16 0.73
C PHE A 34 7.49 7.98 0.88
N PRO A 35 8.04 8.17 2.06
CA PRO A 35 9.42 7.81 2.31
C PRO A 35 9.53 6.30 2.20
N ASP A 36 10.53 5.82 1.52
CA ASP A 36 10.71 4.37 1.37
C ASP A 36 11.09 3.73 2.70
N ALA A 37 11.46 4.53 3.63
CA ALA A 37 11.74 4.05 4.98
C ALA A 37 10.45 3.84 5.79
N THR A 38 9.30 4.16 5.21
CA THR A 38 8.00 4.03 5.89
C THR A 38 7.62 2.56 6.04
N THR A 39 6.94 2.24 7.12
CA THR A 39 6.44 0.91 7.32
C THR A 39 5.41 0.56 6.26
N VAL A 40 5.36 -0.70 5.88
CA VAL A 40 4.37 -1.17 4.94
C VAL A 40 2.99 -1.06 5.58
N SER A 41 2.98 -1.11 6.92
CA SER A 41 1.77 -0.93 7.67
C SER A 41 1.19 0.45 7.37
N ALA A 42 2.02 1.50 7.47
CA ALA A 42 1.58 2.86 7.22
C ALA A 42 1.22 3.05 5.75
N LEU A 43 1.91 2.33 4.90
CA LEU A 43 1.67 2.34 3.49
C LEU A 43 0.26 1.83 3.19
N LYS A 44 -0.07 0.68 3.76
CA LYS A 44 -1.35 0.07 3.54
C LYS A 44 -2.43 0.87 4.28
N GLU A 45 -2.14 1.28 5.49
CA GLU A 45 -3.07 2.10 6.28
C GLU A 45 -3.45 3.38 5.54
N THR A 46 -2.53 3.89 4.73
CA THR A 46 -2.83 5.03 3.91
C THR A 46 -3.91 4.68 2.88
N VAL A 47 -3.80 3.51 2.23
CA VAL A 47 -4.79 3.11 1.22
C VAL A 47 -6.12 2.83 1.91
N ILE A 48 -6.03 2.26 3.11
CA ILE A 48 -7.20 1.96 3.92
C ILE A 48 -7.93 3.26 4.29
N SER A 49 -7.15 4.30 4.56
CA SER A 49 -7.70 5.59 4.92
C SER A 49 -8.31 6.28 3.69
N GLU A 50 -7.64 6.17 2.55
CA GLU A 50 -8.09 6.74 1.31
C GLU A 50 -9.37 6.10 0.81
N TRP A 51 -9.48 4.81 1.08
CA TRP A 51 -10.62 4.03 0.67
C TRP A 51 -11.85 4.59 1.35
N PRO A 52 -12.87 4.98 0.57
CA PRO A 52 -14.08 5.62 1.08
C PRO A 52 -14.78 4.80 2.17
N ARG A 53 -15.28 5.48 3.19
CA ARG A 53 -16.07 4.84 4.25
C ARG A 53 -17.40 4.39 3.68
N GLU A 54 -17.79 5.06 2.60
CA GLU A 54 -19.00 4.79 1.89
C GLU A 54 -18.86 3.49 1.07
N LYS A 55 -17.62 3.13 0.77
CA LYS A 55 -17.35 1.96 -0.03
C LYS A 55 -17.57 0.72 0.83
N GLU A 56 -18.18 -0.30 0.26
CA GLU A 56 -18.34 -1.58 0.91
C GLU A 56 -16.97 -2.06 1.38
N ASN A 57 -16.95 -2.75 2.47
CA ASN A 57 -15.74 -3.13 3.10
C ASN A 57 -15.09 -4.35 2.53
N GLY A 58 -14.64 -4.19 1.33
CA GLY A 58 -13.75 -5.16 0.75
C GLY A 58 -12.44 -4.96 1.44
N PRO A 59 -11.71 -3.91 1.06
CA PRO A 59 -10.63 -3.38 1.87
C PRO A 59 -11.19 -2.91 3.21
N LYS A 60 -11.14 -3.77 4.18
CA LYS A 60 -11.72 -3.48 5.46
C LYS A 60 -10.66 -2.90 6.40
N THR A 61 -9.67 -3.70 6.71
CA THR A 61 -8.60 -3.27 7.58
C THR A 61 -7.25 -3.61 6.97
N VAL A 62 -6.20 -3.12 7.61
CA VAL A 62 -4.81 -3.39 7.25
C VAL A 62 -4.53 -4.92 7.28
N LYS A 63 -5.27 -5.63 8.11
CA LYS A 63 -5.16 -7.07 8.25
C LYS A 63 -5.80 -7.79 7.07
N GLU A 64 -6.93 -7.28 6.63
CA GLU A 64 -7.71 -7.94 5.59
C GLU A 64 -7.15 -7.69 4.18
N VAL A 65 -6.48 -6.59 4.02
CA VAL A 65 -5.91 -6.22 2.73
C VAL A 65 -4.44 -6.63 2.64
N LYS A 66 -4.04 -7.14 1.51
CA LYS A 66 -2.66 -7.48 1.25
C LYS A 66 -2.07 -6.58 0.20
N LEU A 67 -0.81 -6.26 0.34
CA LEU A 67 -0.15 -5.35 -0.56
C LEU A 67 0.99 -6.14 -1.24
N ILE A 68 0.98 -6.20 -2.55
CA ILE A 68 1.95 -6.98 -3.32
C ILE A 68 2.72 -6.11 -4.33
N SER A 69 4.01 -6.31 -4.37
CA SER A 69 4.86 -5.64 -5.30
C SER A 69 5.87 -6.67 -5.81
N ALA A 70 6.02 -6.75 -7.14
CA ALA A 70 6.95 -7.70 -7.80
C ALA A 70 6.55 -9.16 -7.53
N GLY A 71 5.26 -9.37 -7.26
CA GLY A 71 4.76 -10.71 -6.99
C GLY A 71 5.13 -11.19 -5.59
N LYS A 72 5.41 -10.25 -4.71
CA LYS A 72 5.81 -10.56 -3.37
C LYS A 72 4.93 -9.77 -2.43
N VAL A 73 4.55 -10.36 -1.32
CA VAL A 73 3.72 -9.68 -0.36
C VAL A 73 4.59 -8.89 0.60
N LEU A 74 4.34 -7.61 0.70
CA LEU A 74 5.05 -6.81 1.61
C LEU A 74 4.31 -6.72 2.90
N GLU A 75 4.93 -7.24 3.89
CA GLU A 75 4.39 -7.39 5.21
C GLU A 75 4.35 -6.09 5.96
N ASN A 76 3.25 -5.87 6.63
CA ASN A 76 2.98 -4.64 7.40
C ASN A 76 4.01 -4.42 8.51
N SER A 77 4.67 -5.47 8.92
CA SER A 77 5.64 -5.40 9.97
C SER A 77 7.02 -4.95 9.46
N LYS A 78 7.17 -4.83 8.17
CA LYS A 78 8.40 -4.41 7.58
C LYS A 78 8.27 -3.00 7.05
N THR A 79 9.39 -2.39 6.76
CA THR A 79 9.44 -1.13 6.16
C THR A 79 9.78 -1.32 4.70
N VAL A 80 9.55 -0.31 3.87
CA VAL A 80 9.89 -0.45 2.48
C VAL A 80 11.43 -0.59 2.35
N LYS A 81 12.18 0.12 3.21
CA LYS A 81 13.65 -0.01 3.28
C LYS A 81 14.11 -1.45 3.51
N ASP A 82 13.38 -2.18 4.35
CA ASP A 82 13.75 -3.58 4.66
C ASP A 82 13.39 -4.48 3.49
N TYR A 83 12.44 -4.02 2.73
CA TYR A 83 11.93 -4.73 1.58
C TYR A 83 12.82 -4.41 0.36
N ARG A 84 13.53 -3.31 0.46
CA ARG A 84 14.43 -2.83 -0.52
C ARG A 84 15.85 -3.25 -0.22
N SER A 85 16.72 -2.97 -1.13
CA SER A 85 18.11 -3.10 -0.96
C SER A 85 18.71 -1.69 -1.00
N PRO A 86 19.58 -1.33 -0.04
CA PRO A 86 20.21 -0.02 -0.02
C PRO A 86 21.09 0.18 -1.23
N VAL A 87 20.81 1.21 -1.98
CA VAL A 87 21.58 1.51 -3.19
C VAL A 87 22.18 2.92 -3.11
N SER A 88 21.74 3.66 -2.11
CA SER A 88 22.20 5.03 -1.84
C SER A 88 21.82 5.94 -3.02
N ASN A 89 20.70 5.65 -3.63
CA ASN A 89 20.23 6.39 -4.78
C ASN A 89 18.71 6.38 -4.81
N LEU A 90 18.13 7.44 -5.30
CA LEU A 90 16.75 7.59 -5.43
C LEU A 90 16.30 7.01 -6.78
N ALA A 91 15.03 7.12 -7.06
CA ALA A 91 14.47 6.62 -8.26
C ALA A 91 13.27 7.45 -8.63
N GLY A 92 13.39 8.16 -9.71
CA GLY A 92 12.30 9.00 -10.19
C GLY A 92 11.33 8.23 -11.06
N ALA A 93 10.94 7.09 -10.60
CA ALA A 93 9.98 6.25 -11.27
C ALA A 93 8.73 6.19 -10.41
N VAL A 94 7.60 5.95 -11.01
CA VAL A 94 6.39 5.85 -10.24
C VAL A 94 6.27 4.41 -9.76
N THR A 95 6.03 4.25 -8.50
CA THR A 95 5.98 2.95 -7.94
C THR A 95 4.53 2.52 -7.88
N THR A 96 4.19 1.50 -8.60
CA THR A 96 2.85 1.01 -8.60
C THR A 96 2.81 -0.29 -7.81
N MET A 97 2.06 -0.30 -6.75
CA MET A 97 1.93 -1.46 -5.93
C MET A 97 0.55 -2.02 -6.03
N HIS A 98 0.46 -3.32 -6.02
CA HIS A 98 -0.80 -3.99 -6.21
C HIS A 98 -1.47 -4.23 -4.90
N VAL A 99 -2.66 -3.75 -4.80
CA VAL A 99 -3.48 -3.96 -3.66
C VAL A 99 -4.34 -5.14 -3.95
N ILE A 100 -4.23 -6.10 -3.12
CA ILE A 100 -4.93 -7.31 -3.27
C ILE A 100 -6.15 -7.27 -2.39
N ILE A 101 -7.26 -7.41 -3.03
CA ILE A 101 -8.50 -7.33 -2.36
C ILE A 101 -8.87 -8.70 -1.86
N GLN A 102 -8.66 -8.92 -0.61
CA GLN A 102 -9.12 -10.10 0.00
C GLN A 102 -10.32 -9.74 0.76
N ALA A 103 -11.44 -10.18 0.28
CA ALA A 103 -12.66 -9.91 0.93
C ALA A 103 -12.75 -10.74 2.18
N PRO A 104 -13.12 -10.12 3.31
CA PRO A 104 -13.33 -10.84 4.55
C PRO A 104 -14.42 -11.88 4.38
N VAL A 105 -14.45 -12.86 5.27
CA VAL A 105 -15.45 -13.91 5.23
C VAL A 105 -16.86 -13.31 5.07
N THR A 106 -17.48 -13.60 3.96
CA THR A 106 -18.72 -13.00 3.62
C THR A 106 -19.89 -13.78 4.24
N GLU A 107 -19.97 -13.66 5.54
CA GLU A 107 -20.98 -14.23 6.41
C GLU A 107 -20.51 -13.94 7.82
N LYS A 108 -21.08 -12.93 8.42
CA LYS A 108 -20.66 -12.48 9.70
C LYS A 108 -21.24 -13.32 10.84
N GLU A 109 -20.49 -14.35 11.21
CA GLU A 109 -20.84 -15.23 12.29
C GLU A 109 -20.55 -14.55 13.61
N LYS A 110 -21.09 -15.07 14.68
CA LYS A 110 -20.86 -14.52 15.98
C LYS A 110 -19.85 -15.36 16.74
N GLU A 10 11.24 26.02 -4.23
CA GLU A 10 10.24 24.99 -3.96
C GLU A 10 9.46 25.37 -2.72
N ALA A 11 8.18 25.65 -2.89
CA ALA A 11 7.33 25.97 -1.76
C ALA A 11 7.04 24.71 -0.97
N GLU A 12 7.70 24.61 0.18
CA GLU A 12 7.62 23.46 1.10
C GLU A 12 7.65 22.10 0.41
N VAL A 13 8.85 21.65 0.10
CA VAL A 13 9.00 20.40 -0.55
C VAL A 13 8.92 19.28 0.46
N HIS A 14 8.09 18.34 0.14
CA HIS A 14 7.82 17.21 1.00
C HIS A 14 7.77 15.95 0.16
N ASN A 15 8.55 15.98 -0.90
CA ASN A 15 8.62 14.89 -1.83
C ASN A 15 9.35 13.70 -1.23
N GLN A 16 8.59 12.82 -0.66
CA GLN A 16 9.07 11.57 -0.17
C GLN A 16 8.87 10.61 -1.33
N LEU A 17 8.85 9.34 -1.10
CA LEU A 17 8.61 8.47 -2.21
C LEU A 17 7.15 8.16 -2.30
N GLU A 18 6.60 8.40 -3.43
CA GLU A 18 5.19 8.28 -3.60
C GLU A 18 4.84 6.90 -4.04
N ILE A 19 3.90 6.34 -3.39
CA ILE A 19 3.46 5.01 -3.66
C ILE A 19 2.00 5.05 -4.01
N LYS A 20 1.61 4.24 -4.96
CA LYS A 20 0.25 4.06 -5.25
C LYS A 20 -0.03 2.58 -5.30
N PHE A 21 -1.25 2.21 -5.12
CA PHE A 21 -1.60 0.84 -5.00
C PHE A 21 -2.51 0.41 -6.14
N ARG A 22 -2.28 -0.80 -6.65
CA ARG A 22 -3.15 -1.38 -7.66
C ARG A 22 -3.86 -2.58 -7.14
N LEU A 23 -5.15 -2.60 -7.30
CA LEU A 23 -5.98 -3.68 -6.86
C LEU A 23 -5.92 -4.86 -7.83
N THR A 24 -6.56 -5.96 -7.44
CA THR A 24 -6.62 -7.16 -8.26
C THR A 24 -7.42 -6.89 -9.55
N ASP A 25 -8.26 -5.88 -9.48
CA ASP A 25 -9.09 -5.45 -10.60
C ASP A 25 -8.29 -4.58 -11.58
N GLY A 26 -7.08 -4.22 -11.20
CA GLY A 26 -6.23 -3.41 -12.06
C GLY A 26 -6.46 -1.93 -11.85
N SER A 27 -7.30 -1.62 -10.90
CA SER A 27 -7.60 -0.27 -10.55
C SER A 27 -6.52 0.25 -9.61
N ASP A 28 -6.22 1.51 -9.67
CA ASP A 28 -5.21 2.06 -8.83
C ASP A 28 -5.75 3.13 -7.93
N ILE A 29 -5.05 3.36 -6.86
CA ILE A 29 -5.39 4.37 -5.88
C ILE A 29 -4.42 5.52 -6.07
N GLY A 30 -4.92 6.76 -5.95
CA GLY A 30 -4.07 7.93 -6.11
C GLY A 30 -2.83 7.87 -5.24
N PRO A 31 -1.64 8.14 -5.82
CA PRO A 31 -0.36 8.05 -5.10
C PRO A 31 -0.25 9.03 -3.94
N LYS A 32 0.42 8.60 -2.92
CA LYS A 32 0.58 9.36 -1.71
C LYS A 32 2.08 9.33 -1.38
N ALA A 33 2.55 10.26 -0.60
CA ALA A 33 3.97 10.31 -0.27
C ALA A 33 4.27 9.51 0.99
N PHE A 34 5.17 8.56 0.87
CA PHE A 34 5.56 7.72 1.98
C PHE A 34 7.07 7.77 2.11
N PRO A 35 7.61 7.56 3.28
CA PRO A 35 9.04 7.35 3.40
C PRO A 35 9.36 5.97 2.84
N ASP A 36 10.49 5.84 2.18
CA ASP A 36 10.84 4.53 1.63
C ASP A 36 11.19 3.60 2.78
N ALA A 37 11.71 4.19 3.83
CA ALA A 37 12.12 3.45 5.02
C ALA A 37 10.92 3.19 5.97
N THR A 38 9.71 3.41 5.48
CA THR A 38 8.53 3.17 6.30
C THR A 38 8.28 1.66 6.41
N THR A 39 7.78 1.24 7.54
CA THR A 39 7.47 -0.14 7.74
C THR A 39 6.28 -0.55 6.88
N VAL A 40 6.22 -1.83 6.54
CA VAL A 40 5.08 -2.37 5.81
C VAL A 40 3.83 -2.22 6.68
N SER A 41 4.04 -2.29 7.98
CA SER A 41 2.97 -2.10 8.92
C SER A 41 2.38 -0.68 8.78
N ALA A 42 3.24 0.34 8.77
CA ALA A 42 2.81 1.74 8.62
C ALA A 42 2.24 1.98 7.22
N LEU A 43 2.76 1.24 6.25
CA LEU A 43 2.32 1.27 4.90
C LEU A 43 0.86 0.82 4.85
N LYS A 44 0.59 -0.26 5.54
CA LYS A 44 -0.73 -0.81 5.60
C LYS A 44 -1.65 0.03 6.44
N GLU A 45 -1.14 0.58 7.53
CA GLU A 45 -1.90 1.51 8.36
C GLU A 45 -2.39 2.68 7.51
N THR A 46 -1.53 3.14 6.64
CA THR A 46 -1.86 4.23 5.76
C THR A 46 -2.90 3.81 4.71
N VAL A 47 -2.71 2.64 4.07
CA VAL A 47 -3.65 2.18 3.03
C VAL A 47 -5.03 2.00 3.62
N ILE A 48 -5.07 1.44 4.82
CA ILE A 48 -6.34 1.19 5.57
C ILE A 48 -7.07 2.51 5.88
N SER A 49 -6.32 3.57 6.10
CA SER A 49 -6.91 4.86 6.38
C SER A 49 -7.46 5.50 5.08
N GLU A 50 -6.76 5.29 3.97
CA GLU A 50 -7.16 5.82 2.71
C GLU A 50 -8.30 4.97 2.10
N TRP A 51 -8.34 3.73 2.51
CA TRP A 51 -9.31 2.75 2.05
C TRP A 51 -10.61 2.90 2.87
N PRO A 52 -11.77 2.93 2.22
CA PRO A 52 -13.06 3.05 2.90
C PRO A 52 -13.33 1.88 3.84
N ARG A 53 -13.70 2.17 5.06
CA ARG A 53 -14.05 1.15 6.04
C ARG A 53 -15.40 0.53 5.70
N GLU A 54 -16.19 1.27 4.97
CA GLU A 54 -17.50 0.83 4.52
C GLU A 54 -17.37 -0.01 3.22
N LYS A 55 -16.12 -0.19 2.75
CA LYS A 55 -15.87 -0.91 1.50
C LYS A 55 -16.35 -2.36 1.57
N GLU A 56 -17.46 -2.61 0.93
CA GLU A 56 -18.00 -3.91 0.82
C GLU A 56 -17.26 -4.66 -0.25
N ASN A 57 -17.19 -5.96 -0.08
CA ASN A 57 -16.42 -6.86 -0.98
C ASN A 57 -14.94 -6.53 -0.96
N GLY A 58 -14.53 -5.79 0.05
CA GLY A 58 -13.18 -5.39 0.17
C GLY A 58 -12.69 -5.52 1.59
N PRO A 59 -11.39 -5.33 1.82
CA PRO A 59 -10.77 -5.42 3.14
C PRO A 59 -11.16 -4.28 4.06
N LYS A 60 -10.87 -4.45 5.33
CA LYS A 60 -11.05 -3.41 6.33
C LYS A 60 -9.79 -3.22 7.17
N THR A 61 -9.07 -4.31 7.44
CA THR A 61 -7.87 -4.25 8.25
C THR A 61 -6.65 -4.97 7.63
N VAL A 62 -5.53 -4.83 8.32
CA VAL A 62 -4.18 -5.26 7.91
C VAL A 62 -4.09 -6.76 7.49
N LYS A 63 -4.85 -7.61 8.12
CA LYS A 63 -4.76 -9.02 7.78
C LYS A 63 -5.47 -9.33 6.47
N GLU A 64 -6.53 -8.60 6.19
CA GLU A 64 -7.30 -8.85 4.98
C GLU A 64 -6.86 -8.02 3.76
N VAL A 65 -6.01 -7.05 3.97
CA VAL A 65 -5.45 -6.30 2.86
C VAL A 65 -4.00 -6.78 2.63
N LYS A 66 -3.73 -7.36 1.49
CA LYS A 66 -2.42 -7.88 1.22
C LYS A 66 -1.66 -7.04 0.23
N LEU A 67 -0.46 -6.68 0.60
CA LEU A 67 0.43 -5.93 -0.27
C LEU A 67 1.46 -6.87 -0.85
N ILE A 68 1.52 -6.92 -2.15
CA ILE A 68 2.43 -7.80 -2.84
C ILE A 68 3.39 -7.03 -3.73
N SER A 69 4.65 -7.40 -3.67
CA SER A 69 5.68 -6.85 -4.48
C SER A 69 6.55 -8.00 -4.97
N ALA A 70 6.81 -8.04 -6.28
CA ALA A 70 7.63 -9.08 -6.93
C ALA A 70 7.02 -10.48 -6.82
N GLY A 71 5.76 -10.53 -6.47
CA GLY A 71 5.07 -11.80 -6.30
C GLY A 71 5.19 -12.35 -4.89
N LYS A 72 5.41 -11.48 -3.94
CA LYS A 72 5.53 -11.87 -2.56
C LYS A 72 4.71 -10.94 -1.66
N VAL A 73 3.98 -11.53 -0.73
CA VAL A 73 3.20 -10.77 0.26
C VAL A 73 4.17 -10.18 1.28
N LEU A 74 4.14 -8.88 1.40
CA LEU A 74 5.01 -8.15 2.30
C LEU A 74 4.69 -8.49 3.76
N GLU A 75 5.73 -8.65 4.54
CA GLU A 75 5.62 -8.95 5.95
C GLU A 75 5.70 -7.62 6.70
N ASN A 76 4.69 -7.37 7.54
CA ASN A 76 4.48 -6.07 8.25
C ASN A 76 5.71 -5.55 9.02
N SER A 77 6.60 -6.43 9.43
CA SER A 77 7.74 -6.02 10.24
C SER A 77 8.86 -5.44 9.39
N LYS A 78 8.82 -5.70 8.11
CA LYS A 78 9.80 -5.19 7.19
C LYS A 78 9.50 -3.76 6.85
N THR A 79 10.45 -3.14 6.27
CA THR A 79 10.32 -1.84 5.79
C THR A 79 10.37 -1.90 4.30
N VAL A 80 9.77 -0.94 3.63
CA VAL A 80 9.76 -0.92 2.19
C VAL A 80 11.21 -0.88 1.67
N LYS A 81 11.99 0.00 2.25
CA LYS A 81 13.40 0.19 1.90
C LYS A 81 14.24 -1.09 2.09
N ASP A 82 13.89 -1.92 3.08
CA ASP A 82 14.66 -3.16 3.29
C ASP A 82 14.33 -4.13 2.19
N TYR A 83 13.08 -4.12 1.80
CA TYR A 83 12.58 -5.05 0.84
C TYR A 83 13.09 -4.70 -0.56
N ARG A 84 13.09 -3.42 -0.89
CA ARG A 84 13.51 -2.95 -2.16
C ARG A 84 15.00 -3.03 -2.28
N SER A 85 15.47 -3.70 -3.27
CA SER A 85 16.87 -3.75 -3.52
C SER A 85 17.34 -2.37 -4.03
N PRO A 86 18.36 -1.77 -3.40
CA PRO A 86 18.86 -0.46 -3.81
C PRO A 86 19.40 -0.50 -5.22
N VAL A 87 18.70 0.10 -6.12
CA VAL A 87 19.06 0.04 -7.51
C VAL A 87 19.43 1.39 -8.07
N SER A 88 18.65 2.37 -7.74
CA SER A 88 18.84 3.73 -8.21
C SER A 88 18.14 4.71 -7.30
N ASN A 89 18.88 5.69 -6.82
CA ASN A 89 18.30 6.73 -6.00
C ASN A 89 17.72 7.81 -6.91
N LEU A 90 16.45 7.71 -7.15
CA LEU A 90 15.75 8.57 -7.98
C LEU A 90 15.15 9.72 -7.18
N ALA A 91 14.51 10.63 -7.88
CA ALA A 91 13.91 11.76 -7.32
C ALA A 91 12.65 12.03 -8.10
N GLY A 92 11.55 11.97 -7.42
CA GLY A 92 10.28 12.17 -8.06
C GLY A 92 9.82 10.90 -8.74
N ALA A 93 9.93 9.81 -8.03
CA ALA A 93 9.57 8.52 -8.56
C ALA A 93 8.35 7.99 -7.85
N VAL A 94 7.55 7.23 -8.56
CA VAL A 94 6.37 6.63 -8.00
C VAL A 94 6.55 5.12 -7.94
N THR A 95 6.18 4.55 -6.86
CA THR A 95 6.26 3.14 -6.68
C THR A 95 4.85 2.57 -6.65
N THR A 96 4.63 1.48 -7.32
CA THR A 96 3.33 0.88 -7.37
C THR A 96 3.37 -0.52 -6.77
N MET A 97 2.50 -0.78 -5.81
CA MET A 97 2.41 -2.09 -5.18
C MET A 97 1.04 -2.70 -5.38
N HIS A 98 1.02 -4.01 -5.57
CA HIS A 98 -0.21 -4.71 -5.90
C HIS A 98 -0.95 -5.11 -4.62
N VAL A 99 -2.22 -4.81 -4.59
CA VAL A 99 -3.07 -5.10 -3.46
C VAL A 99 -3.99 -6.25 -3.78
N ILE A 100 -3.96 -7.20 -2.92
CA ILE A 100 -4.76 -8.36 -3.00
C ILE A 100 -5.81 -8.27 -1.93
N ILE A 101 -7.03 -8.45 -2.33
CA ILE A 101 -8.14 -8.32 -1.48
C ILE A 101 -8.56 -9.67 -0.92
N GLN A 102 -8.50 -9.78 0.37
CA GLN A 102 -9.02 -10.90 1.05
C GLN A 102 -10.30 -10.44 1.67
N ALA A 103 -11.39 -10.94 1.17
CA ALA A 103 -12.69 -10.53 1.64
C ALA A 103 -13.02 -11.13 3.00
N PRO A 104 -13.19 -10.27 4.01
CA PRO A 104 -13.55 -10.70 5.36
C PRO A 104 -15.04 -11.02 5.43
N VAL A 105 -15.48 -11.51 6.57
CA VAL A 105 -16.87 -11.87 6.73
C VAL A 105 -17.76 -10.63 6.95
N THR A 106 -18.02 -9.97 5.86
CA THR A 106 -18.86 -8.85 5.76
C THR A 106 -19.59 -9.00 4.44
N GLU A 107 -20.90 -8.98 4.47
CA GLU A 107 -21.68 -9.22 3.28
C GLU A 107 -22.99 -8.47 3.34
N LYS A 108 -23.74 -8.52 2.26
CA LYS A 108 -25.04 -7.94 2.23
C LYS A 108 -26.07 -8.92 2.78
N GLU A 109 -26.26 -8.86 4.07
CA GLU A 109 -27.18 -9.74 4.72
C GLU A 109 -28.52 -9.06 5.03
N LYS A 110 -28.66 -8.51 6.21
CA LYS A 110 -29.87 -7.83 6.64
C LYS A 110 -29.61 -7.10 7.94
N GLU A 10 -0.63 17.73 -0.12
CA GLU A 10 -0.75 17.64 1.34
C GLU A 10 0.20 16.56 1.85
N ALA A 11 1.31 17.00 2.48
CA ALA A 11 2.35 16.09 3.04
C ALA A 11 2.89 15.20 1.92
N GLU A 12 3.06 15.81 0.80
CA GLU A 12 3.46 15.16 -0.39
C GLU A 12 4.63 15.92 -1.02
N VAL A 13 5.81 15.37 -0.88
CA VAL A 13 6.98 15.96 -1.47
C VAL A 13 7.61 14.94 -2.40
N HIS A 14 8.09 15.38 -3.54
CA HIS A 14 8.59 14.49 -4.60
C HIS A 14 10.06 14.14 -4.33
N ASN A 15 10.52 14.49 -3.16
CA ASN A 15 11.86 14.16 -2.71
C ASN A 15 11.80 12.75 -2.12
N GLN A 16 10.60 12.37 -1.69
CA GLN A 16 10.36 11.04 -1.19
C GLN A 16 9.94 10.15 -2.34
N LEU A 17 9.64 8.91 -2.05
CA LEU A 17 9.25 7.99 -3.09
C LEU A 17 7.74 7.95 -3.17
N GLU A 18 7.19 8.27 -4.29
CA GLU A 18 5.76 8.26 -4.41
C GLU A 18 5.28 6.91 -4.90
N ILE A 19 4.29 6.41 -4.25
CA ILE A 19 3.75 5.11 -4.57
C ILE A 19 2.25 5.23 -4.76
N LYS A 20 1.72 4.52 -5.73
CA LYS A 20 0.29 4.46 -5.88
C LYS A 20 -0.18 3.04 -5.69
N PHE A 21 -1.39 2.90 -5.25
CA PHE A 21 -1.94 1.60 -4.97
C PHE A 21 -2.88 1.21 -6.09
N ARG A 22 -2.56 0.14 -6.78
CA ARG A 22 -3.39 -0.30 -7.88
C ARG A 22 -3.99 -1.65 -7.60
N LEU A 23 -5.29 -1.69 -7.50
CA LEU A 23 -6.04 -2.90 -7.25
C LEU A 23 -6.15 -3.71 -8.53
N THR A 24 -6.28 -5.00 -8.38
CA THR A 24 -6.40 -5.92 -9.49
C THR A 24 -7.70 -5.72 -10.30
N ASP A 25 -8.65 -5.01 -9.71
CA ASP A 25 -9.92 -4.70 -10.38
C ASP A 25 -9.78 -3.53 -11.35
N GLY A 26 -8.60 -2.95 -11.41
CA GLY A 26 -8.36 -1.83 -12.32
C GLY A 26 -8.59 -0.49 -11.66
N SER A 27 -8.73 -0.52 -10.38
CA SER A 27 -8.92 0.68 -9.62
C SER A 27 -7.61 1.05 -8.97
N ASP A 28 -7.14 2.24 -9.19
CA ASP A 28 -5.94 2.67 -8.55
C ASP A 28 -6.20 3.89 -7.73
N ILE A 29 -5.37 4.09 -6.75
CA ILE A 29 -5.45 5.22 -5.87
C ILE A 29 -4.31 6.15 -6.23
N GLY A 30 -4.58 7.46 -6.20
CA GLY A 30 -3.58 8.46 -6.51
C GLY A 30 -2.32 8.28 -5.69
N PRO A 31 -1.14 8.55 -6.28
CA PRO A 31 0.13 8.31 -5.62
C PRO A 31 0.34 9.23 -4.42
N LYS A 32 1.00 8.69 -3.43
CA LYS A 32 1.27 9.38 -2.20
C LYS A 32 2.73 9.38 -2.05
N ALA A 33 3.19 10.15 -1.20
CA ALA A 33 4.62 10.26 -1.00
C ALA A 33 5.02 9.47 0.22
N PHE A 34 5.92 8.53 0.05
CA PHE A 34 6.37 7.71 1.14
C PHE A 34 7.86 7.83 1.28
N PRO A 35 8.32 8.33 2.42
CA PRO A 35 9.73 8.30 2.76
C PRO A 35 10.24 6.87 2.80
N ASP A 36 11.50 6.68 2.46
CA ASP A 36 12.14 5.37 2.49
C ASP A 36 12.03 4.73 3.87
N ALA A 37 12.03 5.57 4.90
CA ALA A 37 11.96 5.11 6.27
C ALA A 37 10.54 4.76 6.71
N THR A 38 9.59 4.90 5.81
CA THR A 38 8.22 4.54 6.10
C THR A 38 8.08 3.01 5.97
N THR A 39 7.39 2.41 6.89
CA THR A 39 7.26 0.99 6.90
C THR A 39 6.15 0.51 5.97
N VAL A 40 6.17 -0.77 5.66
CA VAL A 40 5.15 -1.40 4.85
C VAL A 40 3.83 -1.42 5.65
N SER A 41 3.95 -1.40 6.97
CA SER A 41 2.82 -1.30 7.85
C SER A 41 2.17 0.05 7.64
N ALA A 42 2.99 1.11 7.63
CA ALA A 42 2.50 2.46 7.41
C ALA A 42 2.02 2.63 5.96
N LEU A 43 2.58 1.83 5.07
CA LEU A 43 2.19 1.78 3.71
C LEU A 43 0.74 1.27 3.65
N LYS A 44 0.48 0.17 4.37
CA LYS A 44 -0.87 -0.37 4.56
C LYS A 44 -1.77 0.67 5.21
N GLU A 45 -1.27 1.31 6.28
CA GLU A 45 -2.00 2.35 7.00
C GLU A 45 -2.40 3.48 6.07
N THR A 46 -1.54 3.81 5.12
CA THR A 46 -1.84 4.83 4.16
C THR A 46 -3.04 4.42 3.31
N VAL A 47 -3.09 3.15 2.93
CA VAL A 47 -4.22 2.60 2.19
C VAL A 47 -5.47 2.74 3.05
N ILE A 48 -5.35 2.32 4.31
CA ILE A 48 -6.44 2.37 5.30
C ILE A 48 -6.94 3.82 5.49
N SER A 49 -6.02 4.75 5.36
CA SER A 49 -6.32 6.15 5.53
C SER A 49 -7.08 6.73 4.33
N GLU A 50 -6.76 6.26 3.14
CA GLU A 50 -7.37 6.75 1.94
C GLU A 50 -8.67 5.98 1.62
N TRP A 51 -8.72 4.75 2.07
CA TRP A 51 -9.84 3.86 1.82
C TRP A 51 -11.00 4.24 2.75
N PRO A 52 -12.25 4.25 2.25
CA PRO A 52 -13.42 4.56 3.05
C PRO A 52 -13.62 3.55 4.19
N ARG A 53 -13.59 4.06 5.40
CA ARG A 53 -13.80 3.25 6.60
C ARG A 53 -15.28 2.88 6.71
N GLU A 54 -16.12 3.68 6.07
CA GLU A 54 -17.55 3.50 6.06
C GLU A 54 -17.97 2.50 4.94
N LYS A 55 -16.99 1.95 4.26
CA LYS A 55 -17.28 0.99 3.19
C LYS A 55 -17.75 -0.35 3.79
N GLU A 56 -18.41 -1.16 2.98
CA GLU A 56 -18.86 -2.51 3.34
C GLU A 56 -17.64 -3.40 3.70
N ASN A 57 -17.90 -4.64 4.11
CA ASN A 57 -16.92 -5.64 4.49
C ASN A 57 -15.98 -6.05 3.37
N GLY A 58 -15.19 -5.13 3.04
CA GLY A 58 -14.08 -5.30 2.17
C GLY A 58 -12.85 -4.96 2.94
N PRO A 59 -11.90 -4.28 2.35
CA PRO A 59 -10.78 -3.76 3.10
C PRO A 59 -11.26 -2.64 3.99
N LYS A 60 -10.62 -2.48 5.10
CA LYS A 60 -10.95 -1.45 6.05
C LYS A 60 -9.83 -1.39 7.06
N THR A 61 -9.31 -2.53 7.36
CA THR A 61 -8.21 -2.66 8.23
C THR A 61 -7.00 -3.41 7.58
N VAL A 62 -5.91 -3.46 8.31
CA VAL A 62 -4.57 -3.83 7.83
C VAL A 62 -4.41 -5.30 7.36
N LYS A 63 -5.12 -6.22 8.00
CA LYS A 63 -4.94 -7.64 7.70
C LYS A 63 -5.54 -8.02 6.37
N GLU A 64 -6.68 -7.44 6.07
CA GLU A 64 -7.43 -7.84 4.87
C GLU A 64 -6.94 -7.20 3.58
N VAL A 65 -6.05 -6.24 3.70
CA VAL A 65 -5.54 -5.59 2.53
C VAL A 65 -4.13 -6.09 2.21
N LYS A 66 -3.98 -6.73 1.07
CA LYS A 66 -2.70 -7.26 0.67
C LYS A 66 -1.98 -6.29 -0.20
N LEU A 67 -0.72 -6.08 0.09
CA LEU A 67 0.09 -5.22 -0.69
C LEU A 67 1.09 -6.14 -1.36
N ILE A 68 1.13 -6.12 -2.66
CA ILE A 68 1.89 -7.07 -3.42
C ILE A 68 2.78 -6.42 -4.48
N SER A 69 4.01 -6.85 -4.48
CA SER A 69 4.99 -6.43 -5.40
C SER A 69 5.82 -7.67 -5.75
N ALA A 70 6.04 -7.89 -7.06
CA ALA A 70 6.73 -9.08 -7.61
C ALA A 70 5.87 -10.33 -7.41
N GLY A 71 4.59 -10.10 -7.20
CA GLY A 71 3.65 -11.18 -6.96
C GLY A 71 3.76 -11.70 -5.54
N LYS A 72 4.47 -10.97 -4.71
CA LYS A 72 4.73 -11.36 -3.39
C LYS A 72 4.11 -10.39 -2.44
N VAL A 73 3.58 -10.91 -1.37
CA VAL A 73 3.04 -10.10 -0.32
C VAL A 73 4.21 -9.63 0.52
N LEU A 74 4.26 -8.36 0.83
CA LEU A 74 5.33 -7.86 1.61
C LEU A 74 4.97 -7.68 3.06
N GLU A 75 5.91 -8.08 3.90
CA GLU A 75 5.78 -8.02 5.32
C GLU A 75 5.70 -6.58 5.81
N ASN A 76 4.67 -6.31 6.59
CA ASN A 76 4.38 -4.97 7.11
C ASN A 76 5.46 -4.45 8.05
N SER A 77 6.22 -5.34 8.63
CA SER A 77 7.25 -4.97 9.56
C SER A 77 8.53 -4.49 8.86
N LYS A 78 8.56 -4.60 7.54
CA LYS A 78 9.68 -4.16 6.78
C LYS A 78 9.51 -2.70 6.37
N THR A 79 10.57 -2.09 5.91
CA THR A 79 10.54 -0.70 5.53
C THR A 79 10.60 -0.60 4.00
N VAL A 80 10.20 0.56 3.44
CA VAL A 80 10.27 0.76 1.98
C VAL A 80 11.73 0.73 1.54
N LYS A 81 12.56 1.32 2.36
CA LYS A 81 14.00 1.37 2.21
C LYS A 81 14.59 -0.04 2.10
N ASP A 82 14.24 -0.88 3.06
CA ASP A 82 14.73 -2.24 3.13
C ASP A 82 14.18 -3.10 2.02
N TYR A 83 13.07 -2.68 1.44
CA TYR A 83 12.42 -3.46 0.39
C TYR A 83 13.07 -3.15 -0.97
N ARG A 84 13.93 -2.16 -1.01
CA ARG A 84 14.66 -1.82 -2.17
C ARG A 84 15.91 -2.69 -2.28
N SER A 85 16.70 -2.44 -3.28
CA SER A 85 17.92 -3.17 -3.50
C SER A 85 19.03 -2.62 -2.57
N PRO A 86 20.11 -3.42 -2.28
CA PRO A 86 21.23 -3.05 -1.38
C PRO A 86 21.67 -1.59 -1.52
N VAL A 87 21.90 -0.94 -0.36
CA VAL A 87 22.25 0.51 -0.13
C VAL A 87 21.03 1.40 -0.32
N SER A 88 19.95 0.76 -0.72
CA SER A 88 18.64 1.36 -0.95
C SER A 88 18.63 2.27 -2.16
N ASN A 89 18.08 1.76 -3.23
CA ASN A 89 17.92 2.53 -4.44
C ASN A 89 16.61 3.28 -4.42
N LEU A 90 16.65 4.50 -3.98
CA LEU A 90 15.53 5.30 -3.88
C LEU A 90 15.22 5.92 -5.23
N ALA A 91 14.08 6.53 -5.34
CA ALA A 91 13.62 7.09 -6.55
C ALA A 91 12.46 7.98 -6.27
N GLY A 92 12.51 9.15 -6.84
CA GLY A 92 11.41 10.08 -6.74
C GLY A 92 10.32 9.70 -7.70
N ALA A 93 10.64 8.77 -8.58
CA ALA A 93 9.71 8.23 -9.55
C ALA A 93 8.60 7.47 -8.84
N VAL A 94 7.48 7.39 -9.48
CA VAL A 94 6.33 6.78 -8.87
C VAL A 94 6.37 5.28 -9.05
N THR A 95 6.13 4.58 -7.98
CA THR A 95 6.12 3.15 -7.96
C THR A 95 4.66 2.67 -7.83
N THR A 96 4.28 1.67 -8.58
CA THR A 96 2.94 1.15 -8.50
C THR A 96 2.93 -0.21 -7.81
N MET A 97 2.23 -0.31 -6.72
CA MET A 97 2.13 -1.55 -5.99
C MET A 97 0.74 -2.12 -6.11
N HIS A 98 0.64 -3.42 -6.21
CA HIS A 98 -0.64 -4.08 -6.41
C HIS A 98 -1.33 -4.30 -5.10
N VAL A 99 -2.58 -3.98 -5.07
CA VAL A 99 -3.41 -4.20 -3.91
C VAL A 99 -4.44 -5.22 -4.22
N ILE A 100 -4.40 -6.26 -3.45
CA ILE A 100 -5.32 -7.30 -3.57
C ILE A 100 -6.30 -7.26 -2.42
N ILE A 101 -7.54 -7.32 -2.79
CA ILE A 101 -8.63 -7.22 -1.88
C ILE A 101 -8.95 -8.60 -1.36
N GLN A 102 -8.56 -8.89 -0.14
CA GLN A 102 -8.90 -10.16 0.37
C GLN A 102 -10.12 -10.01 1.23
N ALA A 103 -11.18 -10.54 0.74
CA ALA A 103 -12.42 -10.51 1.44
C ALA A 103 -12.50 -11.76 2.29
N PRO A 104 -13.02 -11.68 3.52
CA PRO A 104 -13.15 -12.84 4.39
C PRO A 104 -13.99 -13.91 3.70
N VAL A 105 -13.59 -15.16 3.88
CA VAL A 105 -14.24 -16.29 3.23
C VAL A 105 -15.71 -16.44 3.68
N THR A 106 -15.99 -16.01 4.88
CA THR A 106 -17.32 -16.03 5.40
C THR A 106 -17.56 -14.79 6.25
N GLU A 107 -18.22 -13.84 5.66
CA GLU A 107 -18.53 -12.60 6.31
C GLU A 107 -19.77 -12.03 5.65
N LYS A 108 -20.47 -11.17 6.36
CA LYS A 108 -21.66 -10.58 5.87
C LYS A 108 -21.40 -9.39 4.97
N GLU A 109 -22.35 -9.10 4.10
CA GLU A 109 -22.36 -7.89 3.32
C GLU A 109 -23.31 -6.91 3.98
N LYS A 110 -23.23 -5.64 3.60
CA LYS A 110 -24.03 -4.53 4.18
C LYS A 110 -24.11 -4.56 5.72
N GLU A 10 2.43 23.64 7.36
CA GLU A 10 3.46 23.90 6.35
C GLU A 10 4.19 22.61 6.02
N ALA A 11 5.11 22.66 5.07
CA ALA A 11 5.82 21.49 4.66
C ALA A 11 7.24 21.83 4.24
N GLU A 12 8.01 20.80 3.98
CA GLU A 12 9.35 20.91 3.50
C GLU A 12 9.60 19.58 2.80
N VAL A 13 9.64 19.60 1.49
CA VAL A 13 9.69 18.38 0.72
C VAL A 13 11.04 17.70 0.69
N HIS A 14 11.02 16.46 1.03
CA HIS A 14 12.17 15.59 0.98
C HIS A 14 11.90 14.58 -0.09
N ASN A 15 12.91 13.91 -0.57
CA ASN A 15 12.71 12.93 -1.63
C ASN A 15 12.09 11.65 -1.06
N GLN A 16 10.77 11.62 -1.06
CA GLN A 16 10.03 10.49 -0.61
C GLN A 16 9.76 9.60 -1.79
N LEU A 17 9.45 8.38 -1.54
CA LEU A 17 9.17 7.45 -2.61
C LEU A 17 7.68 7.35 -2.78
N GLU A 18 7.22 7.57 -3.96
CA GLU A 18 5.81 7.56 -4.19
C GLU A 18 5.34 6.20 -4.60
N ILE A 19 4.36 5.74 -3.90
CA ILE A 19 3.79 4.44 -4.10
C ILE A 19 2.30 4.58 -4.37
N LYS A 20 1.79 3.78 -5.27
CA LYS A 20 0.37 3.73 -5.48
C LYS A 20 -0.09 2.30 -5.37
N PHE A 21 -1.33 2.13 -5.01
CA PHE A 21 -1.88 0.83 -4.77
C PHE A 21 -2.70 0.41 -5.97
N ARG A 22 -2.36 -0.69 -6.58
CA ARG A 22 -3.11 -1.17 -7.72
C ARG A 22 -3.66 -2.55 -7.44
N LEU A 23 -4.98 -2.65 -7.51
CA LEU A 23 -5.69 -3.89 -7.28
C LEU A 23 -5.31 -4.93 -8.32
N THR A 24 -5.64 -6.17 -8.06
CA THR A 24 -5.31 -7.26 -8.97
C THR A 24 -6.20 -7.18 -10.20
N ASP A 25 -7.23 -6.38 -10.08
CA ASP A 25 -8.18 -6.12 -11.16
C ASP A 25 -7.58 -5.09 -12.11
N GLY A 26 -6.47 -4.50 -11.72
CA GLY A 26 -5.80 -3.52 -12.52
C GLY A 26 -6.23 -2.10 -12.20
N SER A 27 -7.08 -1.95 -11.22
CA SER A 27 -7.58 -0.64 -10.81
C SER A 27 -6.64 -0.05 -9.77
N ASP A 28 -6.19 1.17 -9.97
CA ASP A 28 -5.24 1.76 -9.06
C ASP A 28 -5.75 3.01 -8.39
N ILE A 29 -5.14 3.30 -7.26
CA ILE A 29 -5.40 4.47 -6.46
C ILE A 29 -4.20 5.41 -6.64
N GLY A 30 -4.46 6.72 -6.72
CA GLY A 30 -3.39 7.71 -6.93
C GLY A 30 -2.20 7.57 -5.98
N PRO A 31 -0.97 7.81 -6.47
CA PRO A 31 0.27 7.65 -5.69
C PRO A 31 0.45 8.68 -4.59
N LYS A 32 1.06 8.24 -3.52
CA LYS A 32 1.36 9.09 -2.36
C LYS A 32 2.81 9.03 -2.13
N ALA A 33 3.32 9.93 -1.38
CA ALA A 33 4.73 9.96 -1.09
C ALA A 33 4.99 9.31 0.25
N PHE A 34 5.80 8.27 0.24
CA PHE A 34 6.13 7.55 1.44
C PHE A 34 7.63 7.62 1.67
N PRO A 35 8.05 8.07 2.83
CA PRO A 35 9.45 8.05 3.21
C PRO A 35 9.96 6.61 3.31
N ASP A 36 11.24 6.41 3.03
CA ASP A 36 11.86 5.07 3.15
C ASP A 36 11.71 4.56 4.58
N ALA A 37 11.68 5.50 5.52
CA ALA A 37 11.60 5.20 6.93
C ALA A 37 10.16 4.87 7.38
N THR A 38 9.23 4.88 6.46
CA THR A 38 7.87 4.50 6.77
C THR A 38 7.72 2.96 6.69
N THR A 39 6.99 2.41 7.62
CA THR A 39 6.82 0.97 7.67
C THR A 39 5.71 0.49 6.76
N VAL A 40 5.70 -0.81 6.47
CA VAL A 40 4.64 -1.41 5.70
C VAL A 40 3.34 -1.37 6.50
N SER A 41 3.49 -1.35 7.81
CA SER A 41 2.38 -1.23 8.71
C SER A 41 1.64 0.09 8.43
N ALA A 42 2.39 1.20 8.36
CA ALA A 42 1.82 2.51 8.09
C ALA A 42 1.36 2.62 6.63
N LEU A 43 2.01 1.85 5.78
CA LEU A 43 1.68 1.78 4.40
C LEU A 43 0.27 1.18 4.26
N LYS A 44 0.00 0.11 4.98
CA LYS A 44 -1.32 -0.49 5.00
C LYS A 44 -2.33 0.42 5.68
N GLU A 45 -1.92 1.10 6.74
CA GLU A 45 -2.80 2.05 7.43
C GLU A 45 -3.29 3.11 6.45
N THR A 46 -2.45 3.45 5.51
CA THR A 46 -2.78 4.40 4.49
C THR A 46 -3.79 3.81 3.48
N VAL A 47 -3.54 2.58 3.01
CA VAL A 47 -4.42 1.95 1.99
C VAL A 47 -5.83 1.75 2.53
N ILE A 48 -5.91 1.34 3.78
CA ILE A 48 -7.19 1.09 4.47
C ILE A 48 -7.96 2.42 4.60
N SER A 49 -7.24 3.50 4.79
CA SER A 49 -7.83 4.82 4.90
C SER A 49 -8.27 5.35 3.51
N GLU A 50 -7.50 5.00 2.48
CA GLU A 50 -7.79 5.40 1.14
C GLU A 50 -8.97 4.66 0.57
N TRP A 51 -9.22 3.50 1.09
CA TRP A 51 -10.33 2.73 0.66
C TRP A 51 -11.52 3.14 1.51
N PRO A 52 -12.56 3.70 0.91
CA PRO A 52 -13.73 4.12 1.64
C PRO A 52 -14.41 2.96 2.33
N ARG A 53 -14.56 3.07 3.63
CA ARG A 53 -15.30 2.07 4.39
C ARG A 53 -16.77 2.14 4.01
N GLU A 54 -17.14 3.30 3.46
CA GLU A 54 -18.46 3.60 2.94
C GLU A 54 -18.73 2.77 1.66
N LYS A 55 -17.69 2.14 1.12
CA LYS A 55 -17.80 1.30 -0.08
C LYS A 55 -18.42 -0.05 0.36
N GLU A 56 -18.51 -1.02 -0.53
CA GLU A 56 -18.99 -2.32 -0.15
C GLU A 56 -18.11 -2.92 0.94
N ASN A 57 -18.64 -3.88 1.67
CA ASN A 57 -17.94 -4.56 2.77
C ASN A 57 -16.79 -5.46 2.31
N GLY A 58 -16.06 -5.01 1.31
CA GLY A 58 -14.91 -5.72 0.84
C GLY A 58 -13.73 -5.40 1.72
N PRO A 59 -12.72 -4.74 1.19
CA PRO A 59 -11.58 -4.25 1.98
C PRO A 59 -12.05 -3.23 3.02
N LYS A 60 -11.74 -3.51 4.25
CA LYS A 60 -12.09 -2.64 5.35
C LYS A 60 -11.07 -2.71 6.48
N THR A 61 -10.29 -3.77 6.51
CA THR A 61 -9.24 -3.92 7.49
C THR A 61 -7.91 -4.36 6.84
N VAL A 62 -6.85 -4.36 7.66
CA VAL A 62 -5.49 -4.75 7.26
C VAL A 62 -5.41 -6.24 6.92
N LYS A 63 -6.27 -7.01 7.54
CA LYS A 63 -6.37 -8.46 7.37
C LYS A 63 -6.64 -8.83 5.91
N GLU A 64 -7.38 -7.99 5.26
CA GLU A 64 -7.92 -8.27 3.95
C GLU A 64 -7.01 -7.79 2.82
N VAL A 65 -6.26 -6.76 3.06
CA VAL A 65 -5.44 -6.15 2.03
C VAL A 65 -4.00 -6.69 2.06
N LYS A 66 -3.59 -7.35 0.99
CA LYS A 66 -2.21 -7.80 0.86
C LYS A 66 -1.43 -6.75 0.11
N LEU A 67 -0.23 -6.49 0.55
CA LEU A 67 0.60 -5.53 -0.09
C LEU A 67 1.70 -6.36 -0.75
N ILE A 68 1.80 -6.26 -2.06
CA ILE A 68 2.68 -7.12 -2.82
C ILE A 68 3.51 -6.33 -3.84
N SER A 69 4.78 -6.65 -3.90
CA SER A 69 5.67 -6.07 -4.85
C SER A 69 6.24 -7.18 -5.74
N ALA A 70 5.82 -7.18 -7.01
CA ALA A 70 6.30 -8.14 -8.02
C ALA A 70 6.03 -9.62 -7.67
N GLY A 71 5.10 -9.85 -6.78
CA GLY A 71 4.77 -11.21 -6.39
C GLY A 71 5.34 -11.58 -5.02
N LYS A 72 5.82 -10.60 -4.29
CA LYS A 72 6.35 -10.79 -3.00
C LYS A 72 5.47 -10.08 -2.00
N VAL A 73 5.06 -10.77 -0.97
CA VAL A 73 4.19 -10.20 0.05
C VAL A 73 5.05 -9.54 1.12
N LEU A 74 4.80 -8.29 1.39
CA LEU A 74 5.57 -7.56 2.34
C LEU A 74 4.89 -7.58 3.69
N GLU A 75 5.67 -7.79 4.73
CA GLU A 75 5.13 -7.84 6.07
C GLU A 75 5.19 -6.45 6.71
N ASN A 76 4.22 -6.17 7.57
CA ASN A 76 4.01 -4.87 8.23
C ASN A 76 5.19 -4.40 9.08
N SER A 77 5.89 -5.35 9.67
CA SER A 77 6.94 -5.06 10.64
C SER A 77 8.18 -4.39 10.05
N LYS A 78 8.40 -4.57 8.80
CA LYS A 78 9.56 -4.05 8.17
C LYS A 78 9.28 -2.69 7.56
N THR A 79 10.33 -2.00 7.22
CA THR A 79 10.23 -0.66 6.74
C THR A 79 10.35 -0.67 5.21
N VAL A 80 9.93 0.42 4.53
CA VAL A 80 10.07 0.50 3.07
C VAL A 80 11.56 0.39 2.73
N LYS A 81 12.35 1.01 3.57
CA LYS A 81 13.78 0.96 3.53
C LYS A 81 14.34 -0.48 3.48
N ASP A 82 13.69 -1.40 4.17
CA ASP A 82 14.18 -2.74 4.25
C ASP A 82 13.92 -3.51 2.97
N TYR A 83 12.94 -3.09 2.19
CA TYR A 83 12.59 -3.77 0.97
C TYR A 83 12.98 -2.94 -0.26
N ARG A 84 13.55 -1.76 -0.04
CA ARG A 84 13.79 -0.83 -1.10
C ARG A 84 14.82 -1.35 -2.12
N SER A 85 14.57 -1.05 -3.37
CA SER A 85 15.45 -1.40 -4.43
C SER A 85 16.41 -0.22 -4.66
N PRO A 86 17.72 -0.46 -4.65
CA PRO A 86 18.72 0.58 -4.78
C PRO A 86 19.06 0.94 -6.23
N VAL A 87 19.98 1.90 -6.36
CA VAL A 87 20.55 2.41 -7.61
C VAL A 87 19.55 2.78 -8.71
N SER A 88 19.15 4.04 -8.64
CA SER A 88 18.31 4.72 -9.64
C SER A 88 17.00 3.98 -10.00
N ASN A 89 16.47 3.24 -9.07
CA ASN A 89 15.25 2.49 -9.31
C ASN A 89 14.07 3.28 -8.79
N LEU A 90 14.04 3.42 -7.51
CA LEU A 90 13.00 4.06 -6.83
C LEU A 90 13.33 5.53 -6.64
N ALA A 91 12.40 6.24 -5.97
CA ALA A 91 12.52 7.67 -5.66
C ALA A 91 12.56 8.54 -6.93
N GLY A 92 11.40 8.97 -7.34
CA GLY A 92 11.25 9.76 -8.53
C GLY A 92 10.19 9.17 -9.40
N ALA A 93 10.30 7.87 -9.58
CA ALA A 93 9.35 7.09 -10.33
C ALA A 93 8.29 6.59 -9.38
N VAL A 94 7.12 6.31 -9.90
CA VAL A 94 6.03 5.84 -9.08
C VAL A 94 6.16 4.34 -8.92
N THR A 95 6.01 3.90 -7.73
CA THR A 95 6.13 2.54 -7.40
C THR A 95 4.72 1.97 -7.26
N THR A 96 4.41 0.98 -8.04
CA THR A 96 3.10 0.42 -8.04
C THR A 96 3.10 -0.92 -7.30
N MET A 97 2.35 -0.98 -6.24
CA MET A 97 2.20 -2.19 -5.47
C MET A 97 0.95 -2.89 -5.88
N HIS A 98 1.07 -4.16 -6.08
CA HIS A 98 -0.02 -4.95 -6.52
C HIS A 98 -0.77 -5.42 -5.30
N VAL A 99 -2.00 -5.12 -5.26
CA VAL A 99 -2.83 -5.42 -4.13
C VAL A 99 -3.78 -6.53 -4.45
N ILE A 100 -3.81 -7.47 -3.57
CA ILE A 100 -4.68 -8.59 -3.65
C ILE A 100 -5.53 -8.60 -2.41
N ILE A 101 -6.81 -8.73 -2.61
CA ILE A 101 -7.75 -8.63 -1.54
C ILE A 101 -8.28 -10.00 -1.14
N GLN A 102 -8.25 -10.28 0.14
CA GLN A 102 -8.92 -11.44 0.66
C GLN A 102 -10.01 -10.95 1.56
N ALA A 103 -11.22 -11.10 1.13
CA ALA A 103 -12.33 -10.69 1.94
C ALA A 103 -12.93 -11.90 2.60
N PRO A 104 -13.15 -11.84 3.92
CA PRO A 104 -13.79 -12.92 4.64
C PRO A 104 -15.18 -13.18 4.09
N VAL A 105 -15.55 -14.44 4.02
CA VAL A 105 -16.85 -14.83 3.50
C VAL A 105 -17.95 -14.30 4.41
N THR A 106 -17.70 -14.37 5.70
CA THR A 106 -18.66 -13.90 6.64
C THR A 106 -17.99 -13.11 7.80
N GLU A 107 -17.92 -11.80 7.62
CA GLU A 107 -17.38 -10.90 8.63
C GLU A 107 -17.78 -9.48 8.27
N LYS A 108 -18.83 -9.01 8.94
CA LYS A 108 -19.43 -7.68 8.72
C LYS A 108 -20.08 -7.59 7.33
N GLU A 109 -21.37 -7.76 7.29
CA GLU A 109 -22.13 -7.66 6.06
C GLU A 109 -22.97 -6.40 6.00
N LYS A 110 -22.93 -5.63 7.06
CA LYS A 110 -23.63 -4.38 7.12
C LYS A 110 -22.65 -3.24 6.90
N GLU A 10 5.34 25.06 4.57
CA GLU A 10 6.39 24.84 3.58
C GLU A 10 7.62 24.34 4.33
N ALA A 11 7.96 23.09 4.14
CA ALA A 11 9.13 22.49 4.75
C ALA A 11 9.91 21.73 3.69
N GLU A 12 11.25 21.82 3.76
CA GLU A 12 12.17 21.19 2.80
C GLU A 12 11.75 19.77 2.48
N VAL A 13 11.27 19.59 1.28
CA VAL A 13 10.77 18.32 0.83
C VAL A 13 11.91 17.34 0.61
N HIS A 14 11.69 16.13 1.02
CA HIS A 14 12.65 15.04 0.84
C HIS A 14 12.31 14.31 -0.43
N ASN A 15 13.10 13.33 -0.78
CA ASN A 15 12.80 12.52 -1.94
C ASN A 15 11.96 11.36 -1.54
N GLN A 16 10.66 11.46 -1.74
CA GLN A 16 9.83 10.36 -1.45
C GLN A 16 9.62 9.55 -2.68
N LEU A 17 9.31 8.33 -2.48
CA LEU A 17 9.00 7.46 -3.53
C LEU A 17 7.51 7.31 -3.54
N GLU A 18 6.93 7.50 -4.66
CA GLU A 18 5.52 7.55 -4.73
C GLU A 18 4.93 6.21 -5.00
N ILE A 19 4.09 5.79 -4.12
CA ILE A 19 3.52 4.48 -4.17
C ILE A 19 2.07 4.56 -4.56
N LYS A 20 1.68 3.67 -5.43
CA LYS A 20 0.31 3.56 -5.81
C LYS A 20 -0.17 2.15 -5.53
N PHE A 21 -1.40 2.03 -5.15
CA PHE A 21 -1.97 0.74 -4.85
C PHE A 21 -2.65 0.22 -6.08
N ARG A 22 -2.18 -0.89 -6.58
CA ARG A 22 -2.76 -1.49 -7.76
C ARG A 22 -3.56 -2.69 -7.27
N LEU A 23 -4.84 -2.59 -7.33
CA LEU A 23 -5.70 -3.63 -6.84
C LEU A 23 -5.85 -4.75 -7.85
N THR A 24 -5.90 -5.96 -7.34
CA THR A 24 -6.14 -7.19 -8.13
C THR A 24 -7.54 -7.14 -8.78
N ASP A 25 -8.31 -6.19 -8.32
CA ASP A 25 -9.68 -5.94 -8.78
C ASP A 25 -9.64 -5.19 -10.13
N GLY A 26 -8.46 -4.78 -10.52
CA GLY A 26 -8.29 -4.07 -11.78
C GLY A 26 -8.38 -2.59 -11.59
N SER A 27 -8.54 -2.19 -10.36
CA SER A 27 -8.61 -0.81 -10.00
C SER A 27 -7.26 -0.38 -9.46
N ASP A 28 -7.02 0.89 -9.36
CA ASP A 28 -5.81 1.39 -8.81
C ASP A 28 -6.05 2.74 -8.17
N ILE A 29 -5.22 3.04 -7.21
CA ILE A 29 -5.28 4.28 -6.48
C ILE A 29 -4.13 5.18 -6.93
N GLY A 30 -4.40 6.47 -7.06
CA GLY A 30 -3.39 7.42 -7.49
C GLY A 30 -2.21 7.48 -6.53
N PRO A 31 -0.97 7.47 -7.06
CA PRO A 31 0.26 7.43 -6.25
C PRO A 31 0.41 8.60 -5.31
N LYS A 32 0.92 8.31 -4.14
CA LYS A 32 1.17 9.31 -3.11
C LYS A 32 2.60 9.25 -2.79
N ALA A 33 3.09 10.24 -2.16
CA ALA A 33 4.51 10.27 -1.83
C ALA A 33 4.76 9.66 -0.46
N PHE A 34 5.59 8.64 -0.43
CA PHE A 34 5.91 7.96 0.81
C PHE A 34 7.41 7.87 0.91
N PRO A 35 7.97 8.14 2.06
CA PRO A 35 9.38 7.87 2.30
C PRO A 35 9.65 6.38 2.11
N ASP A 36 10.82 6.06 1.67
CA ASP A 36 11.20 4.68 1.45
C ASP A 36 11.34 3.95 2.79
N ALA A 37 11.54 4.73 3.84
CA ALA A 37 11.64 4.21 5.19
C ALA A 37 10.25 3.98 5.83
N THR A 38 9.20 4.16 5.03
CA THR A 38 7.83 3.93 5.51
C THR A 38 7.59 2.43 5.78
N THR A 39 6.91 2.15 6.85
CA THR A 39 6.58 0.81 7.23
C THR A 39 5.46 0.26 6.33
N VAL A 40 5.52 -1.02 6.01
CA VAL A 40 4.48 -1.65 5.19
C VAL A 40 3.14 -1.66 5.95
N SER A 41 3.21 -1.64 7.28
CA SER A 41 2.02 -1.49 8.11
C SER A 41 1.31 -0.16 7.77
N ALA A 42 2.10 0.92 7.58
CA ALA A 42 1.54 2.24 7.27
C ALA A 42 0.85 2.24 5.91
N LEU A 43 1.32 1.40 5.00
CA LEU A 43 0.66 1.20 3.71
C LEU A 43 -0.77 0.73 3.91
N LYS A 44 -0.95 -0.22 4.81
CA LYS A 44 -2.26 -0.75 5.10
C LYS A 44 -3.10 0.27 5.87
N GLU A 45 -2.46 1.00 6.75
CA GLU A 45 -3.13 2.05 7.50
C GLU A 45 -3.66 3.12 6.55
N THR A 46 -2.91 3.37 5.50
CA THR A 46 -3.32 4.31 4.50
C THR A 46 -4.43 3.72 3.61
N VAL A 47 -4.29 2.45 3.24
CA VAL A 47 -5.25 1.81 2.32
C VAL A 47 -6.65 1.79 2.94
N ILE A 48 -6.72 1.49 4.22
CA ILE A 48 -8.00 1.44 4.94
C ILE A 48 -8.68 2.81 4.94
N SER A 49 -7.88 3.83 5.11
CA SER A 49 -8.35 5.19 5.17
C SER A 49 -8.73 5.71 3.76
N GLU A 50 -8.00 5.23 2.78
CA GLU A 50 -8.15 5.64 1.40
C GLU A 50 -9.29 4.87 0.70
N TRP A 51 -9.49 3.63 1.07
CA TRP A 51 -10.53 2.78 0.48
C TRP A 51 -11.91 3.35 0.88
N PRO A 52 -12.90 3.33 -0.08
CA PRO A 52 -14.28 3.81 0.15
C PRO A 52 -14.78 3.58 1.57
N ARG A 53 -15.07 4.66 2.26
CA ARG A 53 -15.44 4.63 3.67
C ARG A 53 -16.76 3.94 3.90
N GLU A 54 -17.62 3.97 2.91
CA GLU A 54 -18.95 3.42 3.03
C GLU A 54 -18.95 1.89 2.89
N LYS A 55 -17.87 1.36 2.37
CA LYS A 55 -17.75 -0.03 2.15
C LYS A 55 -17.54 -0.80 3.42
N GLU A 56 -18.11 -1.96 3.46
CA GLU A 56 -17.94 -2.89 4.52
C GLU A 56 -18.06 -4.24 3.92
N ASN A 57 -17.40 -5.19 4.50
CA ASN A 57 -17.35 -6.58 4.02
C ASN A 57 -16.63 -6.61 2.64
N GLY A 58 -15.85 -5.58 2.40
CA GLY A 58 -15.13 -5.50 1.19
C GLY A 58 -13.66 -5.38 1.46
N PRO A 59 -12.89 -5.02 0.46
CA PRO A 59 -11.41 -4.85 0.56
C PRO A 59 -10.98 -3.61 1.38
N LYS A 60 -11.57 -3.44 2.52
CA LYS A 60 -11.36 -2.22 3.30
C LYS A 60 -10.30 -2.37 4.40
N THR A 61 -10.28 -3.50 5.10
CA THR A 61 -9.42 -3.63 6.25
C THR A 61 -8.07 -4.34 6.01
N VAL A 62 -7.25 -4.30 7.04
CA VAL A 62 -5.87 -4.77 7.07
C VAL A 62 -5.76 -6.28 6.94
N LYS A 63 -6.77 -6.98 7.40
CA LYS A 63 -6.78 -8.42 7.48
C LYS A 63 -6.77 -9.04 6.09
N GLU A 64 -7.49 -8.43 5.20
CA GLU A 64 -7.68 -8.97 3.87
C GLU A 64 -6.89 -8.23 2.77
N VAL A 65 -5.97 -7.38 3.17
CA VAL A 65 -5.17 -6.62 2.19
C VAL A 65 -3.66 -6.94 2.30
N LYS A 66 -3.09 -7.48 1.22
CA LYS A 66 -1.64 -7.74 1.14
C LYS A 66 -0.97 -6.92 0.05
N LEU A 67 0.25 -6.48 0.32
CA LEU A 67 1.05 -5.71 -0.64
C LEU A 67 2.12 -6.60 -1.25
N ILE A 68 2.17 -6.66 -2.55
CA ILE A 68 3.20 -7.39 -3.27
C ILE A 68 3.99 -6.43 -4.15
N SER A 69 5.28 -6.38 -3.93
CA SER A 69 6.15 -5.54 -4.69
C SER A 69 7.29 -6.37 -5.29
N ALA A 70 7.41 -6.35 -6.61
CA ALA A 70 8.46 -7.06 -7.36
C ALA A 70 8.33 -8.57 -7.20
N GLY A 71 7.16 -8.99 -6.80
CA GLY A 71 6.90 -10.40 -6.59
C GLY A 71 7.12 -10.82 -5.15
N LYS A 72 7.31 -9.88 -4.26
CA LYS A 72 7.54 -10.16 -2.89
C LYS A 72 6.28 -9.85 -2.11
N VAL A 73 5.82 -10.80 -1.32
CA VAL A 73 4.71 -10.53 -0.45
C VAL A 73 5.29 -9.80 0.74
N LEU A 74 4.89 -8.58 0.90
CA LEU A 74 5.48 -7.73 1.88
C LEU A 74 4.98 -8.02 3.28
N GLU A 75 5.91 -8.15 4.17
CA GLU A 75 5.67 -8.26 5.57
C GLU A 75 5.42 -6.86 6.09
N ASN A 76 4.32 -6.67 6.79
CA ASN A 76 3.97 -5.35 7.28
C ASN A 76 4.95 -4.88 8.34
N SER A 77 5.60 -5.83 9.00
CA SER A 77 6.54 -5.55 10.06
C SER A 77 7.89 -4.98 9.53
N LYS A 78 7.99 -4.86 8.23
CA LYS A 78 9.16 -4.33 7.60
C LYS A 78 8.85 -3.01 6.92
N THR A 79 9.88 -2.30 6.54
CA THR A 79 9.72 -1.07 5.87
C THR A 79 9.98 -1.29 4.40
N VAL A 80 9.62 -0.34 3.56
CA VAL A 80 9.85 -0.48 2.12
C VAL A 80 11.36 -0.61 1.87
N LYS A 81 12.12 0.12 2.70
CA LYS A 81 13.57 0.14 2.71
C LYS A 81 14.15 -1.27 2.79
N ASP A 82 13.49 -2.13 3.54
CA ASP A 82 13.92 -3.49 3.76
C ASP A 82 13.92 -4.32 2.49
N TYR A 83 13.06 -3.99 1.55
CA TYR A 83 12.92 -4.74 0.32
C TYR A 83 13.69 -4.08 -0.81
N ARG A 84 14.26 -2.96 -0.52
CA ARG A 84 14.99 -2.20 -1.46
C ARG A 84 16.42 -2.67 -1.54
N SER A 85 16.94 -2.63 -2.71
CA SER A 85 18.30 -2.84 -2.96
C SER A 85 18.85 -1.49 -3.42
N PRO A 86 20.00 -1.06 -2.88
CA PRO A 86 20.56 0.25 -3.21
C PRO A 86 20.79 0.48 -4.69
N VAL A 87 19.97 1.31 -5.25
CA VAL A 87 20.06 1.70 -6.63
C VAL A 87 20.08 3.19 -6.75
N SER A 88 18.95 3.79 -6.59
CA SER A 88 18.76 5.22 -6.69
C SER A 88 17.41 5.62 -6.09
N ASN A 89 17.39 6.72 -5.37
CA ASN A 89 16.17 7.24 -4.77
C ASN A 89 15.85 8.59 -5.33
N LEU A 90 15.01 8.60 -6.33
CA LEU A 90 14.62 9.75 -7.00
C LEU A 90 13.43 10.38 -6.32
N ALA A 91 13.09 11.56 -6.73
CA ALA A 91 11.99 12.27 -6.22
C ALA A 91 10.84 12.10 -7.17
N GLY A 92 10.07 11.11 -6.90
CA GLY A 92 8.94 10.80 -7.74
C GLY A 92 9.06 9.45 -8.41
N ALA A 93 9.82 8.56 -7.77
CA ALA A 93 9.95 7.21 -8.26
C ALA A 93 8.69 6.47 -7.88
N VAL A 94 7.95 6.04 -8.87
CA VAL A 94 6.67 5.43 -8.64
C VAL A 94 6.83 3.94 -8.39
N THR A 95 6.36 3.52 -7.27
CA THR A 95 6.39 2.16 -6.88
C THR A 95 4.96 1.64 -6.90
N THR A 96 4.69 0.70 -7.74
CA THR A 96 3.39 0.15 -7.87
C THR A 96 3.30 -1.12 -7.04
N MET A 97 2.45 -1.12 -6.05
CA MET A 97 2.27 -2.29 -5.23
C MET A 97 1.04 -3.02 -5.64
N HIS A 98 1.18 -4.30 -5.86
CA HIS A 98 0.07 -5.10 -6.27
C HIS A 98 -0.64 -5.58 -5.04
N VAL A 99 -1.89 -5.29 -4.95
CA VAL A 99 -2.66 -5.59 -3.79
C VAL A 99 -3.55 -6.77 -4.03
N ILE A 100 -3.35 -7.75 -3.24
CA ILE A 100 -4.10 -8.96 -3.26
C ILE A 100 -5.14 -8.91 -2.16
N ILE A 101 -6.36 -9.12 -2.54
CA ILE A 101 -7.48 -9.00 -1.65
C ILE A 101 -8.03 -10.38 -1.29
N GLN A 102 -8.22 -10.62 -0.03
CA GLN A 102 -8.83 -11.81 0.44
C GLN A 102 -10.27 -11.54 0.60
N ALA A 103 -11.06 -12.48 0.25
CA ALA A 103 -12.50 -12.40 0.43
C ALA A 103 -12.78 -12.30 1.94
N PRO A 104 -13.39 -11.19 2.39
CA PRO A 104 -13.63 -10.93 3.81
C PRO A 104 -14.58 -11.93 4.45
N VAL A 105 -14.46 -12.07 5.76
CA VAL A 105 -15.35 -12.92 6.50
C VAL A 105 -16.67 -12.22 6.68
N THR A 106 -17.58 -12.52 5.81
CA THR A 106 -18.90 -11.96 5.82
C THR A 106 -19.67 -12.44 7.03
N GLU A 107 -19.88 -11.55 7.95
CA GLU A 107 -20.60 -11.83 9.15
C GLU A 107 -21.41 -10.59 9.46
N LYS A 108 -22.70 -10.79 9.72
CA LYS A 108 -23.67 -9.71 9.86
C LYS A 108 -23.85 -9.02 8.51
N GLU A 109 -24.90 -9.40 7.83
CA GLU A 109 -25.15 -8.94 6.50
C GLU A 109 -25.80 -7.56 6.50
N LYS A 110 -24.98 -6.56 6.16
CA LYS A 110 -25.40 -5.16 6.01
C LYS A 110 -26.06 -4.59 7.26
N GLU A 10 0.35 18.80 -2.63
CA GLU A 10 1.16 19.88 -3.16
C GLU A 10 1.89 20.61 -2.06
N ALA A 11 3.04 21.20 -2.42
CA ALA A 11 3.88 21.99 -1.51
C ALA A 11 4.32 21.17 -0.32
N GLU A 12 4.45 19.91 -0.56
CA GLU A 12 4.82 18.99 0.45
C GLU A 12 6.28 18.68 0.34
N VAL A 13 6.81 18.02 1.33
CA VAL A 13 8.18 17.60 1.27
C VAL A 13 8.25 16.38 0.40
N HIS A 14 8.73 16.59 -0.75
CA HIS A 14 8.87 15.56 -1.71
C HIS A 14 10.30 15.48 -2.19
N ASN A 15 10.80 14.28 -2.23
CA ASN A 15 12.21 13.99 -2.53
C ASN A 15 12.36 12.50 -2.47
N GLN A 16 11.55 11.95 -1.59
CA GLN A 16 11.40 10.53 -1.37
C GLN A 16 10.60 9.93 -2.52
N LEU A 17 10.27 8.67 -2.44
CA LEU A 17 9.59 8.03 -3.55
C LEU A 17 8.12 7.85 -3.32
N GLU A 18 7.34 8.08 -4.34
CA GLU A 18 5.92 7.96 -4.21
C GLU A 18 5.45 6.55 -4.52
N ILE A 19 4.53 6.10 -3.73
CA ILE A 19 3.94 4.81 -3.88
C ILE A 19 2.45 4.98 -4.03
N LYS A 20 1.87 4.21 -4.90
CA LYS A 20 0.44 4.20 -5.05
C LYS A 20 -0.05 2.79 -4.86
N PHE A 21 -1.23 2.66 -4.34
CA PHE A 21 -1.79 1.37 -4.06
C PHE A 21 -2.78 1.00 -5.13
N ARG A 22 -2.52 -0.06 -5.82
CA ARG A 22 -3.44 -0.53 -6.80
C ARG A 22 -4.10 -1.80 -6.33
N LEU A 23 -5.40 -1.77 -6.31
CA LEU A 23 -6.17 -2.90 -5.92
C LEU A 23 -6.20 -3.91 -7.05
N THR A 24 -6.49 -5.15 -6.73
CA THR A 24 -6.54 -6.22 -7.73
C THR A 24 -7.64 -5.97 -8.77
N ASP A 25 -8.54 -5.09 -8.42
CA ASP A 25 -9.67 -4.71 -9.29
C ASP A 25 -9.21 -3.72 -10.35
N GLY A 26 -7.99 -3.23 -10.24
CA GLY A 26 -7.47 -2.30 -11.22
C GLY A 26 -7.70 -0.86 -10.84
N SER A 27 -8.05 -0.64 -9.61
CA SER A 27 -8.27 0.70 -9.12
C SER A 27 -7.00 1.19 -8.42
N ASP A 28 -6.72 2.47 -8.49
CA ASP A 28 -5.53 3.02 -7.90
C ASP A 28 -5.91 4.01 -6.83
N ILE A 29 -5.12 4.08 -5.82
CA ILE A 29 -5.27 5.05 -4.78
C ILE A 29 -4.18 6.08 -4.99
N GLY A 30 -4.55 7.36 -4.84
CA GLY A 30 -3.62 8.47 -5.07
C GLY A 30 -2.28 8.28 -4.42
N PRO A 31 -1.19 8.43 -5.21
CA PRO A 31 0.17 8.24 -4.74
C PRO A 31 0.54 9.17 -3.60
N LYS A 32 1.34 8.67 -2.72
CA LYS A 32 1.77 9.40 -1.56
C LYS A 32 3.28 9.25 -1.50
N ALA A 33 3.96 10.12 -0.80
CA ALA A 33 5.40 10.05 -0.73
C ALA A 33 5.83 9.16 0.44
N PHE A 34 6.71 8.21 0.17
CA PHE A 34 7.18 7.27 1.17
C PHE A 34 8.70 7.14 1.09
N PRO A 35 9.39 7.38 2.18
CA PRO A 35 10.80 7.07 2.29
C PRO A 35 11.00 5.55 2.24
N ASP A 36 12.14 5.11 1.74
CA ASP A 36 12.46 3.68 1.72
C ASP A 36 12.51 3.13 3.15
N ALA A 37 12.73 4.05 4.10
CA ALA A 37 12.79 3.72 5.51
C ALA A 37 11.39 3.58 6.14
N THR A 38 10.35 3.69 5.34
CA THR A 38 8.99 3.49 5.83
C THR A 38 8.78 2.00 6.12
N THR A 39 8.03 1.68 7.15
CA THR A 39 7.79 0.31 7.47
C THR A 39 6.54 -0.19 6.78
N VAL A 40 6.41 -1.50 6.68
CA VAL A 40 5.22 -2.10 6.09
C VAL A 40 4.03 -1.88 7.01
N SER A 41 4.30 -1.75 8.29
CA SER A 41 3.27 -1.44 9.24
C SER A 41 2.67 -0.08 8.90
N ALA A 42 3.53 0.91 8.70
CA ALA A 42 3.09 2.26 8.37
C ALA A 42 2.49 2.30 6.97
N LEU A 43 2.94 1.40 6.11
CA LEU A 43 2.44 1.25 4.80
C LEU A 43 0.98 0.79 4.88
N LYS A 44 0.73 -0.17 5.77
CA LYS A 44 -0.63 -0.65 6.03
C LYS A 44 -1.46 0.39 6.74
N GLU A 45 -0.86 1.12 7.69
CA GLU A 45 -1.55 2.21 8.39
C GLU A 45 -2.07 3.22 7.38
N THR A 46 -1.24 3.51 6.40
CA THR A 46 -1.59 4.41 5.32
C THR A 46 -2.78 3.85 4.52
N VAL A 47 -2.77 2.53 4.29
CA VAL A 47 -3.86 1.86 3.58
C VAL A 47 -5.16 2.02 4.36
N ILE A 48 -5.10 1.70 5.64
CA ILE A 48 -6.27 1.77 6.54
C ILE A 48 -6.86 3.18 6.57
N SER A 49 -5.99 4.16 6.44
CA SER A 49 -6.38 5.55 6.45
C SER A 49 -7.05 5.97 5.12
N GLU A 50 -6.55 5.46 4.00
CA GLU A 50 -7.05 5.81 2.71
C GLU A 50 -8.29 4.99 2.33
N TRP A 51 -8.39 3.80 2.86
CA TRP A 51 -9.47 2.90 2.54
C TRP A 51 -10.70 3.34 3.34
N PRO A 52 -11.84 3.57 2.66
CA PRO A 52 -13.09 3.99 3.31
C PRO A 52 -13.51 3.09 4.47
N ARG A 53 -13.79 3.70 5.59
CA ARG A 53 -14.26 3.00 6.78
C ARG A 53 -15.70 2.54 6.56
N GLU A 54 -16.36 3.24 5.67
CA GLU A 54 -17.74 3.00 5.29
C GLU A 54 -17.83 1.93 4.18
N LYS A 55 -16.68 1.36 3.82
CA LYS A 55 -16.54 0.40 2.73
C LYS A 55 -17.57 -0.75 2.79
N GLU A 56 -17.72 -1.41 1.68
CA GLU A 56 -18.59 -2.56 1.52
C GLU A 56 -17.99 -3.75 2.26
N ASN A 57 -18.43 -4.92 1.90
CA ASN A 57 -17.87 -6.15 2.38
C ASN A 57 -16.52 -6.36 1.74
N GLY A 58 -15.62 -5.55 2.17
CA GLY A 58 -14.28 -5.56 1.75
C GLY A 58 -13.34 -5.32 2.91
N PRO A 59 -12.03 -5.21 2.64
CA PRO A 59 -10.97 -5.00 3.66
C PRO A 59 -11.15 -3.74 4.52
N LYS A 60 -10.19 -3.54 5.44
CA LYS A 60 -10.18 -2.37 6.31
C LYS A 60 -8.84 -2.25 7.02
N THR A 61 -8.59 -3.17 7.92
CA THR A 61 -7.43 -3.14 8.76
C THR A 61 -6.21 -3.90 8.20
N VAL A 62 -5.09 -3.73 8.89
CA VAL A 62 -3.78 -4.27 8.49
C VAL A 62 -3.78 -5.76 8.10
N LYS A 63 -4.37 -6.60 8.93
CA LYS A 63 -4.34 -8.03 8.67
C LYS A 63 -5.36 -8.42 7.60
N GLU A 64 -6.37 -7.60 7.41
CA GLU A 64 -7.42 -7.89 6.44
C GLU A 64 -6.92 -7.59 5.04
N VAL A 65 -6.03 -6.62 4.95
CA VAL A 65 -5.47 -6.21 3.68
C VAL A 65 -4.14 -6.93 3.45
N LYS A 66 -3.99 -7.54 2.30
CA LYS A 66 -2.76 -8.19 1.93
C LYS A 66 -2.04 -7.33 0.91
N LEU A 67 -0.81 -6.95 1.22
CA LEU A 67 -0.06 -6.08 0.36
C LEU A 67 1.10 -6.86 -0.24
N ILE A 68 1.15 -6.90 -1.55
CA ILE A 68 2.19 -7.57 -2.28
C ILE A 68 3.02 -6.58 -3.07
N SER A 69 4.31 -6.66 -2.89
CA SER A 69 5.24 -5.83 -3.57
C SER A 69 6.24 -6.71 -4.30
N ALA A 70 6.29 -6.56 -5.63
CA ALA A 70 7.24 -7.30 -6.50
C ALA A 70 6.99 -8.81 -6.46
N GLY A 71 5.80 -9.19 -6.04
CA GLY A 71 5.44 -10.59 -5.97
C GLY A 71 5.68 -11.18 -4.59
N LYS A 72 5.97 -10.34 -3.61
CA LYS A 72 6.21 -10.75 -2.28
C LYS A 72 5.17 -10.15 -1.36
N VAL A 73 4.56 -10.97 -0.54
CA VAL A 73 3.62 -10.48 0.44
C VAL A 73 4.41 -9.90 1.61
N LEU A 74 4.15 -8.68 1.93
CA LEU A 74 4.91 -7.99 2.92
C LEU A 74 4.43 -8.30 4.33
N GLU A 75 5.36 -8.30 5.26
CA GLU A 75 5.11 -8.55 6.66
C GLU A 75 5.25 -7.18 7.34
N ASN A 76 4.41 -6.88 8.33
CA ASN A 76 4.35 -5.51 8.90
C ASN A 76 5.63 -5.06 9.62
N SER A 77 6.48 -5.99 10.06
CA SER A 77 7.69 -5.60 10.77
C SER A 77 8.84 -5.33 9.78
N LYS A 78 8.57 -5.47 8.51
CA LYS A 78 9.54 -5.19 7.49
C LYS A 78 9.53 -3.73 7.13
N THR A 79 10.57 -3.31 6.51
CA THR A 79 10.69 -1.98 6.05
C THR A 79 10.51 -2.03 4.53
N VAL A 80 10.18 -0.91 3.91
CA VAL A 80 9.97 -0.90 2.46
C VAL A 80 11.30 -1.16 1.76
N LYS A 81 12.37 -0.62 2.33
CA LYS A 81 13.75 -0.75 1.83
C LYS A 81 14.14 -2.22 1.61
N ASP A 82 13.62 -3.12 2.45
CA ASP A 82 13.96 -4.56 2.37
C ASP A 82 13.61 -5.12 0.99
N TYR A 83 12.48 -4.71 0.48
CA TYR A 83 11.99 -5.17 -0.79
C TYR A 83 12.20 -4.12 -1.89
N ARG A 84 12.87 -3.06 -1.53
CA ARG A 84 13.17 -1.98 -2.42
C ARG A 84 14.62 -1.99 -2.83
N SER A 85 14.83 -2.28 -4.06
CA SER A 85 16.13 -2.18 -4.62
C SER A 85 16.11 -0.91 -5.45
N PRO A 86 17.02 0.03 -5.18
CA PRO A 86 17.05 1.29 -5.89
C PRO A 86 17.94 1.29 -7.12
N VAL A 87 17.47 1.92 -8.18
CA VAL A 87 18.25 2.09 -9.40
C VAL A 87 19.26 3.21 -9.16
N SER A 88 18.84 4.07 -8.30
CA SER A 88 19.55 5.22 -7.84
C SER A 88 18.92 5.53 -6.50
N ASN A 89 19.56 6.35 -5.69
CA ASN A 89 19.03 6.65 -4.35
C ASN A 89 17.66 7.30 -4.45
N LEU A 90 17.61 8.39 -5.13
CA LEU A 90 16.44 9.05 -5.39
C LEU A 90 16.05 8.74 -6.82
N ALA A 91 14.81 9.03 -7.15
CA ALA A 91 14.25 8.75 -8.45
C ALA A 91 12.84 9.22 -8.47
N GLY A 92 12.50 9.98 -9.47
CA GLY A 92 11.14 10.44 -9.68
C GLY A 92 10.28 9.35 -10.28
N ALA A 93 10.28 8.23 -9.63
CA ALA A 93 9.54 7.08 -10.04
C ALA A 93 8.41 6.83 -9.07
N VAL A 94 7.36 6.21 -9.53
CA VAL A 94 6.26 5.86 -8.68
C VAL A 94 6.21 4.34 -8.61
N THR A 95 6.12 3.83 -7.42
CA THR A 95 6.07 2.41 -7.25
C THR A 95 4.63 1.99 -6.99
N THR A 96 4.17 0.99 -7.69
CA THR A 96 2.83 0.53 -7.51
C THR A 96 2.81 -0.77 -6.72
N MET A 97 2.18 -0.75 -5.58
CA MET A 97 2.01 -1.94 -4.77
C MET A 97 0.67 -2.55 -5.05
N HIS A 98 0.62 -3.85 -5.07
CA HIS A 98 -0.59 -4.56 -5.41
C HIS A 98 -1.30 -5.00 -4.17
N VAL A 99 -2.52 -4.60 -4.06
CA VAL A 99 -3.32 -4.94 -2.92
C VAL A 99 -4.23 -6.08 -3.27
N ILE A 100 -4.17 -7.07 -2.45
CA ILE A 100 -4.92 -8.25 -2.60
C ILE A 100 -6.13 -8.16 -1.73
N ILE A 101 -7.25 -8.26 -2.37
CA ILE A 101 -8.48 -8.08 -1.71
C ILE A 101 -8.99 -9.38 -1.14
N GLN A 102 -8.82 -9.52 0.13
CA GLN A 102 -9.45 -10.56 0.87
C GLN A 102 -10.40 -9.87 1.77
N ALA A 103 -11.64 -10.05 1.49
CA ALA A 103 -12.66 -9.29 2.08
C ALA A 103 -13.30 -9.96 3.27
N PRO A 104 -13.27 -9.30 4.44
CA PRO A 104 -14.08 -9.72 5.56
C PRO A 104 -15.51 -9.57 5.12
N VAL A 105 -16.19 -10.63 5.08
CA VAL A 105 -17.46 -10.61 4.43
C VAL A 105 -18.56 -11.24 5.25
N THR A 106 -19.61 -10.50 5.36
CA THR A 106 -20.83 -10.98 5.88
C THR A 106 -21.57 -11.35 4.61
N GLU A 107 -21.42 -12.60 4.23
CA GLU A 107 -21.74 -13.05 2.91
C GLU A 107 -23.21 -13.03 2.54
N LYS A 108 -23.56 -11.94 1.93
CA LYS A 108 -24.81 -11.60 1.35
C LYS A 108 -24.64 -10.18 0.83
N GLU A 109 -24.05 -10.08 -0.32
CA GLU A 109 -23.69 -8.80 -0.91
C GLU A 109 -23.81 -8.87 -2.42
N LYS A 110 -23.45 -9.99 -2.97
CA LYS A 110 -23.50 -10.21 -4.38
C LYS A 110 -23.98 -11.62 -4.64
N GLU A 10 5.85 18.31 7.37
CA GLU A 10 6.24 19.34 6.42
C GLU A 10 7.72 19.47 6.40
N ALA A 11 8.25 20.09 5.33
CA ALA A 11 9.68 20.28 5.11
C ALA A 11 10.39 18.97 4.83
N GLU A 12 11.00 18.90 3.68
CA GLU A 12 11.68 17.73 3.26
C GLU A 12 12.83 18.10 2.33
N VAL A 13 14.03 17.84 2.81
CA VAL A 13 15.25 18.18 2.06
C VAL A 13 15.67 16.98 1.23
N HIS A 14 15.13 15.88 1.60
CA HIS A 14 15.37 14.62 0.95
C HIS A 14 14.06 14.18 0.32
N ASN A 15 14.10 13.62 -0.87
CA ASN A 15 12.86 13.30 -1.55
C ASN A 15 12.44 11.86 -1.20
N GLN A 16 11.23 11.52 -1.53
CA GLN A 16 10.63 10.26 -1.22
C GLN A 16 10.32 9.55 -2.52
N LEU A 17 9.81 8.34 -2.44
CA LEU A 17 9.42 7.64 -3.64
C LEU A 17 7.90 7.63 -3.77
N GLU A 18 7.40 7.85 -4.96
CA GLU A 18 5.97 7.89 -5.16
C GLU A 18 5.45 6.52 -5.52
N ILE A 19 4.47 6.11 -4.80
CA ILE A 19 3.87 4.81 -4.96
C ILE A 19 2.42 4.98 -5.32
N LYS A 20 1.96 4.16 -6.23
CA LYS A 20 0.57 4.11 -6.58
C LYS A 20 0.06 2.69 -6.37
N PHE A 21 -1.16 2.56 -5.97
CA PHE A 21 -1.74 1.28 -5.68
C PHE A 21 -2.58 0.81 -6.84
N ARG A 22 -2.26 -0.34 -7.38
CA ARG A 22 -3.06 -0.91 -8.44
C ARG A 22 -3.63 -2.24 -8.02
N LEU A 23 -4.93 -2.33 -8.07
CA LEU A 23 -5.67 -3.50 -7.62
C LEU A 23 -5.56 -4.64 -8.62
N THR A 24 -6.08 -5.79 -8.23
CA THR A 24 -6.16 -6.96 -9.08
C THR A 24 -7.21 -6.76 -10.19
N ASP A 25 -8.06 -5.76 -9.98
CA ASP A 25 -9.07 -5.37 -10.95
C ASP A 25 -8.43 -4.50 -12.02
N GLY A 26 -7.17 -4.17 -11.82
CA GLY A 26 -6.43 -3.37 -12.76
C GLY A 26 -6.65 -1.89 -12.53
N SER A 27 -7.39 -1.57 -11.50
CA SER A 27 -7.67 -0.22 -11.19
C SER A 27 -6.61 0.34 -10.25
N ASP A 28 -6.16 1.53 -10.52
CA ASP A 28 -5.14 2.12 -9.72
C ASP A 28 -5.59 3.39 -9.06
N ILE A 29 -4.95 3.67 -7.95
CA ILE A 29 -5.19 4.82 -7.12
C ILE A 29 -4.04 5.79 -7.32
N GLY A 30 -4.35 7.09 -7.36
CA GLY A 30 -3.35 8.13 -7.59
C GLY A 30 -2.11 8.02 -6.69
N PRO A 31 -0.92 8.21 -7.29
CA PRO A 31 0.35 8.09 -6.59
C PRO A 31 0.57 9.16 -5.53
N LYS A 32 1.24 8.80 -4.48
CA LYS A 32 1.58 9.71 -3.42
C LYS A 32 3.02 9.45 -3.07
N ALA A 33 3.66 10.36 -2.38
CA ALA A 33 5.02 10.15 -2.00
C ALA A 33 5.07 9.42 -0.67
N PHE A 34 5.95 8.44 -0.60
CA PHE A 34 6.16 7.67 0.61
C PHE A 34 7.65 7.55 0.83
N PRO A 35 8.12 7.85 2.02
CA PRO A 35 9.51 7.59 2.39
C PRO A 35 9.79 6.09 2.53
N ASP A 36 11.03 5.70 2.26
CA ASP A 36 11.48 4.31 2.39
C ASP A 36 11.29 3.83 3.84
N ALA A 37 11.34 4.78 4.76
CA ALA A 37 11.25 4.49 6.17
C ALA A 37 9.82 4.26 6.63
N THR A 38 8.86 4.49 5.76
CA THR A 38 7.48 4.28 6.11
C THR A 38 7.18 2.78 6.19
N THR A 39 6.43 2.39 7.20
CA THR A 39 6.09 1.02 7.41
C THR A 39 4.96 0.60 6.48
N VAL A 40 4.85 -0.68 6.24
CA VAL A 40 3.78 -1.24 5.46
C VAL A 40 2.48 -1.06 6.23
N SER A 41 2.58 -0.99 7.54
CA SER A 41 1.45 -0.72 8.38
C SER A 41 0.89 0.66 8.02
N ALA A 42 1.78 1.67 7.96
CA ALA A 42 1.39 3.04 7.60
C ALA A 42 0.98 3.12 6.13
N LEU A 43 1.54 2.24 5.31
CA LEU A 43 1.21 2.11 3.94
C LEU A 43 -0.26 1.65 3.85
N LYS A 44 -0.61 0.70 4.69
CA LYS A 44 -1.97 0.22 4.80
C LYS A 44 -2.88 1.29 5.41
N GLU A 45 -2.35 2.04 6.39
CA GLU A 45 -3.08 3.18 6.99
C GLU A 45 -3.47 4.18 5.91
N THR A 46 -2.59 4.35 4.94
CA THR A 46 -2.82 5.22 3.81
C THR A 46 -4.03 4.71 3.02
N VAL A 47 -4.06 3.40 2.81
CA VAL A 47 -5.17 2.77 2.11
C VAL A 47 -6.44 2.98 2.89
N ILE A 48 -6.39 2.74 4.19
CA ILE A 48 -7.57 2.88 5.07
C ILE A 48 -8.13 4.31 5.00
N SER A 49 -7.25 5.27 4.84
CA SER A 49 -7.63 6.65 4.74
C SER A 49 -8.23 7.00 3.36
N GLU A 50 -7.65 6.46 2.29
CA GLU A 50 -8.06 6.75 0.93
C GLU A 50 -9.18 5.83 0.41
N TRP A 51 -9.19 4.62 0.87
CA TRP A 51 -10.21 3.67 0.49
C TRP A 51 -11.38 3.91 1.40
N PRO A 52 -12.62 3.74 0.93
CA PRO A 52 -13.76 3.88 1.78
C PRO A 52 -13.72 2.83 2.89
N ARG A 53 -13.40 3.27 4.08
CA ARG A 53 -13.35 2.40 5.23
C ARG A 53 -14.76 1.93 5.58
N GLU A 54 -15.71 2.70 5.13
CA GLU A 54 -17.12 2.40 5.28
C GLU A 54 -17.57 1.31 4.27
N LYS A 55 -16.66 0.90 3.38
CA LYS A 55 -16.97 -0.13 2.40
C LYS A 55 -16.84 -1.50 3.03
N GLU A 56 -17.91 -2.24 3.05
CA GLU A 56 -17.84 -3.58 3.47
C GLU A 56 -17.77 -4.46 2.25
N ASN A 57 -17.44 -5.73 2.44
CA ASN A 57 -17.32 -6.71 1.34
C ASN A 57 -16.11 -6.36 0.43
N GLY A 58 -15.20 -5.57 0.97
CA GLY A 58 -14.01 -5.23 0.28
C GLY A 58 -12.94 -4.86 1.28
N PRO A 59 -11.79 -4.34 0.83
CA PRO A 59 -10.72 -3.89 1.74
C PRO A 59 -11.20 -2.81 2.69
N LYS A 60 -10.50 -2.64 3.78
CA LYS A 60 -10.85 -1.65 4.77
C LYS A 60 -9.65 -1.33 5.62
N THR A 61 -9.15 -2.33 6.30
CA THR A 61 -8.06 -2.18 7.21
C THR A 61 -6.85 -3.02 6.80
N VAL A 62 -5.79 -2.84 7.55
CA VAL A 62 -4.48 -3.47 7.38
C VAL A 62 -4.59 -4.99 7.25
N LYS A 63 -5.61 -5.55 7.87
CA LYS A 63 -5.81 -6.98 7.89
C LYS A 63 -6.30 -7.51 6.55
N GLU A 64 -7.16 -6.77 5.89
CA GLU A 64 -7.72 -7.29 4.63
C GLU A 64 -7.13 -6.71 3.35
N VAL A 65 -6.38 -5.66 3.47
CA VAL A 65 -5.71 -5.15 2.29
C VAL A 65 -4.29 -5.72 2.22
N LYS A 66 -3.96 -6.36 1.12
CA LYS A 66 -2.65 -6.93 0.96
C LYS A 66 -1.89 -6.26 -0.17
N LEU A 67 -0.62 -5.91 0.11
CA LEU A 67 0.25 -5.24 -0.86
C LEU A 67 1.28 -6.19 -1.43
N ILE A 68 1.51 -6.10 -2.71
CA ILE A 68 2.45 -6.92 -3.46
C ILE A 68 3.41 -6.04 -4.27
N SER A 69 4.69 -6.18 -3.99
CA SER A 69 5.72 -5.49 -4.72
C SER A 69 6.64 -6.53 -5.34
N ALA A 70 6.72 -6.53 -6.67
CA ALA A 70 7.57 -7.46 -7.43
C ALA A 70 7.13 -8.93 -7.23
N GLY A 71 5.89 -9.11 -6.80
CA GLY A 71 5.37 -10.43 -6.54
C GLY A 71 5.48 -10.83 -5.07
N LYS A 72 6.01 -9.94 -4.26
CA LYS A 72 6.23 -10.20 -2.88
C LYS A 72 5.19 -9.48 -2.05
N VAL A 73 4.61 -10.17 -1.09
CA VAL A 73 3.64 -9.57 -0.20
C VAL A 73 4.37 -8.90 0.95
N LEU A 74 3.95 -7.73 1.32
CA LEU A 74 4.59 -6.98 2.36
C LEU A 74 3.86 -7.15 3.68
N GLU A 75 4.55 -7.64 4.69
CA GLU A 75 4.00 -7.76 6.04
C GLU A 75 3.87 -6.38 6.66
N ASN A 76 2.90 -6.20 7.55
CA ASN A 76 2.63 -4.88 8.14
C ASN A 76 3.79 -4.37 9.01
N SER A 77 4.60 -5.28 9.53
CA SER A 77 5.73 -4.91 10.38
C SER A 77 6.99 -4.61 9.55
N LYS A 78 6.84 -4.63 8.24
CA LYS A 78 7.91 -4.32 7.34
C LYS A 78 7.86 -2.86 6.95
N THR A 79 8.92 -2.39 6.37
CA THR A 79 9.00 -1.06 5.88
C THR A 79 9.08 -1.11 4.37
N VAL A 80 8.91 0.04 3.71
CA VAL A 80 9.07 0.08 2.26
C VAL A 80 10.52 -0.27 1.95
N LYS A 81 11.41 0.21 2.82
CA LYS A 81 12.85 -0.03 2.77
C LYS A 81 13.19 -1.53 2.75
N ASP A 82 12.42 -2.34 3.48
CA ASP A 82 12.72 -3.77 3.61
C ASP A 82 12.59 -4.49 2.27
N TYR A 83 11.66 -4.04 1.45
CA TYR A 83 11.46 -4.61 0.12
C TYR A 83 12.11 -3.75 -0.95
N ARG A 84 12.77 -2.73 -0.52
CA ARG A 84 13.53 -1.86 -1.37
C ARG A 84 14.98 -2.24 -1.32
N SER A 85 15.67 -1.97 -2.37
CA SER A 85 17.06 -2.24 -2.44
C SER A 85 17.85 -1.00 -1.96
N PRO A 86 19.18 -1.14 -1.68
CA PRO A 86 20.03 -0.01 -1.26
C PRO A 86 20.02 1.14 -2.26
N VAL A 87 20.55 2.30 -1.82
CA VAL A 87 20.58 3.58 -2.56
C VAL A 87 19.19 4.08 -2.93
N SER A 88 18.81 5.14 -2.25
CA SER A 88 17.52 5.73 -2.41
C SER A 88 17.31 6.27 -3.84
N ASN A 89 16.45 5.61 -4.53
CA ASN A 89 16.13 5.89 -5.89
C ASN A 89 14.92 6.79 -5.96
N LEU A 90 15.03 7.88 -6.69
CA LEU A 90 14.00 8.83 -6.82
C LEU A 90 12.87 8.30 -7.67
N ALA A 91 11.78 8.99 -7.67
CA ALA A 91 10.64 8.59 -8.38
C ALA A 91 10.67 9.08 -9.81
N GLY A 92 11.44 8.39 -10.62
CA GLY A 92 11.46 8.65 -12.03
C GLY A 92 10.35 7.85 -12.65
N ALA A 93 10.16 6.69 -12.08
CA ALA A 93 9.08 5.82 -12.41
C ALA A 93 8.17 5.78 -11.21
N VAL A 94 6.91 5.60 -11.42
CA VAL A 94 6.01 5.54 -10.29
C VAL A 94 5.98 4.12 -9.79
N THR A 95 6.16 3.94 -8.52
CA THR A 95 6.26 2.63 -7.97
C THR A 95 4.86 2.04 -7.87
N THR A 96 4.63 0.98 -8.59
CA THR A 96 3.35 0.39 -8.63
C THR A 96 3.29 -0.84 -7.73
N MET A 97 2.43 -0.79 -6.75
CA MET A 97 2.22 -1.93 -5.89
C MET A 97 0.90 -2.54 -6.21
N HIS A 98 0.86 -3.83 -6.22
CA HIS A 98 -0.35 -4.53 -6.55
C HIS A 98 -1.11 -4.84 -5.30
N VAL A 99 -2.36 -4.56 -5.31
CA VAL A 99 -3.20 -4.78 -4.18
C VAL A 99 -4.10 -5.94 -4.44
N ILE A 100 -4.13 -6.81 -3.51
CA ILE A 100 -4.94 -7.96 -3.55
C ILE A 100 -6.20 -7.68 -2.80
N ILE A 101 -7.28 -7.80 -3.48
CA ILE A 101 -8.55 -7.52 -2.94
C ILE A 101 -9.11 -8.75 -2.28
N GLN A 102 -9.15 -8.72 -0.99
CA GLN A 102 -9.77 -9.75 -0.26
C GLN A 102 -10.64 -9.13 0.78
N ALA A 103 -11.86 -9.53 0.78
CA ALA A 103 -12.82 -9.02 1.71
C ALA A 103 -12.74 -9.78 3.01
N PRO A 104 -13.14 -9.17 4.13
CA PRO A 104 -13.24 -9.89 5.38
C PRO A 104 -14.35 -10.89 5.24
N VAL A 105 -14.08 -12.11 5.58
CA VAL A 105 -15.05 -13.13 5.37
C VAL A 105 -16.10 -13.15 6.46
N THR A 106 -17.04 -12.26 6.35
CA THR A 106 -18.15 -12.21 7.19
C THR A 106 -19.19 -13.18 6.66
N GLU A 107 -18.99 -14.42 6.98
CA GLU A 107 -19.78 -15.50 6.48
C GLU A 107 -20.88 -15.83 7.47
N LYS A 108 -22.04 -16.16 6.93
CA LYS A 108 -23.24 -16.50 7.67
C LYS A 108 -23.86 -15.26 8.29
N GLU A 109 -25.05 -14.94 7.83
CA GLU A 109 -25.78 -13.78 8.28
C GLU A 109 -26.07 -13.86 9.77
N LYS A 110 -25.56 -12.91 10.49
CA LYS A 110 -25.73 -12.84 11.91
C LYS A 110 -26.71 -11.76 12.35
N GLU A 10 3.09 13.56 -7.10
CA GLU A 10 3.25 14.94 -6.66
C GLU A 10 4.27 14.95 -5.55
N ALA A 11 5.53 15.18 -5.92
CA ALA A 11 6.64 15.17 -5.00
C ALA A 11 7.83 15.85 -5.64
N GLU A 12 8.86 16.06 -4.84
CA GLU A 12 10.08 16.70 -5.24
C GLU A 12 11.22 15.98 -4.55
N VAL A 13 12.38 16.56 -4.58
CA VAL A 13 13.49 16.07 -3.79
C VAL A 13 13.13 16.33 -2.31
N HIS A 14 13.66 15.51 -1.40
CA HIS A 14 13.32 15.51 0.03
C HIS A 14 12.05 14.71 0.27
N ASN A 15 11.38 14.34 -0.81
CA ASN A 15 10.25 13.45 -0.75
C ASN A 15 10.76 12.09 -1.16
N GLN A 16 10.46 11.10 -0.37
CA GLN A 16 10.98 9.78 -0.57
C GLN A 16 10.36 9.05 -1.75
N LEU A 17 9.45 8.20 -1.46
CA LEU A 17 8.78 7.46 -2.49
C LEU A 17 7.29 7.68 -2.44
N GLU A 18 6.67 7.85 -3.57
CA GLU A 18 5.26 7.92 -3.61
C GLU A 18 4.75 6.58 -4.00
N ILE A 19 3.74 6.14 -3.37
CA ILE A 19 3.17 4.87 -3.69
C ILE A 19 1.72 5.03 -3.99
N LYS A 20 1.29 4.44 -5.06
CA LYS A 20 -0.11 4.39 -5.36
C LYS A 20 -0.53 2.95 -5.36
N PHE A 21 -1.77 2.71 -5.14
CA PHE A 21 -2.25 1.35 -5.00
C PHE A 21 -3.15 1.01 -6.16
N ARG A 22 -2.90 -0.11 -6.78
CA ARG A 22 -3.74 -0.56 -7.87
C ARG A 22 -4.37 -1.90 -7.55
N LEU A 23 -5.66 -1.99 -7.71
CA LEU A 23 -6.40 -3.22 -7.49
C LEU A 23 -6.49 -3.98 -8.81
N THR A 24 -6.93 -5.22 -8.74
CA THR A 24 -7.02 -6.10 -9.91
C THR A 24 -8.07 -5.59 -10.93
N ASP A 25 -9.00 -4.79 -10.44
CA ASP A 25 -10.05 -4.21 -11.28
C ASP A 25 -9.53 -3.02 -12.05
N GLY A 26 -8.29 -2.64 -11.77
CA GLY A 26 -7.69 -1.51 -12.42
C GLY A 26 -7.96 -0.25 -11.64
N SER A 27 -8.62 -0.41 -10.52
CA SER A 27 -8.95 0.66 -9.64
C SER A 27 -7.68 1.13 -8.95
N ASP A 28 -7.42 2.41 -8.95
CA ASP A 28 -6.26 2.92 -8.30
C ASP A 28 -6.62 3.85 -7.19
N ILE A 29 -5.78 3.89 -6.21
CA ILE A 29 -5.89 4.78 -5.11
C ILE A 29 -4.76 5.79 -5.25
N GLY A 30 -5.04 7.05 -4.95
CA GLY A 30 -4.10 8.14 -5.12
C GLY A 30 -2.73 7.90 -4.51
N PRO A 31 -1.65 8.37 -5.16
CA PRO A 31 -0.31 8.17 -4.67
C PRO A 31 0.04 9.16 -3.57
N LYS A 32 0.70 8.68 -2.57
CA LYS A 32 1.15 9.50 -1.46
C LYS A 32 2.57 9.24 -1.23
N ALA A 33 3.19 10.10 -0.52
CA ALA A 33 4.61 9.94 -0.24
C ALA A 33 4.80 9.13 1.02
N PHE A 34 5.52 8.07 0.88
CA PHE A 34 5.84 7.21 1.98
C PHE A 34 7.34 7.24 2.16
N PRO A 35 7.78 7.73 3.28
CA PRO A 35 9.19 7.72 3.64
C PRO A 35 9.72 6.30 3.88
N ASP A 36 11.02 6.12 3.65
CA ASP A 36 11.73 4.86 3.91
C ASP A 36 11.49 4.38 5.34
N ALA A 37 11.27 5.32 6.25
CA ALA A 37 11.08 5.01 7.66
C ALA A 37 9.66 4.54 7.93
N THR A 38 8.79 4.62 6.95
CA THR A 38 7.44 4.16 7.09
C THR A 38 7.42 2.63 6.92
N THR A 39 6.62 1.97 7.71
CA THR A 39 6.57 0.54 7.64
C THR A 39 5.52 0.08 6.67
N VAL A 40 5.64 -1.16 6.25
CA VAL A 40 4.66 -1.76 5.37
C VAL A 40 3.31 -1.91 6.12
N SER A 41 3.39 -2.01 7.45
CA SER A 41 2.20 -2.01 8.27
C SER A 41 1.52 -0.64 8.15
N ALA A 42 2.30 0.44 8.26
CA ALA A 42 1.78 1.80 8.12
C ALA A 42 1.34 2.08 6.69
N LEU A 43 1.92 1.36 5.75
CA LEU A 43 1.56 1.40 4.38
C LEU A 43 0.13 0.86 4.24
N LYS A 44 -0.12 -0.27 4.90
CA LYS A 44 -1.44 -0.86 4.95
C LYS A 44 -2.41 0.02 5.74
N GLU A 45 -1.92 0.66 6.80
CA GLU A 45 -2.70 1.61 7.58
C GLU A 45 -3.21 2.74 6.68
N THR A 46 -2.33 3.20 5.80
CA THR A 46 -2.66 4.26 4.85
C THR A 46 -3.81 3.81 3.93
N VAL A 47 -3.77 2.54 3.52
CA VAL A 47 -4.81 1.96 2.69
C VAL A 47 -6.13 1.99 3.44
N ILE A 48 -6.11 1.51 4.69
CA ILE A 48 -7.30 1.46 5.56
C ILE A 48 -7.91 2.85 5.72
N SER A 49 -7.05 3.84 5.83
CA SER A 49 -7.47 5.22 6.01
C SER A 49 -8.25 5.76 4.82
N GLU A 50 -7.83 5.44 3.62
CA GLU A 50 -8.42 5.98 2.45
C GLU A 50 -9.52 5.08 1.89
N TRP A 51 -9.50 3.84 2.30
CA TRP A 51 -10.48 2.87 1.88
C TRP A 51 -11.81 3.24 2.52
N PRO A 52 -12.92 3.24 1.73
CA PRO A 52 -14.26 3.57 2.23
C PRO A 52 -14.57 2.84 3.53
N ARG A 53 -14.87 3.59 4.58
CA ARG A 53 -15.12 3.01 5.91
C ARG A 53 -16.47 2.30 5.92
N GLU A 54 -17.36 2.80 5.10
CA GLU A 54 -18.73 2.35 5.04
C GLU A 54 -18.87 1.15 4.07
N LYS A 55 -17.73 0.71 3.53
CA LYS A 55 -17.68 -0.36 2.56
C LYS A 55 -18.35 -1.63 3.11
N GLU A 56 -19.07 -2.31 2.29
CA GLU A 56 -19.64 -3.53 2.66
C GLU A 56 -19.21 -4.58 1.69
N ASN A 57 -18.91 -5.73 2.23
CA ASN A 57 -18.37 -6.88 1.47
C ASN A 57 -16.99 -6.55 0.93
N GLY A 58 -16.35 -5.57 1.53
CA GLY A 58 -15.07 -5.15 1.08
C GLY A 58 -14.06 -5.11 2.19
N PRO A 59 -12.77 -5.24 1.85
CA PRO A 59 -11.63 -5.18 2.81
C PRO A 59 -11.73 -4.06 3.84
N LYS A 60 -11.05 -4.23 4.94
CA LYS A 60 -11.03 -3.20 5.95
C LYS A 60 -9.63 -2.99 6.46
N THR A 61 -9.00 -4.05 6.87
CA THR A 61 -7.76 -3.94 7.56
C THR A 61 -6.57 -4.53 6.82
N VAL A 62 -5.39 -4.31 7.42
CA VAL A 62 -4.06 -4.77 7.01
C VAL A 62 -4.09 -6.27 6.67
N LYS A 63 -5.01 -7.00 7.28
CA LYS A 63 -5.09 -8.42 7.15
C LYS A 63 -5.69 -8.80 5.80
N GLU A 64 -6.49 -7.90 5.24
CA GLU A 64 -7.18 -8.18 3.99
C GLU A 64 -6.42 -7.63 2.78
N VAL A 65 -5.39 -6.86 3.04
CA VAL A 65 -4.67 -6.18 1.97
C VAL A 65 -3.21 -6.63 1.90
N LYS A 66 -2.80 -7.10 0.73
CA LYS A 66 -1.41 -7.39 0.49
C LYS A 66 -0.86 -6.48 -0.59
N LEU A 67 0.39 -6.10 -0.45
CA LEU A 67 1.06 -5.25 -1.42
C LEU A 67 2.14 -6.03 -2.14
N ILE A 68 2.04 -6.09 -3.44
CA ILE A 68 3.02 -6.76 -4.27
C ILE A 68 3.72 -5.75 -5.19
N SER A 69 5.02 -5.78 -5.17
CA SER A 69 5.82 -4.98 -6.04
C SER A 69 6.95 -5.83 -6.61
N ALA A 70 7.13 -5.78 -7.92
CA ALA A 70 8.16 -6.55 -8.65
C ALA A 70 7.88 -8.05 -8.57
N GLY A 71 6.65 -8.38 -8.24
CA GLY A 71 6.25 -9.75 -8.09
C GLY A 71 6.61 -10.29 -6.72
N LYS A 72 6.86 -9.41 -5.78
CA LYS A 72 7.23 -9.81 -4.45
C LYS A 72 6.30 -9.15 -3.44
N VAL A 73 5.81 -9.93 -2.50
CA VAL A 73 4.90 -9.45 -1.48
C VAL A 73 5.71 -8.76 -0.39
N LEU A 74 5.27 -7.60 0.04
CA LEU A 74 5.92 -6.90 1.11
C LEU A 74 5.42 -7.41 2.43
N GLU A 75 6.34 -7.86 3.27
CA GLU A 75 6.00 -8.25 4.62
C GLU A 75 5.63 -6.99 5.38
N ASN A 76 4.48 -6.98 6.06
CA ASN A 76 4.04 -5.76 6.74
C ASN A 76 4.97 -5.38 7.89
N SER A 77 5.68 -6.34 8.40
CA SER A 77 6.58 -6.13 9.51
C SER A 77 7.94 -5.58 9.07
N LYS A 78 8.10 -5.31 7.79
CA LYS A 78 9.28 -4.68 7.29
C LYS A 78 9.03 -3.20 7.10
N THR A 79 10.09 -2.45 6.98
CA THR A 79 9.99 -1.04 6.75
C THR A 79 10.26 -0.82 5.26
N VAL A 80 9.95 0.35 4.74
CA VAL A 80 10.20 0.61 3.32
C VAL A 80 11.71 0.55 3.05
N LYS A 81 12.47 1.06 4.00
CA LYS A 81 13.92 1.06 3.92
C LYS A 81 14.48 -0.38 3.88
N ASP A 82 13.82 -1.30 4.56
CA ASP A 82 14.26 -2.68 4.59
C ASP A 82 13.96 -3.37 3.32
N TYR A 83 12.86 -3.00 2.71
CA TYR A 83 12.40 -3.66 1.52
C TYR A 83 13.21 -3.24 0.30
N ARG A 84 13.65 -1.98 0.27
CA ARG A 84 14.37 -1.49 -0.83
C ARG A 84 15.77 -2.07 -0.90
N SER A 85 16.24 -2.26 -2.09
CA SER A 85 17.53 -2.77 -2.34
C SER A 85 18.54 -1.61 -2.53
N PRO A 86 19.83 -1.82 -2.14
CA PRO A 86 20.92 -0.82 -2.27
C PRO A 86 20.99 -0.15 -3.65
N VAL A 87 21.67 0.99 -3.69
CA VAL A 87 21.78 1.86 -4.87
C VAL A 87 20.44 2.18 -5.51
N SER A 88 19.76 3.04 -4.83
CA SER A 88 18.45 3.51 -5.16
C SER A 88 18.11 4.61 -4.17
N ASN A 89 17.90 5.80 -4.66
CA ASN A 89 17.63 6.91 -3.76
C ASN A 89 16.38 7.67 -4.17
N LEU A 90 15.88 8.48 -3.25
CA LEU A 90 14.74 9.24 -3.42
C LEU A 90 14.91 10.37 -4.40
N ALA A 91 13.77 10.88 -4.80
CA ALA A 91 13.62 11.96 -5.78
C ALA A 91 12.14 12.09 -6.09
N GLY A 92 11.31 11.71 -5.12
CA GLY A 92 9.89 11.64 -5.35
C GLY A 92 9.59 10.51 -6.32
N ALA A 93 10.14 9.35 -6.02
CA ALA A 93 10.01 8.21 -6.91
C ALA A 93 8.66 7.56 -6.75
N VAL A 94 7.93 7.46 -7.84
CA VAL A 94 6.61 6.87 -7.80
C VAL A 94 6.71 5.36 -7.95
N THR A 95 6.09 4.67 -7.06
CA THR A 95 6.06 3.25 -7.03
C THR A 95 4.60 2.81 -7.05
N THR A 96 4.29 1.83 -7.85
CA THR A 96 2.95 1.36 -7.92
C THR A 96 2.89 -0.04 -7.35
N MET A 97 2.13 -0.22 -6.32
CA MET A 97 2.00 -1.51 -5.72
C MET A 97 0.69 -2.13 -6.08
N HIS A 98 0.75 -3.39 -6.39
CA HIS A 98 -0.41 -4.13 -6.79
C HIS A 98 -1.05 -4.70 -5.57
N VAL A 99 -2.29 -4.41 -5.39
CA VAL A 99 -3.01 -4.82 -4.21
C VAL A 99 -3.72 -6.12 -4.45
N ILE A 100 -3.43 -7.03 -3.59
CA ILE A 100 -4.04 -8.31 -3.58
C ILE A 100 -5.04 -8.34 -2.46
N ILE A 101 -6.27 -8.49 -2.83
CA ILE A 101 -7.36 -8.46 -1.92
C ILE A 101 -7.66 -9.87 -1.41
N GLN A 102 -7.76 -9.98 -0.13
CA GLN A 102 -8.19 -11.17 0.49
C GLN A 102 -9.66 -11.02 0.68
N ALA A 103 -10.38 -11.94 0.15
CA ALA A 103 -11.85 -11.89 0.15
C ALA A 103 -12.37 -11.88 1.58
N PRO A 104 -12.98 -10.78 2.00
CA PRO A 104 -13.45 -10.62 3.35
C PRO A 104 -14.74 -11.35 3.63
N VAL A 105 -14.92 -11.72 4.84
CA VAL A 105 -16.11 -12.35 5.28
C VAL A 105 -16.83 -11.38 6.16
N THR A 106 -18.04 -11.06 5.82
CA THR A 106 -18.79 -10.17 6.61
C THR A 106 -19.94 -10.91 7.24
N GLU A 107 -19.69 -11.36 8.44
CA GLU A 107 -20.63 -12.09 9.19
C GLU A 107 -21.73 -11.13 9.63
N LYS A 108 -22.96 -11.55 9.39
CA LYS A 108 -24.13 -10.70 9.49
C LYS A 108 -24.02 -9.66 8.38
N GLU A 109 -24.25 -10.11 7.19
CA GLU A 109 -24.10 -9.31 6.00
C GLU A 109 -25.37 -8.51 5.76
N LYS A 110 -25.28 -7.53 4.92
CA LYS A 110 -26.39 -6.73 4.56
C LYS A 110 -27.16 -7.46 3.47
N GLU A 10 -1.29 19.97 3.46
CA GLU A 10 -1.43 18.59 3.06
C GLU A 10 -0.77 18.39 1.71
N ALA A 11 0.50 17.97 1.72
CA ALA A 11 1.29 17.74 0.52
C ALA A 11 2.66 17.19 0.89
N GLU A 12 3.04 16.11 0.26
CA GLU A 12 4.31 15.47 0.50
C GLU A 12 5.42 16.13 -0.29
N VAL A 13 6.59 16.17 0.28
CA VAL A 13 7.75 16.73 -0.38
C VAL A 13 8.42 15.67 -1.23
N HIS A 14 8.91 16.06 -2.37
CA HIS A 14 9.54 15.14 -3.28
C HIS A 14 10.98 14.88 -2.90
N ASN A 15 11.14 13.88 -2.10
CA ASN A 15 12.44 13.42 -1.63
C ASN A 15 12.32 11.94 -1.37
N GLN A 16 11.21 11.59 -0.74
CA GLN A 16 10.86 10.20 -0.46
C GLN A 16 10.42 9.53 -1.74
N LEU A 17 10.03 8.29 -1.66
CA LEU A 17 9.62 7.59 -2.85
C LEU A 17 8.11 7.60 -2.95
N GLU A 18 7.61 7.88 -4.10
CA GLU A 18 6.21 7.98 -4.30
C GLU A 18 5.67 6.66 -4.70
N ILE A 19 4.67 6.24 -4.04
CA ILE A 19 4.09 4.96 -4.32
C ILE A 19 2.68 5.14 -4.76
N LYS A 20 2.32 4.43 -5.77
CA LYS A 20 0.97 4.36 -6.17
C LYS A 20 0.50 2.93 -6.02
N PHE A 21 -0.66 2.76 -5.52
CA PHE A 21 -1.19 1.44 -5.32
C PHE A 21 -2.03 1.08 -6.52
N ARG A 22 -1.65 0.05 -7.22
CA ARG A 22 -2.36 -0.35 -8.38
C ARG A 22 -3.03 -1.68 -8.16
N LEU A 23 -4.28 -1.72 -8.48
CA LEU A 23 -5.07 -2.90 -8.36
C LEU A 23 -4.96 -3.76 -9.60
N THR A 24 -5.44 -4.98 -9.50
CA THR A 24 -5.39 -5.93 -10.58
C THR A 24 -6.34 -5.57 -11.74
N ASP A 25 -7.29 -4.70 -11.46
CA ASP A 25 -8.24 -4.21 -12.48
C ASP A 25 -7.64 -3.10 -13.33
N GLY A 26 -6.43 -2.71 -13.02
CA GLY A 26 -5.78 -1.66 -13.76
C GLY A 26 -6.12 -0.31 -13.21
N SER A 27 -6.86 -0.31 -12.14
CA SER A 27 -7.22 0.89 -11.46
C SER A 27 -6.16 1.17 -10.43
N ASP A 28 -5.71 2.39 -10.34
CA ASP A 28 -4.72 2.72 -9.39
C ASP A 28 -5.08 3.93 -8.59
N ILE A 29 -4.39 4.07 -7.50
CA ILE A 29 -4.60 5.15 -6.59
C ILE A 29 -3.45 6.12 -6.76
N GLY A 30 -3.78 7.41 -6.76
CA GLY A 30 -2.80 8.46 -6.96
C GLY A 30 -1.56 8.32 -6.08
N PRO A 31 -0.37 8.56 -6.63
CA PRO A 31 0.87 8.41 -5.91
C PRO A 31 1.13 9.50 -4.88
N LYS A 32 1.68 9.09 -3.78
CA LYS A 32 2.11 9.99 -2.70
C LYS A 32 3.48 9.60 -2.28
N ALA A 33 4.18 10.46 -1.57
CA ALA A 33 5.54 10.15 -1.18
C ALA A 33 5.57 9.44 0.16
N PHE A 34 6.16 8.27 0.17
CA PHE A 34 6.29 7.45 1.34
C PHE A 34 7.75 7.22 1.58
N PRO A 35 8.24 7.44 2.77
CA PRO A 35 9.60 7.08 3.10
C PRO A 35 9.76 5.57 3.06
N ASP A 36 10.93 5.11 2.66
CA ASP A 36 11.21 3.68 2.62
C ASP A 36 11.33 3.13 4.03
N ALA A 37 11.48 4.04 4.98
CA ALA A 37 11.56 3.72 6.39
C ALA A 37 10.15 3.51 6.99
N THR A 38 9.13 3.64 6.16
CA THR A 38 7.76 3.41 6.59
C THR A 38 7.50 1.90 6.69
N THR A 39 6.80 1.49 7.71
CA THR A 39 6.54 0.11 7.90
C THR A 39 5.36 -0.35 7.06
N VAL A 40 5.27 -1.64 6.81
CA VAL A 40 4.18 -2.20 6.05
C VAL A 40 2.86 -2.03 6.80
N SER A 41 2.95 -1.97 8.12
CA SER A 41 1.77 -1.75 8.94
C SER A 41 1.12 -0.40 8.59
N ALA A 42 1.93 0.64 8.54
CA ALA A 42 1.44 1.98 8.21
C ALA A 42 1.14 2.09 6.71
N LEU A 43 1.88 1.36 5.90
CA LEU A 43 1.69 1.34 4.49
C LEU A 43 0.30 0.77 4.17
N LYS A 44 -0.01 -0.35 4.80
CA LYS A 44 -1.30 -1.02 4.63
C LYS A 44 -2.41 -0.12 5.15
N GLU A 45 -2.16 0.47 6.31
CA GLU A 45 -3.06 1.35 7.00
C GLU A 45 -3.46 2.52 6.06
N THR A 46 -2.48 3.00 5.32
CA THR A 46 -2.70 4.07 4.38
C THR A 46 -3.67 3.59 3.27
N VAL A 47 -3.48 2.35 2.80
CA VAL A 47 -4.36 1.76 1.78
C VAL A 47 -5.79 1.69 2.32
N ILE A 48 -5.92 1.29 3.58
CA ILE A 48 -7.22 1.14 4.24
C ILE A 48 -7.93 2.51 4.31
N SER A 49 -7.15 3.57 4.46
CA SER A 49 -7.70 4.91 4.51
C SER A 49 -8.09 5.40 3.09
N GLU A 50 -7.24 5.08 2.10
CA GLU A 50 -7.43 5.49 0.74
C GLU A 50 -8.58 4.76 0.08
N TRP A 51 -8.71 3.50 0.36
CA TRP A 51 -9.78 2.73 -0.17
C TRP A 51 -10.97 2.96 0.73
N PRO A 52 -12.13 3.31 0.16
CA PRO A 52 -13.35 3.54 0.93
C PRO A 52 -13.69 2.37 1.86
N ARG A 53 -13.57 2.63 3.16
CA ARG A 53 -13.87 1.64 4.21
C ARG A 53 -15.32 1.24 4.21
N GLU A 54 -16.13 2.10 3.64
CA GLU A 54 -17.56 1.89 3.51
C GLU A 54 -17.86 0.77 2.51
N LYS A 55 -16.87 0.43 1.69
CA LYS A 55 -16.96 -0.66 0.78
C LYS A 55 -16.78 -1.96 1.52
N GLU A 56 -17.62 -2.91 1.25
CA GLU A 56 -17.56 -4.16 1.90
C GLU A 56 -17.49 -5.26 0.88
N ASN A 57 -16.96 -6.40 1.28
CA ASN A 57 -16.72 -7.57 0.38
C ASN A 57 -15.62 -7.28 -0.62
N GLY A 58 -14.90 -6.24 -0.36
CA GLY A 58 -13.72 -5.92 -1.09
C GLY A 58 -12.60 -5.81 -0.11
N PRO A 59 -12.56 -4.72 0.64
CA PRO A 59 -11.60 -4.55 1.70
C PRO A 59 -12.24 -4.92 3.04
N LYS A 60 -11.54 -4.64 4.10
CA LYS A 60 -12.04 -4.82 5.43
C LYS A 60 -11.15 -4.09 6.42
N THR A 61 -10.10 -4.72 6.83
CA THR A 61 -9.17 -4.12 7.75
C THR A 61 -7.73 -4.32 7.28
N VAL A 62 -6.80 -3.70 7.99
CA VAL A 62 -5.36 -3.78 7.73
C VAL A 62 -4.90 -5.25 7.59
N LYS A 63 -5.44 -6.07 8.48
CA LYS A 63 -5.16 -7.50 8.56
C LYS A 63 -5.66 -8.26 7.31
N GLU A 64 -6.81 -7.88 6.81
CA GLU A 64 -7.49 -8.63 5.74
C GLU A 64 -6.97 -8.31 4.35
N VAL A 65 -6.39 -7.14 4.18
CA VAL A 65 -5.93 -6.71 2.87
C VAL A 65 -4.45 -7.06 2.71
N LYS A 66 -4.09 -7.56 1.54
CA LYS A 66 -2.73 -7.95 1.26
C LYS A 66 -2.02 -6.95 0.36
N LEU A 67 -0.75 -6.76 0.60
CA LEU A 67 0.05 -5.84 -0.16
C LEU A 67 1.21 -6.62 -0.81
N ILE A 68 1.38 -6.48 -2.12
CA ILE A 68 2.40 -7.21 -2.88
C ILE A 68 3.19 -6.30 -3.83
N SER A 69 4.50 -6.38 -3.75
CA SER A 69 5.37 -5.69 -4.64
C SER A 69 6.37 -6.69 -5.16
N ALA A 70 6.55 -6.74 -6.48
CA ALA A 70 7.50 -7.65 -7.15
C ALA A 70 7.12 -9.12 -6.92
N GLY A 71 5.86 -9.34 -6.56
CA GLY A 71 5.37 -10.66 -6.30
C GLY A 71 5.63 -11.12 -4.88
N LYS A 72 6.11 -10.21 -4.04
CA LYS A 72 6.41 -10.51 -2.67
C LYS A 72 5.33 -9.96 -1.79
N VAL A 73 4.95 -10.70 -0.79
CA VAL A 73 3.93 -10.28 0.13
C VAL A 73 4.60 -9.53 1.26
N LEU A 74 4.21 -8.31 1.46
CA LEU A 74 4.77 -7.54 2.49
C LEU A 74 4.12 -7.84 3.81
N GLU A 75 4.91 -8.40 4.69
CA GLU A 75 4.48 -8.81 6.00
C GLU A 75 4.41 -7.51 6.84
N ASN A 76 3.47 -7.42 7.76
CA ASN A 76 3.19 -6.15 8.48
C ASN A 76 4.37 -5.68 9.32
N SER A 77 5.18 -6.61 9.79
CA SER A 77 6.30 -6.29 10.64
C SER A 77 7.54 -5.86 9.82
N LYS A 78 7.36 -5.78 8.52
CA LYS A 78 8.40 -5.37 7.62
C LYS A 78 8.35 -3.89 7.35
N THR A 79 9.41 -3.39 6.79
CA THR A 79 9.50 -2.02 6.40
C THR A 79 9.59 -2.01 4.87
N VAL A 80 9.32 -0.86 4.23
CA VAL A 80 9.38 -0.79 2.76
C VAL A 80 10.80 -1.07 2.28
N LYS A 81 11.74 -0.52 3.02
CA LYS A 81 13.17 -0.66 2.80
C LYS A 81 13.61 -2.13 2.69
N ASP A 82 12.94 -3.02 3.43
CA ASP A 82 13.35 -4.43 3.49
C ASP A 82 13.15 -5.13 2.16
N TYR A 83 12.14 -4.74 1.43
CA TYR A 83 11.87 -5.33 0.14
C TYR A 83 12.40 -4.48 -1.00
N ARG A 84 12.75 -3.25 -0.68
CA ARG A 84 13.17 -2.32 -1.66
C ARG A 84 14.62 -2.57 -2.07
N SER A 85 14.87 -2.44 -3.34
CA SER A 85 16.18 -2.58 -3.87
C SER A 85 16.91 -1.22 -3.76
N PRO A 86 18.26 -1.20 -3.73
CA PRO A 86 19.04 0.04 -3.70
C PRO A 86 19.02 0.76 -5.07
N VAL A 87 20.01 1.61 -5.32
CA VAL A 87 20.16 2.38 -6.56
C VAL A 87 19.18 3.55 -6.66
N SER A 88 17.97 3.28 -6.34
CA SER A 88 16.92 4.28 -6.36
C SER A 88 17.06 5.23 -5.17
N ASN A 89 17.64 6.39 -5.42
CA ASN A 89 17.87 7.39 -4.39
C ASN A 89 17.44 8.75 -4.87
N LEU A 90 16.56 8.77 -5.87
CA LEU A 90 16.07 9.97 -6.41
C LEU A 90 15.12 10.66 -5.43
N ALA A 91 14.81 11.88 -5.71
CA ALA A 91 13.98 12.66 -4.91
C ALA A 91 12.60 12.67 -5.51
N GLY A 92 11.83 11.72 -5.11
CA GLY A 92 10.51 11.56 -5.63
C GLY A 92 10.47 10.55 -6.74
N ALA A 93 10.85 9.33 -6.42
CA ALA A 93 10.84 8.24 -7.38
C ALA A 93 9.57 7.46 -7.20
N VAL A 94 8.83 7.28 -8.25
CA VAL A 94 7.57 6.60 -8.16
C VAL A 94 7.76 5.10 -8.29
N THR A 95 7.16 4.39 -7.39
CA THR A 95 7.17 2.97 -7.36
C THR A 95 5.73 2.45 -7.51
N THR A 96 5.57 1.43 -8.30
CA THR A 96 4.28 0.82 -8.49
C THR A 96 4.16 -0.38 -7.55
N MET A 97 3.18 -0.31 -6.70
CA MET A 97 2.94 -1.32 -5.73
C MET A 97 1.55 -1.89 -5.92
N HIS A 98 1.40 -3.18 -5.73
CA HIS A 98 0.12 -3.82 -5.99
C HIS A 98 -0.60 -4.16 -4.72
N VAL A 99 -1.87 -3.92 -4.73
CA VAL A 99 -2.73 -4.25 -3.62
C VAL A 99 -3.59 -5.39 -4.03
N ILE A 100 -3.64 -6.36 -3.20
CA ILE A 100 -4.37 -7.53 -3.46
C ILE A 100 -5.60 -7.58 -2.60
N ILE A 101 -6.71 -7.53 -3.28
CA ILE A 101 -7.98 -7.52 -2.64
C ILE A 101 -8.51 -8.93 -2.49
N GLN A 102 -8.51 -9.41 -1.29
CA GLN A 102 -9.07 -10.68 -0.97
C GLN A 102 -10.27 -10.43 -0.13
N ALA A 103 -11.42 -10.72 -0.69
CA ALA A 103 -12.68 -10.49 -0.04
C ALA A 103 -12.89 -11.47 1.11
N PRO A 104 -12.90 -10.97 2.34
CA PRO A 104 -13.09 -11.81 3.49
C PRO A 104 -14.56 -12.11 3.73
N VAL A 105 -14.82 -13.21 4.39
CA VAL A 105 -16.17 -13.58 4.71
C VAL A 105 -16.51 -13.05 6.09
N THR A 106 -17.35 -12.07 6.14
CA THR A 106 -17.73 -11.43 7.34
C THR A 106 -19.16 -11.03 7.21
N GLU A 107 -19.79 -10.90 8.30
CA GLU A 107 -21.15 -10.53 8.35
C GLU A 107 -21.19 -9.06 8.77
N LYS A 108 -22.36 -8.46 8.83
CA LYS A 108 -22.47 -7.08 9.18
C LYS A 108 -21.96 -6.81 10.59
N GLU A 109 -20.99 -5.96 10.66
CA GLU A 109 -20.29 -5.68 11.86
C GLU A 109 -20.18 -4.17 12.03
N LYS A 110 -20.73 -3.66 13.14
CA LYS A 110 -20.69 -2.23 13.46
C LYS A 110 -21.53 -1.39 12.50
N GLU A 10 8.23 21.71 1.60
CA GLU A 10 8.66 20.89 0.46
C GLU A 10 7.55 20.78 -0.58
N ALA A 11 7.74 21.39 -1.72
CA ALA A 11 6.84 21.22 -2.83
C ALA A 11 7.23 19.92 -3.50
N GLU A 12 6.48 18.88 -3.16
CA GLU A 12 6.79 17.49 -3.51
C GLU A 12 8.01 17.04 -2.74
N VAL A 13 7.81 16.27 -1.72
CA VAL A 13 8.92 15.73 -1.00
C VAL A 13 9.50 14.56 -1.76
N HIS A 14 10.47 14.90 -2.52
CA HIS A 14 11.09 14.01 -3.47
C HIS A 14 12.12 13.14 -2.77
N ASN A 15 12.29 13.39 -1.47
CA ASN A 15 13.16 12.57 -0.63
C ASN A 15 12.46 11.27 -0.32
N GLN A 16 11.15 11.27 -0.48
CA GLN A 16 10.35 10.13 -0.25
C GLN A 16 9.95 9.54 -1.58
N LEU A 17 9.53 8.33 -1.57
CA LEU A 17 9.10 7.67 -2.78
C LEU A 17 7.60 7.63 -2.84
N GLU A 18 7.03 7.88 -4.00
CA GLU A 18 5.61 7.91 -4.11
C GLU A 18 5.12 6.54 -4.44
N ILE A 19 4.07 6.15 -3.79
CA ILE A 19 3.50 4.85 -4.01
C ILE A 19 2.02 4.99 -4.29
N LYS A 20 1.55 4.22 -5.22
CA LYS A 20 0.15 4.13 -5.48
C LYS A 20 -0.25 2.68 -5.38
N PHE A 21 -1.46 2.45 -5.00
CA PHE A 21 -1.93 1.10 -4.82
C PHE A 21 -2.77 0.73 -6.03
N ARG A 22 -2.33 -0.26 -6.75
CA ARG A 22 -2.98 -0.64 -7.95
C ARG A 22 -3.71 -1.96 -7.74
N LEU A 23 -5.02 -1.88 -7.81
CA LEU A 23 -5.93 -2.99 -7.62
C LEU A 23 -5.79 -3.97 -8.76
N THR A 24 -6.01 -5.20 -8.44
CA THR A 24 -6.01 -6.26 -9.39
C THR A 24 -7.17 -6.08 -10.41
N ASP A 25 -8.14 -5.26 -10.02
CA ASP A 25 -9.31 -4.96 -10.86
C ASP A 25 -8.97 -3.92 -11.92
N GLY A 26 -7.77 -3.38 -11.84
CA GLY A 26 -7.31 -2.39 -12.81
C GLY A 26 -7.51 -0.96 -12.33
N SER A 27 -7.99 -0.82 -11.13
CA SER A 27 -8.17 0.49 -10.53
C SER A 27 -6.93 0.80 -9.71
N ASP A 28 -6.67 2.04 -9.44
CA ASP A 28 -5.57 2.41 -8.63
C ASP A 28 -5.96 3.54 -7.74
N ILE A 29 -5.25 3.70 -6.68
CA ILE A 29 -5.47 4.76 -5.73
C ILE A 29 -4.37 5.79 -5.92
N GLY A 30 -4.74 7.07 -5.84
CA GLY A 30 -3.78 8.16 -6.05
C GLY A 30 -2.49 8.01 -5.26
N PRO A 31 -1.34 8.36 -5.86
CA PRO A 31 -0.03 8.19 -5.24
C PRO A 31 0.25 9.21 -4.14
N LYS A 32 0.96 8.75 -3.15
CA LYS A 32 1.40 9.57 -2.04
C LYS A 32 2.85 9.37 -1.83
N ALA A 33 3.47 10.26 -1.13
CA ALA A 33 4.88 10.12 -0.84
C ALA A 33 5.04 9.36 0.46
N PHE A 34 5.79 8.31 0.41
CA PHE A 34 6.05 7.50 1.56
C PHE A 34 7.54 7.43 1.75
N PRO A 35 8.04 7.76 2.91
CA PRO A 35 9.44 7.56 3.22
C PRO A 35 9.72 6.06 3.26
N ASP A 36 10.91 5.69 2.89
CA ASP A 36 11.31 4.28 2.93
C ASP A 36 11.36 3.76 4.36
N ALA A 37 11.46 4.65 5.29
CA ALA A 37 11.51 4.27 6.70
C ALA A 37 10.11 3.96 7.24
N THR A 38 9.10 4.17 6.41
CA THR A 38 7.73 3.86 6.76
C THR A 38 7.55 2.34 6.79
N THR A 39 6.78 1.85 7.72
CA THR A 39 6.52 0.45 7.80
C THR A 39 5.49 0.03 6.77
N VAL A 40 5.56 -1.21 6.36
CA VAL A 40 4.59 -1.77 5.45
C VAL A 40 3.21 -1.83 6.13
N SER A 41 3.19 -1.90 7.47
CA SER A 41 1.94 -1.79 8.22
C SER A 41 1.29 -0.45 7.90
N ALA A 42 2.06 0.62 7.99
CA ALA A 42 1.56 1.97 7.72
C ALA A 42 1.22 2.14 6.25
N LEU A 43 1.92 1.40 5.41
CA LEU A 43 1.68 1.40 4.00
C LEU A 43 0.27 0.84 3.74
N LYS A 44 -0.02 -0.29 4.36
CA LYS A 44 -1.32 -0.92 4.24
C LYS A 44 -2.40 -0.10 4.94
N GLU A 45 -2.07 0.49 6.06
CA GLU A 45 -2.99 1.37 6.78
C GLU A 45 -3.35 2.59 5.93
N THR A 46 -2.41 3.05 5.11
CA THR A 46 -2.67 4.15 4.20
C THR A 46 -3.71 3.69 3.15
N VAL A 47 -3.61 2.42 2.74
CA VAL A 47 -4.57 1.78 1.84
C VAL A 47 -5.95 1.84 2.50
N ILE A 48 -5.98 1.44 3.77
CA ILE A 48 -7.19 1.38 4.58
C ILE A 48 -7.78 2.80 4.78
N SER A 49 -6.91 3.78 4.88
CA SER A 49 -7.32 5.16 5.05
C SER A 49 -8.05 5.67 3.80
N GLU A 50 -7.61 5.22 2.64
CA GLU A 50 -8.15 5.61 1.38
C GLU A 50 -9.29 4.68 0.96
N TRP A 51 -9.53 3.67 1.74
CA TRP A 51 -10.54 2.70 1.45
C TRP A 51 -11.74 2.97 2.37
N PRO A 52 -12.95 2.82 1.88
CA PRO A 52 -14.13 2.95 2.72
C PRO A 52 -14.28 1.74 3.67
N ARG A 53 -14.07 1.96 4.96
CA ARG A 53 -14.26 0.90 5.96
C ARG A 53 -15.73 0.63 6.15
N GLU A 54 -16.53 1.63 5.79
CA GLU A 54 -17.99 1.52 5.84
C GLU A 54 -18.49 0.46 4.85
N LYS A 55 -17.63 0.13 3.88
CA LYS A 55 -17.94 -0.83 2.85
C LYS A 55 -18.30 -2.18 3.44
N GLU A 56 -19.53 -2.57 3.28
CA GLU A 56 -19.93 -3.86 3.66
C GLU A 56 -19.44 -4.77 2.59
N ASN A 57 -18.77 -5.80 3.01
CA ASN A 57 -18.11 -6.72 2.10
C ASN A 57 -17.00 -5.99 1.32
N GLY A 58 -15.99 -5.58 2.06
CA GLY A 58 -14.85 -4.93 1.53
C GLY A 58 -13.85 -4.77 2.64
N PRO A 59 -12.56 -4.69 2.32
CA PRO A 59 -11.48 -4.52 3.31
C PRO A 59 -11.71 -3.40 4.32
N LYS A 60 -11.93 -3.77 5.55
CA LYS A 60 -12.10 -2.80 6.60
C LYS A 60 -10.80 -2.58 7.37
N THR A 61 -9.96 -3.60 7.43
CA THR A 61 -8.71 -3.49 8.17
C THR A 61 -7.49 -3.96 7.36
N VAL A 62 -6.30 -3.72 7.91
CA VAL A 62 -5.02 -4.09 7.31
C VAL A 62 -4.86 -5.62 7.21
N LYS A 63 -5.47 -6.32 8.15
CA LYS A 63 -5.41 -7.77 8.24
C LYS A 63 -6.00 -8.44 6.99
N GLU A 64 -6.99 -7.83 6.42
CA GLU A 64 -7.72 -8.44 5.33
C GLU A 64 -7.24 -7.95 3.96
N VAL A 65 -6.17 -7.19 3.96
CA VAL A 65 -5.58 -6.67 2.72
C VAL A 65 -4.21 -7.28 2.52
N LYS A 66 -3.93 -7.72 1.31
CA LYS A 66 -2.63 -8.27 0.97
C LYS A 66 -1.96 -7.37 -0.07
N LEU A 67 -0.78 -6.85 0.27
CA LEU A 67 -0.07 -5.93 -0.58
C LEU A 67 1.14 -6.65 -1.20
N ILE A 68 1.22 -6.64 -2.52
CA ILE A 68 2.26 -7.34 -3.25
C ILE A 68 3.01 -6.38 -4.16
N SER A 69 4.31 -6.43 -4.10
CA SER A 69 5.13 -5.62 -4.94
C SER A 69 6.21 -6.47 -5.58
N ALA A 70 6.35 -6.33 -6.90
CA ALA A 70 7.34 -7.08 -7.70
C ALA A 70 7.01 -8.57 -7.73
N GLY A 71 5.79 -8.90 -7.36
CA GLY A 71 5.37 -10.28 -7.32
C GLY A 71 5.65 -10.93 -5.98
N LYS A 72 5.86 -10.12 -4.97
CA LYS A 72 6.16 -10.62 -3.65
C LYS A 72 5.29 -9.92 -2.63
N VAL A 73 4.65 -10.70 -1.77
CA VAL A 73 3.80 -10.14 -0.72
C VAL A 73 4.68 -9.53 0.35
N LEU A 74 4.33 -8.34 0.79
CA LEU A 74 5.15 -7.65 1.73
C LEU A 74 4.74 -7.93 3.15
N GLU A 75 5.73 -8.15 3.97
CA GLU A 75 5.55 -8.32 5.37
C GLU A 75 5.36 -6.97 6.01
N ASN A 76 4.20 -6.76 6.61
CA ASN A 76 3.87 -5.47 7.19
C ASN A 76 4.81 -5.05 8.31
N SER A 77 5.45 -6.04 8.93
CA SER A 77 6.36 -5.78 10.05
C SER A 77 7.69 -5.16 9.57
N LYS A 78 7.90 -5.16 8.29
CA LYS A 78 9.08 -4.63 7.69
C LYS A 78 8.82 -3.22 7.19
N THR A 79 9.85 -2.52 6.86
CA THR A 79 9.73 -1.21 6.36
C THR A 79 9.87 -1.24 4.86
N VAL A 80 9.58 -0.12 4.22
CA VAL A 80 9.75 -0.03 2.78
C VAL A 80 11.25 -0.12 2.46
N LYS A 81 12.06 0.37 3.40
CA LYS A 81 13.51 0.35 3.34
C LYS A 81 14.00 -1.09 3.22
N ASP A 82 13.32 -2.01 3.87
CA ASP A 82 13.67 -3.41 3.85
C ASP A 82 13.55 -4.00 2.44
N TYR A 83 12.70 -3.42 1.62
CA TYR A 83 12.50 -3.85 0.26
C TYR A 83 13.05 -2.82 -0.74
N ARG A 84 13.67 -1.80 -0.22
CA ARG A 84 14.21 -0.72 -0.98
C ARG A 84 15.65 -1.03 -1.33
N SER A 85 15.87 -1.30 -2.56
CA SER A 85 17.19 -1.55 -3.03
C SER A 85 17.85 -0.21 -3.37
N PRO A 86 19.13 -0.03 -3.01
CA PRO A 86 19.83 1.22 -3.26
C PRO A 86 19.96 1.49 -4.75
N VAL A 87 19.32 2.53 -5.17
CA VAL A 87 19.34 2.93 -6.57
C VAL A 87 20.36 4.05 -6.73
N SER A 88 20.99 4.38 -5.60
CA SER A 88 21.98 5.43 -5.46
C SER A 88 21.34 6.80 -5.50
N ASN A 89 21.57 7.57 -4.43
CA ASN A 89 20.99 8.91 -4.23
C ASN A 89 19.46 8.76 -3.99
N LEU A 90 18.73 9.85 -3.77
CA LEU A 90 17.35 9.75 -3.57
C LEU A 90 16.65 9.44 -4.87
N ALA A 91 15.42 9.07 -4.74
CA ALA A 91 14.61 8.69 -5.84
C ALA A 91 13.16 8.86 -5.47
N GLY A 92 12.53 9.77 -6.12
CA GLY A 92 11.15 10.03 -5.86
C GLY A 92 10.32 9.68 -7.06
N ALA A 93 10.27 8.42 -7.35
CA ALA A 93 9.52 7.90 -8.47
C ALA A 93 8.28 7.23 -7.95
N VAL A 94 7.27 7.12 -8.78
CA VAL A 94 6.05 6.51 -8.35
C VAL A 94 6.14 5.01 -8.49
N THR A 95 5.89 4.37 -7.42
CA THR A 95 5.94 2.95 -7.32
C THR A 95 4.53 2.41 -7.37
N THR A 96 4.31 1.51 -8.26
CA THR A 96 3.03 0.90 -8.41
C THR A 96 3.04 -0.44 -7.67
N MET A 97 2.20 -0.57 -6.67
CA MET A 97 2.12 -1.82 -5.93
C MET A 97 0.81 -2.52 -6.17
N HIS A 98 0.87 -3.81 -6.31
CA HIS A 98 -0.28 -4.63 -6.66
C HIS A 98 -1.02 -5.05 -5.41
N VAL A 99 -2.26 -4.74 -5.37
CA VAL A 99 -3.06 -5.07 -4.21
C VAL A 99 -4.08 -6.11 -4.56
N ILE A 100 -4.20 -7.06 -3.68
CA ILE A 100 -5.15 -8.11 -3.82
C ILE A 100 -6.19 -7.98 -2.74
N ILE A 101 -7.39 -7.80 -3.16
CA ILE A 101 -8.50 -7.60 -2.29
C ILE A 101 -9.23 -8.89 -2.05
N GLN A 102 -9.34 -9.23 -0.80
CA GLN A 102 -10.01 -10.43 -0.38
C GLN A 102 -10.99 -10.07 0.70
N ALA A 103 -12.22 -10.43 0.49
CA ALA A 103 -13.28 -10.16 1.42
C ALA A 103 -13.04 -10.90 2.74
N PRO A 104 -13.33 -10.23 3.87
CA PRO A 104 -13.11 -10.80 5.21
C PRO A 104 -14.02 -12.01 5.52
N VAL A 105 -13.80 -12.62 6.68
CA VAL A 105 -14.61 -13.71 7.13
C VAL A 105 -15.96 -13.16 7.55
N THR A 106 -17.01 -13.64 6.92
CA THR A 106 -18.33 -13.13 7.07
C THR A 106 -18.40 -11.71 6.51
N GLU A 107 -18.59 -11.64 5.21
CA GLU A 107 -18.65 -10.39 4.52
C GLU A 107 -20.09 -9.96 4.32
N LYS A 108 -20.47 -8.85 4.97
CA LYS A 108 -21.82 -8.28 4.90
C LYS A 108 -22.89 -9.30 5.28
N GLU A 109 -23.23 -9.32 6.54
CA GLU A 109 -24.21 -10.26 7.03
C GLU A 109 -25.59 -9.86 6.54
N LYS A 110 -25.90 -8.59 6.64
CA LYS A 110 -27.18 -8.08 6.23
C LYS A 110 -26.99 -7.14 5.06
N GLU A 10 -3.05 20.00 2.99
CA GLU A 10 -2.17 18.85 2.75
C GLU A 10 -0.75 19.33 2.67
N ALA A 11 0.17 18.43 2.89
CA ALA A 11 1.56 18.70 2.74
C ALA A 11 2.12 17.72 1.75
N GLU A 12 1.96 18.03 0.49
CA GLU A 12 2.39 17.18 -0.56
C GLU A 12 3.87 17.43 -0.82
N VAL A 13 4.68 16.63 -0.17
CA VAL A 13 6.10 16.71 -0.29
C VAL A 13 6.54 15.56 -1.17
N HIS A 14 7.48 15.82 -2.02
CA HIS A 14 7.94 14.81 -2.95
C HIS A 14 9.45 14.72 -3.04
N ASN A 15 10.02 14.06 -2.06
CA ASN A 15 11.46 13.75 -2.03
C ASN A 15 11.63 12.32 -1.62
N GLN A 16 10.51 11.63 -1.47
CA GLN A 16 10.48 10.26 -1.09
C GLN A 16 9.87 9.47 -2.22
N LEU A 17 9.58 8.22 -2.01
CA LEU A 17 9.10 7.41 -3.11
C LEU A 17 7.60 7.38 -3.16
N GLU A 18 7.08 7.68 -4.30
CA GLU A 18 5.65 7.74 -4.47
C GLU A 18 5.10 6.45 -4.97
N ILE A 19 4.14 5.96 -4.27
CA ILE A 19 3.51 4.71 -4.57
C ILE A 19 2.00 4.90 -4.63
N LYS A 20 1.36 4.19 -5.53
CA LYS A 20 -0.07 4.16 -5.54
C LYS A 20 -0.54 2.74 -5.33
N PHE A 21 -1.67 2.58 -4.70
CA PHE A 21 -2.18 1.26 -4.40
C PHE A 21 -3.16 0.82 -5.45
N ARG A 22 -2.96 -0.37 -6.00
CA ARG A 22 -3.88 -0.91 -6.96
C ARG A 22 -4.62 -2.10 -6.39
N LEU A 23 -5.92 -2.02 -6.42
CA LEU A 23 -6.78 -3.04 -5.90
C LEU A 23 -6.90 -4.19 -6.91
N THR A 24 -7.52 -5.26 -6.47
CA THR A 24 -7.72 -6.43 -7.28
C THR A 24 -8.77 -6.20 -8.39
N ASP A 25 -9.61 -5.22 -8.17
CA ASP A 25 -10.67 -4.90 -9.13
C ASP A 25 -10.19 -4.01 -10.26
N GLY A 26 -8.91 -3.68 -10.24
CA GLY A 26 -8.34 -2.85 -11.29
C GLY A 26 -8.43 -1.38 -10.98
N SER A 27 -8.90 -1.07 -9.81
CA SER A 27 -9.02 0.27 -9.34
C SER A 27 -7.75 0.66 -8.59
N ASP A 28 -7.31 1.87 -8.73
CA ASP A 28 -6.14 2.32 -8.06
C ASP A 28 -6.39 3.60 -7.31
N ILE A 29 -5.61 3.83 -6.30
CA ILE A 29 -5.71 5.00 -5.45
C ILE A 29 -4.55 5.91 -5.77
N GLY A 30 -4.81 7.23 -5.79
CA GLY A 30 -3.81 8.23 -6.13
C GLY A 30 -2.48 8.06 -5.39
N PRO A 31 -1.36 8.25 -6.11
CA PRO A 31 -0.01 8.07 -5.56
C PRO A 31 0.35 9.06 -4.47
N LYS A 32 1.12 8.61 -3.52
CA LYS A 32 1.60 9.42 -2.41
C LYS A 32 3.01 9.11 -2.15
N ALA A 33 3.63 9.96 -1.43
CA ALA A 33 5.03 9.78 -1.11
C ALA A 33 5.18 9.00 0.18
N PHE A 34 5.87 7.91 0.08
CA PHE A 34 6.16 7.07 1.20
C PHE A 34 7.63 7.08 1.41
N PRO A 35 8.10 7.42 2.59
CA PRO A 35 9.51 7.32 2.89
C PRO A 35 9.95 5.86 2.80
N ASP A 36 11.17 5.66 2.37
CA ASP A 36 11.72 4.32 2.21
C ASP A 36 11.84 3.60 3.56
N ALA A 37 12.11 4.36 4.59
CA ALA A 37 12.31 3.79 5.91
C ALA A 37 11.00 3.45 6.62
N THR A 38 9.89 3.68 5.95
CA THR A 38 8.59 3.36 6.49
C THR A 38 8.40 1.84 6.53
N THR A 39 7.82 1.34 7.60
CA THR A 39 7.57 -0.07 7.74
C THR A 39 6.32 -0.48 6.97
N VAL A 40 6.23 -1.73 6.60
CA VAL A 40 5.06 -2.25 5.91
C VAL A 40 3.84 -2.20 6.83
N SER A 41 4.07 -2.27 8.13
CA SER A 41 3.00 -2.16 9.09
C SER A 41 2.42 -0.73 9.01
N ALA A 42 3.31 0.28 8.95
CA ALA A 42 2.89 1.68 8.83
C ALA A 42 2.32 1.95 7.43
N LEU A 43 2.78 1.18 6.46
CA LEU A 43 2.31 1.22 5.13
C LEU A 43 0.82 0.83 5.12
N LYS A 44 0.50 -0.22 5.85
CA LYS A 44 -0.87 -0.66 5.98
C LYS A 44 -1.69 0.34 6.77
N GLU A 45 -1.09 0.96 7.79
CA GLU A 45 -1.74 2.04 8.53
C GLU A 45 -2.08 3.19 7.57
N THR A 46 -1.20 3.41 6.60
CA THR A 46 -1.41 4.41 5.57
C THR A 46 -2.59 3.99 4.68
N VAL A 47 -2.68 2.69 4.39
CA VAL A 47 -3.78 2.18 3.60
C VAL A 47 -5.08 2.43 4.33
N ILE A 48 -5.10 2.16 5.64
CA ILE A 48 -6.29 2.39 6.49
C ILE A 48 -6.74 3.86 6.40
N SER A 49 -5.77 4.73 6.28
CA SER A 49 -6.02 6.15 6.22
C SER A 49 -6.63 6.53 4.86
N GLU A 50 -6.18 5.90 3.79
CA GLU A 50 -6.61 6.23 2.47
C GLU A 50 -7.88 5.45 2.06
N TRP A 51 -7.98 4.22 2.52
CA TRP A 51 -9.05 3.30 2.17
C TRP A 51 -10.40 3.83 2.66
N PRO A 52 -11.45 3.73 1.82
CA PRO A 52 -12.78 4.08 2.22
C PRO A 52 -13.24 3.19 3.37
N ARG A 53 -13.30 3.75 4.53
CA ARG A 53 -13.59 3.04 5.76
C ARG A 53 -15.07 2.64 5.79
N GLU A 54 -15.86 3.36 5.04
CA GLU A 54 -17.27 3.10 4.91
C GLU A 54 -17.52 1.92 3.94
N LYS A 55 -16.48 1.51 3.22
CA LYS A 55 -16.60 0.44 2.23
C LYS A 55 -16.91 -0.90 2.91
N GLU A 56 -17.85 -1.60 2.36
CA GLU A 56 -18.19 -2.90 2.83
C GLU A 56 -17.62 -3.92 1.85
N ASN A 57 -17.73 -5.20 2.20
CA ASN A 57 -17.26 -6.32 1.35
C ASN A 57 -15.78 -6.21 1.03
N GLY A 58 -15.07 -5.44 1.81
CA GLY A 58 -13.70 -5.25 1.60
C GLY A 58 -13.04 -4.84 2.88
N PRO A 59 -11.71 -4.83 2.89
CA PRO A 59 -10.88 -4.39 4.04
C PRO A 59 -11.25 -3.02 4.65
N LYS A 60 -10.45 -2.66 5.62
CA LYS A 60 -10.54 -1.40 6.31
C LYS A 60 -9.28 -1.25 7.14
N THR A 61 -8.92 -2.34 7.82
CA THR A 61 -7.82 -2.33 8.72
C THR A 61 -6.58 -3.11 8.20
N VAL A 62 -5.48 -2.96 8.93
CA VAL A 62 -4.15 -3.49 8.64
C VAL A 62 -4.11 -5.02 8.49
N LYS A 63 -4.94 -5.70 9.23
CA LYS A 63 -4.95 -7.15 9.22
C LYS A 63 -5.52 -7.71 7.90
N GLU A 64 -6.40 -6.94 7.26
CA GLU A 64 -7.11 -7.46 6.10
C GLU A 64 -6.49 -7.02 4.76
N VAL A 65 -5.56 -6.11 4.81
CA VAL A 65 -4.91 -5.59 3.60
C VAL A 65 -3.55 -6.26 3.39
N LYS A 66 -3.35 -6.84 2.22
CA LYS A 66 -2.08 -7.44 1.89
C LYS A 66 -1.44 -6.70 0.71
N LEU A 67 -0.17 -6.37 0.84
CA LEU A 67 0.55 -5.66 -0.22
C LEU A 67 1.43 -6.61 -1.01
N ILE A 68 1.41 -6.45 -2.31
CA ILE A 68 2.18 -7.27 -3.24
C ILE A 68 3.13 -6.43 -4.07
N SER A 69 4.38 -6.83 -4.07
CA SER A 69 5.37 -6.24 -4.89
C SER A 69 6.24 -7.38 -5.38
N ALA A 70 6.41 -7.47 -6.70
CA ALA A 70 7.20 -8.54 -7.34
C ALA A 70 6.56 -9.91 -7.09
N GLY A 71 5.26 -9.90 -6.83
CA GLY A 71 4.53 -11.11 -6.54
C GLY A 71 4.74 -11.58 -5.11
N LYS A 72 5.37 -10.75 -4.32
CA LYS A 72 5.68 -11.08 -2.96
C LYS A 72 4.84 -10.24 -2.00
N VAL A 73 4.20 -10.91 -1.05
CA VAL A 73 3.45 -10.24 -0.02
C VAL A 73 4.43 -9.56 0.93
N LEU A 74 4.31 -8.26 1.07
CA LEU A 74 5.19 -7.48 1.93
C LEU A 74 4.97 -7.82 3.40
N GLU A 75 6.05 -8.08 4.10
CA GLU A 75 5.99 -8.42 5.49
C GLU A 75 6.02 -7.16 6.35
N ASN A 76 5.12 -7.13 7.32
CA ASN A 76 4.88 -5.97 8.20
C ASN A 76 6.13 -5.52 8.93
N SER A 77 7.00 -6.48 9.20
CA SER A 77 8.21 -6.23 9.97
C SER A 77 9.27 -5.47 9.19
N LYS A 78 9.18 -5.51 7.91
CA LYS A 78 10.16 -4.90 7.09
C LYS A 78 9.74 -3.54 6.61
N THR A 79 10.68 -2.83 6.09
CA THR A 79 10.48 -1.53 5.56
C THR A 79 10.17 -1.60 4.08
N VAL A 80 9.63 -0.51 3.56
CA VAL A 80 9.33 -0.41 2.13
C VAL A 80 10.67 -0.43 1.36
N LYS A 81 11.68 0.09 2.04
CA LYS A 81 13.04 0.18 1.55
C LYS A 81 13.60 -1.19 1.17
N ASP A 82 13.19 -2.21 1.89
CA ASP A 82 13.68 -3.58 1.68
C ASP A 82 13.25 -4.12 0.32
N TYR A 83 12.11 -3.66 -0.14
CA TYR A 83 11.57 -4.09 -1.41
C TYR A 83 12.00 -3.15 -2.53
N ARG A 84 12.51 -2.01 -2.15
CA ARG A 84 12.99 -1.01 -3.06
C ARG A 84 14.49 -1.17 -3.30
N SER A 85 15.01 -0.24 -4.06
CA SER A 85 16.41 -0.14 -4.32
C SER A 85 17.00 0.80 -3.28
N PRO A 86 18.27 0.61 -2.89
CA PRO A 86 18.95 1.51 -1.95
C PRO A 86 19.06 2.95 -2.51
N VAL A 87 19.55 3.87 -1.69
CA VAL A 87 19.65 5.27 -2.10
C VAL A 87 20.72 5.43 -3.17
N SER A 88 21.67 4.57 -3.11
CA SER A 88 22.72 4.51 -4.09
C SER A 88 22.14 3.86 -5.34
N ASN A 89 21.90 4.68 -6.36
CA ASN A 89 21.21 4.29 -7.59
C ASN A 89 19.76 3.99 -7.27
N LEU A 90 18.98 5.04 -7.17
CA LEU A 90 17.62 4.94 -6.83
C LEU A 90 16.77 5.38 -7.99
N ALA A 91 15.51 5.20 -7.86
CA ALA A 91 14.55 5.54 -8.83
C ALA A 91 13.30 6.06 -8.15
N GLY A 92 13.14 7.36 -8.14
CA GLY A 92 11.99 8.00 -7.51
C GLY A 92 10.81 8.02 -8.44
N ALA A 93 10.55 6.91 -9.06
CA ALA A 93 9.48 6.73 -9.99
C ALA A 93 8.20 6.43 -9.24
N VAL A 94 7.07 6.71 -9.84
CA VAL A 94 5.84 6.46 -9.17
C VAL A 94 5.51 5.01 -9.39
N THR A 95 5.42 4.33 -8.31
CA THR A 95 5.35 2.91 -8.30
C THR A 95 3.97 2.48 -7.83
N THR A 96 3.40 1.51 -8.46
CA THR A 96 2.16 1.01 -7.99
C THR A 96 2.29 -0.42 -7.55
N MET A 97 1.93 -0.65 -6.31
CA MET A 97 1.98 -1.97 -5.76
C MET A 97 0.59 -2.53 -5.74
N HIS A 98 0.49 -3.79 -6.00
CA HIS A 98 -0.79 -4.43 -6.05
C HIS A 98 -1.21 -4.82 -4.66
N VAL A 99 -2.46 -4.70 -4.40
CA VAL A 99 -2.99 -4.99 -3.10
C VAL A 99 -3.93 -6.14 -3.24
N ILE A 100 -3.83 -7.03 -2.32
CA ILE A 100 -4.66 -8.15 -2.29
C ILE A 100 -5.78 -7.89 -1.31
N ILE A 101 -6.94 -7.85 -1.86
CA ILE A 101 -8.13 -7.57 -1.13
C ILE A 101 -8.74 -8.85 -0.62
N GLN A 102 -8.57 -9.08 0.64
CA GLN A 102 -9.22 -10.15 1.30
C GLN A 102 -10.15 -9.55 2.29
N ALA A 103 -11.41 -9.69 2.03
CA ALA A 103 -12.43 -9.06 2.82
C ALA A 103 -12.62 -9.77 4.16
N PRO A 104 -13.09 -9.02 5.17
CA PRO A 104 -13.47 -9.57 6.48
C PRO A 104 -14.74 -10.40 6.35
N VAL A 105 -15.44 -10.55 7.45
CA VAL A 105 -16.73 -11.23 7.43
C VAL A 105 -17.69 -10.50 6.47
N THR A 106 -17.52 -9.17 6.37
CA THR A 106 -18.25 -8.42 5.38
C THR A 106 -17.70 -8.76 3.97
N GLU A 107 -18.34 -9.72 3.37
CA GLU A 107 -18.08 -10.20 2.06
C GLU A 107 -19.34 -10.93 1.70
N LYS A 108 -20.10 -10.36 0.82
CA LYS A 108 -21.42 -10.80 0.60
C LYS A 108 -21.77 -10.72 -0.92
N GLU A 109 -22.95 -11.23 -1.26
CA GLU A 109 -23.51 -11.34 -2.64
C GLU A 109 -23.14 -10.19 -3.61
N LYS A 110 -23.18 -8.97 -3.14
CA LYS A 110 -22.86 -7.84 -4.00
C LYS A 110 -21.73 -7.05 -3.40
N GLU A 10 -3.68 13.68 -1.45
CA GLU A 10 -2.75 14.09 -2.49
C GLU A 10 -1.45 14.46 -1.83
N ALA A 11 -0.35 13.89 -2.30
CA ALA A 11 0.93 14.15 -1.69
C ALA A 11 2.07 13.93 -2.65
N GLU A 12 2.67 15.01 -3.09
CA GLU A 12 3.83 14.99 -3.91
C GLU A 12 4.88 15.85 -3.25
N VAL A 13 5.77 15.22 -2.53
CA VAL A 13 6.78 15.91 -1.76
C VAL A 13 8.15 15.35 -2.12
N HIS A 14 9.15 16.20 -2.19
CA HIS A 14 10.47 15.70 -2.47
C HIS A 14 11.25 15.49 -1.18
N ASN A 15 10.94 14.38 -0.54
CA ASN A 15 11.53 13.99 0.74
C ASN A 15 11.12 12.58 1.05
N GLN A 16 9.86 12.33 0.89
CA GLN A 16 9.32 11.03 1.04
C GLN A 16 9.12 10.47 -0.35
N LEU A 17 8.94 9.20 -0.46
CA LEU A 17 8.82 8.57 -1.76
C LEU A 17 7.39 8.13 -1.99
N GLU A 18 6.88 8.32 -3.17
CA GLU A 18 5.48 8.08 -3.42
C GLU A 18 5.19 6.65 -3.82
N ILE A 19 4.09 6.16 -3.35
CA ILE A 19 3.58 4.86 -3.69
C ILE A 19 2.16 5.03 -4.17
N LYS A 20 1.83 4.34 -5.22
CA LYS A 20 0.46 4.29 -5.66
C LYS A 20 0.00 2.87 -5.63
N PHE A 21 -1.22 2.66 -5.29
CA PHE A 21 -1.76 1.34 -5.18
C PHE A 21 -2.62 1.07 -6.38
N ARG A 22 -2.32 0.03 -7.12
CA ARG A 22 -3.12 -0.28 -8.27
C ARG A 22 -3.77 -1.63 -8.11
N LEU A 23 -5.07 -1.63 -8.09
CA LEU A 23 -5.87 -2.82 -7.90
C LEU A 23 -5.76 -3.70 -9.12
N THR A 24 -5.98 -4.99 -8.91
CA THR A 24 -5.97 -5.99 -9.99
C THR A 24 -7.04 -5.68 -11.04
N ASP A 25 -7.96 -4.86 -10.66
CA ASP A 25 -9.06 -4.43 -11.52
C ASP A 25 -8.60 -3.39 -12.53
N GLY A 26 -7.36 -2.94 -12.39
CA GLY A 26 -6.79 -2.03 -13.34
C GLY A 26 -6.95 -0.59 -12.94
N SER A 27 -7.49 -0.37 -11.77
CA SER A 27 -7.71 0.99 -11.27
C SER A 27 -6.64 1.30 -10.23
N ASP A 28 -6.14 2.52 -10.21
CA ASP A 28 -5.12 2.87 -9.27
C ASP A 28 -5.59 3.97 -8.36
N ILE A 29 -4.90 4.11 -7.28
CA ILE A 29 -5.12 5.14 -6.31
C ILE A 29 -3.99 6.13 -6.46
N GLY A 30 -4.31 7.42 -6.35
CA GLY A 30 -3.32 8.45 -6.50
C GLY A 30 -2.14 8.25 -5.57
N PRO A 31 -0.91 8.52 -6.05
CA PRO A 31 0.28 8.30 -5.26
C PRO A 31 0.36 9.20 -4.06
N LYS A 32 0.76 8.64 -2.98
CA LYS A 32 0.89 9.32 -1.73
C LYS A 32 2.34 9.15 -1.32
N ALA A 33 2.87 10.06 -0.56
CA ALA A 33 4.27 9.96 -0.19
C ALA A 33 4.44 9.17 1.11
N PHE A 34 5.32 8.19 1.07
CA PHE A 34 5.62 7.35 2.21
C PHE A 34 7.12 7.31 2.44
N PRO A 35 7.57 7.48 3.67
CA PRO A 35 8.96 7.30 4.03
C PRO A 35 9.37 5.84 3.89
N ASP A 36 10.62 5.59 3.56
CA ASP A 36 11.12 4.22 3.42
C ASP A 36 11.20 3.53 4.75
N ALA A 37 11.30 4.32 5.80
CA ALA A 37 11.42 3.81 7.14
C ALA A 37 10.07 3.38 7.70
N THR A 38 9.02 3.64 6.98
CA THR A 38 7.69 3.28 7.40
C THR A 38 7.49 1.79 7.17
N THR A 39 6.89 1.12 8.12
CA THR A 39 6.68 -0.29 7.99
C THR A 39 5.47 -0.61 7.12
N VAL A 40 5.46 -1.80 6.54
CA VAL A 40 4.36 -2.23 5.66
C VAL A 40 3.04 -2.25 6.42
N SER A 41 3.11 -2.50 7.72
CA SER A 41 1.93 -2.46 8.56
C SER A 41 1.26 -1.06 8.47
N ALA A 42 2.07 -0.02 8.55
CA ALA A 42 1.62 1.35 8.49
C ALA A 42 1.31 1.75 7.04
N LEU A 43 1.90 1.05 6.09
CA LEU A 43 1.61 1.24 4.70
C LEU A 43 0.18 0.78 4.45
N LYS A 44 -0.14 -0.36 5.01
CA LYS A 44 -1.43 -0.96 4.88
C LYS A 44 -2.48 -0.21 5.68
N GLU A 45 -2.09 0.35 6.80
CA GLU A 45 -3.01 1.14 7.62
C GLU A 45 -3.46 2.37 6.84
N THR A 46 -2.55 2.88 6.06
CA THR A 46 -2.81 3.99 5.18
C THR A 46 -3.78 3.57 4.06
N VAL A 47 -3.62 2.35 3.58
CA VAL A 47 -4.51 1.82 2.55
C VAL A 47 -5.94 1.82 3.06
N ILE A 48 -6.11 1.48 4.33
CA ILE A 48 -7.43 1.46 4.99
C ILE A 48 -8.08 2.84 4.90
N SER A 49 -7.28 3.88 5.13
CA SER A 49 -7.78 5.25 5.09
C SER A 49 -8.03 5.77 3.65
N GLU A 50 -7.33 5.18 2.67
CA GLU A 50 -7.47 5.60 1.30
C GLU A 50 -8.54 4.80 0.56
N TRP A 51 -8.94 3.70 1.15
CA TRP A 51 -9.90 2.81 0.54
C TRP A 51 -11.29 3.41 0.69
N PRO A 52 -12.13 3.33 -0.37
CA PRO A 52 -13.51 3.85 -0.37
C PRO A 52 -14.31 3.49 0.90
N ARG A 53 -14.65 4.51 1.67
CA ARG A 53 -15.38 4.37 2.94
C ARG A 53 -16.76 3.75 2.73
N GLU A 54 -17.29 3.93 1.54
CA GLU A 54 -18.61 3.44 1.19
C GLU A 54 -18.63 1.91 1.09
N LYS A 55 -17.49 1.33 0.77
CA LYS A 55 -17.41 -0.07 0.56
C LYS A 55 -17.15 -0.83 1.83
N GLU A 56 -18.20 -1.08 2.59
CA GLU A 56 -18.08 -1.92 3.71
C GLU A 56 -18.13 -3.34 3.23
N ASN A 57 -17.44 -4.22 3.93
CA ASN A 57 -17.25 -5.62 3.51
C ASN A 57 -16.30 -5.73 2.33
N GLY A 58 -15.60 -4.65 2.07
CA GLY A 58 -14.62 -4.63 1.05
C GLY A 58 -13.24 -4.70 1.63
N PRO A 59 -12.20 -4.76 0.80
CA PRO A 59 -10.78 -4.85 1.23
C PRO A 59 -10.26 -3.55 1.89
N LYS A 60 -10.88 -3.13 2.95
CA LYS A 60 -10.46 -1.92 3.66
C LYS A 60 -9.36 -2.21 4.64
N THR A 61 -9.54 -3.23 5.44
CA THR A 61 -8.64 -3.47 6.53
C THR A 61 -7.32 -4.14 6.11
N VAL A 62 -6.35 -4.01 7.01
CA VAL A 62 -4.98 -4.51 6.82
C VAL A 62 -4.95 -6.02 6.55
N LYS A 63 -5.92 -6.71 7.08
CA LYS A 63 -6.00 -8.14 6.94
C LYS A 63 -6.36 -8.54 5.52
N GLU A 64 -7.15 -7.72 4.86
CA GLU A 64 -7.76 -8.10 3.60
C GLU A 64 -7.00 -7.55 2.39
N VAL A 65 -6.12 -6.62 2.62
CA VAL A 65 -5.37 -6.02 1.53
C VAL A 65 -4.03 -6.72 1.35
N LYS A 66 -3.73 -7.12 0.13
CA LYS A 66 -2.46 -7.70 -0.19
C LYS A 66 -1.69 -6.78 -1.12
N LEU A 67 -0.53 -6.33 -0.67
CA LEU A 67 0.31 -5.45 -1.47
C LEU A 67 1.41 -6.26 -2.12
N ILE A 68 1.47 -6.21 -3.43
CA ILE A 68 2.50 -6.88 -4.19
C ILE A 68 3.43 -5.85 -4.82
N SER A 69 4.69 -5.94 -4.50
CA SER A 69 5.69 -5.08 -5.06
C SER A 69 6.83 -5.93 -5.55
N ALA A 70 7.25 -5.68 -6.78
CA ALA A 70 8.36 -6.41 -7.44
C ALA A 70 7.98 -7.87 -7.71
N GLY A 71 6.70 -8.14 -7.63
CA GLY A 71 6.19 -9.48 -7.86
C GLY A 71 6.07 -10.28 -6.59
N LYS A 72 6.24 -9.64 -5.46
CA LYS A 72 6.21 -10.33 -4.20
C LYS A 72 5.35 -9.55 -3.21
N VAL A 73 4.57 -10.27 -2.43
CA VAL A 73 3.71 -9.65 -1.44
C VAL A 73 4.55 -9.20 -0.23
N LEU A 74 4.33 -8.00 0.23
CA LEU A 74 5.03 -7.48 1.34
C LEU A 74 4.26 -7.65 2.63
N GLU A 75 4.93 -8.28 3.59
CA GLU A 75 4.36 -8.58 4.88
C GLU A 75 4.46 -7.37 5.82
N ASN A 76 3.50 -7.29 6.74
CA ASN A 76 3.39 -6.22 7.76
C ASN A 76 4.69 -6.02 8.55
N SER A 77 5.44 -7.11 8.72
CA SER A 77 6.66 -7.10 9.53
C SER A 77 7.86 -6.48 8.78
N LYS A 78 7.68 -6.20 7.52
CA LYS A 78 8.73 -5.65 6.72
C LYS A 78 8.57 -4.15 6.59
N THR A 79 9.57 -3.49 6.10
CA THR A 79 9.55 -2.07 5.98
C THR A 79 9.36 -1.72 4.50
N VAL A 80 9.04 -0.46 4.19
CA VAL A 80 8.85 -0.06 2.80
C VAL A 80 10.20 -0.05 2.07
N LYS A 81 11.23 0.31 2.81
CA LYS A 81 12.61 0.37 2.33
C LYS A 81 13.04 -1.00 1.80
N ASP A 82 12.53 -2.08 2.43
CA ASP A 82 12.81 -3.45 2.04
C ASP A 82 12.51 -3.70 0.58
N TYR A 83 11.43 -3.12 0.10
CA TYR A 83 11.03 -3.32 -1.25
C TYR A 83 11.55 -2.26 -2.20
N ARG A 84 12.04 -1.15 -1.67
CA ARG A 84 12.71 -0.18 -2.47
C ARG A 84 14.11 -0.67 -2.79
N SER A 85 14.71 -0.08 -3.78
CA SER A 85 16.05 -0.45 -4.15
C SER A 85 17.01 0.09 -3.06
N PRO A 86 18.13 -0.62 -2.76
CA PRO A 86 19.13 -0.20 -1.75
C PRO A 86 19.66 1.22 -1.99
N VAL A 87 20.41 1.74 -1.02
CA VAL A 87 20.93 3.09 -1.11
C VAL A 87 22.10 3.16 -2.10
N SER A 88 21.72 3.13 -3.32
CA SER A 88 22.58 3.22 -4.45
C SER A 88 21.69 3.65 -5.62
N ASN A 89 20.63 4.33 -5.24
CA ASN A 89 19.60 4.80 -6.15
C ASN A 89 19.18 6.15 -5.62
N LEU A 90 18.60 7.00 -6.46
CA LEU A 90 18.17 8.28 -6.08
C LEU A 90 17.07 8.16 -5.03
N ALA A 91 17.02 9.10 -4.15
CA ALA A 91 16.05 9.09 -3.10
C ALA A 91 14.75 9.73 -3.55
N GLY A 92 14.05 9.02 -4.38
CA GLY A 92 12.79 9.51 -4.91
C GLY A 92 12.20 8.51 -5.84
N ALA A 93 12.17 7.28 -5.38
CA ALA A 93 11.66 6.19 -6.16
C ALA A 93 10.19 5.99 -5.91
N VAL A 94 9.40 6.16 -6.92
CA VAL A 94 7.97 5.95 -6.83
C VAL A 94 7.69 4.49 -7.05
N THR A 95 6.81 3.94 -6.28
CA THR A 95 6.54 2.54 -6.35
C THR A 95 5.05 2.28 -6.60
N THR A 96 4.76 1.48 -7.60
CA THR A 96 3.42 1.07 -7.86
C THR A 96 3.23 -0.31 -7.25
N MET A 97 2.34 -0.42 -6.31
CA MET A 97 2.08 -1.68 -5.68
C MET A 97 0.79 -2.24 -6.19
N HIS A 98 0.81 -3.50 -6.50
CA HIS A 98 -0.34 -4.15 -7.04
C HIS A 98 -1.18 -4.71 -5.93
N VAL A 99 -2.41 -4.32 -5.89
CA VAL A 99 -3.31 -4.74 -4.85
C VAL A 99 -4.18 -5.86 -5.32
N ILE A 100 -4.09 -6.91 -4.60
CA ILE A 100 -4.87 -8.07 -4.85
C ILE A 100 -6.05 -8.01 -3.93
N ILE A 101 -7.20 -8.19 -4.49
CA ILE A 101 -8.42 -8.00 -3.79
C ILE A 101 -8.87 -9.26 -3.10
N GLN A 102 -8.92 -9.19 -1.80
CA GLN A 102 -9.43 -10.25 -1.01
C GLN A 102 -10.66 -9.70 -0.29
N ALA A 103 -11.80 -10.21 -0.68
CA ALA A 103 -13.06 -9.75 -0.14
C ALA A 103 -13.41 -10.50 1.14
N PRO A 104 -13.60 -9.75 2.25
CA PRO A 104 -13.96 -10.29 3.57
C PRO A 104 -15.12 -11.28 3.54
N VAL A 105 -15.14 -12.19 4.48
CA VAL A 105 -16.20 -13.16 4.59
C VAL A 105 -17.43 -12.45 5.12
N THR A 106 -17.24 -11.78 6.23
CA THR A 106 -18.25 -11.01 6.85
C THR A 106 -17.62 -9.89 7.69
N GLU A 107 -17.77 -8.67 7.24
CA GLU A 107 -17.25 -7.54 7.97
C GLU A 107 -18.30 -7.09 8.95
N LYS A 108 -18.21 -7.62 10.14
CA LYS A 108 -19.14 -7.40 11.19
C LYS A 108 -18.48 -8.03 12.42
N GLU A 109 -17.81 -7.21 13.19
CA GLU A 109 -17.00 -7.67 14.32
C GLU A 109 -17.83 -8.32 15.40
N LYS A 110 -18.70 -7.56 16.00
CA LYS A 110 -19.48 -8.06 17.09
C LYS A 110 -20.84 -8.42 16.58
N GLU A 10 -2.96 20.51 -5.13
CA GLU A 10 -2.10 19.58 -5.84
C GLU A 10 -0.67 19.81 -5.41
N ALA A 11 -0.08 18.86 -4.72
CA ALA A 11 1.28 18.97 -4.30
C ALA A 11 1.97 17.63 -4.30
N GLU A 12 2.46 17.22 -5.44
CA GLU A 12 3.16 16.00 -5.56
C GLU A 12 4.66 16.22 -5.39
N VAL A 13 5.11 16.16 -4.17
CA VAL A 13 6.51 16.35 -3.88
C VAL A 13 7.12 14.99 -3.65
N HIS A 14 8.17 14.73 -4.32
CA HIS A 14 8.80 13.45 -4.24
C HIS A 14 10.27 13.52 -3.98
N ASN A 15 10.59 13.69 -2.73
CA ASN A 15 11.95 13.62 -2.25
C ASN A 15 12.08 12.30 -1.52
N GLN A 16 10.96 11.84 -1.01
CA GLN A 16 10.81 10.53 -0.49
C GLN A 16 10.16 9.70 -1.60
N LEU A 17 9.76 8.50 -1.31
CA LEU A 17 9.14 7.68 -2.32
C LEU A 17 7.65 7.83 -2.25
N GLU A 18 7.03 8.07 -3.35
CA GLU A 18 5.61 8.21 -3.34
C GLU A 18 4.98 6.89 -3.61
N ILE A 19 4.14 6.48 -2.74
CA ILE A 19 3.46 5.23 -2.89
C ILE A 19 2.03 5.47 -3.26
N LYS A 20 1.66 4.86 -4.31
CA LYS A 20 0.30 4.89 -4.74
C LYS A 20 -0.22 3.47 -4.80
N PHE A 21 -1.39 3.27 -4.30
CA PHE A 21 -1.95 1.94 -4.20
C PHE A 21 -2.77 1.65 -5.42
N ARG A 22 -2.44 0.61 -6.13
CA ARG A 22 -3.17 0.28 -7.32
C ARG A 22 -3.79 -1.10 -7.19
N LEU A 23 -5.06 -1.16 -7.46
CA LEU A 23 -5.85 -2.35 -7.32
C LEU A 23 -5.70 -3.23 -8.55
N THR A 24 -6.17 -4.45 -8.45
CA THR A 24 -6.13 -5.41 -9.54
C THR A 24 -7.04 -4.98 -10.70
N ASP A 25 -7.96 -4.10 -10.40
CA ASP A 25 -8.89 -3.57 -11.40
C ASP A 25 -8.24 -2.43 -12.18
N GLY A 26 -7.08 -2.02 -11.73
CA GLY A 26 -6.37 -0.93 -12.39
C GLY A 26 -6.72 0.40 -11.81
N SER A 27 -7.54 0.37 -10.79
CA SER A 27 -7.94 1.57 -10.09
C SER A 27 -6.86 1.89 -9.07
N ASP A 28 -6.48 3.14 -8.98
CA ASP A 28 -5.43 3.52 -8.08
C ASP A 28 -5.89 4.56 -7.09
N ILE A 29 -5.19 4.61 -6.00
CA ILE A 29 -5.41 5.58 -4.96
C ILE A 29 -4.27 6.59 -5.03
N GLY A 30 -4.61 7.86 -4.83
CA GLY A 30 -3.63 8.95 -4.91
C GLY A 30 -2.37 8.70 -4.10
N PRO A 31 -1.19 8.97 -4.72
CA PRO A 31 0.10 8.76 -4.09
C PRO A 31 0.42 9.72 -2.94
N LYS A 32 1.12 9.20 -1.97
CA LYS A 32 1.60 9.98 -0.85
C LYS A 32 3.07 9.78 -0.75
N ALA A 33 3.73 10.63 -0.05
CA ALA A 33 5.17 10.51 0.11
C ALA A 33 5.48 9.68 1.34
N PHE A 34 6.21 8.63 1.15
CA PHE A 34 6.63 7.74 2.20
C PHE A 34 8.13 7.56 2.13
N PRO A 35 8.83 7.74 3.22
CA PRO A 35 10.24 7.39 3.31
C PRO A 35 10.43 5.89 2.99
N ASP A 36 11.56 5.53 2.42
CA ASP A 36 11.85 4.11 2.16
C ASP A 36 11.97 3.35 3.47
N ALA A 37 12.29 4.09 4.52
CA ALA A 37 12.45 3.54 5.86
C ALA A 37 11.09 3.32 6.55
N THR A 38 10.01 3.56 5.82
CA THR A 38 8.66 3.37 6.35
C THR A 38 8.40 1.89 6.62
N THR A 39 7.81 1.60 7.75
CA THR A 39 7.46 0.26 8.09
C THR A 39 6.11 -0.10 7.49
N VAL A 40 5.98 -1.35 7.07
CA VAL A 40 4.74 -1.85 6.48
C VAL A 40 3.59 -1.70 7.47
N SER A 41 3.91 -1.69 8.76
CA SER A 41 2.92 -1.48 9.80
C SER A 41 2.15 -0.16 9.56
N ALA A 42 2.90 0.90 9.27
CA ALA A 42 2.32 2.22 9.02
C ALA A 42 1.70 2.28 7.62
N LEU A 43 2.21 1.45 6.73
CA LEU A 43 1.70 1.36 5.41
C LEU A 43 0.31 0.76 5.48
N LYS A 44 0.15 -0.27 6.33
CA LYS A 44 -1.15 -0.89 6.60
C LYS A 44 -2.09 0.13 7.21
N GLU A 45 -1.58 0.91 8.15
CA GLU A 45 -2.36 1.97 8.81
C GLU A 45 -2.91 2.94 7.77
N THR A 46 -2.07 3.27 6.81
CA THR A 46 -2.46 4.13 5.72
C THR A 46 -3.51 3.43 4.83
N VAL A 47 -3.32 2.14 4.60
CA VAL A 47 -4.23 1.31 3.82
C VAL A 47 -5.63 1.32 4.43
N ILE A 48 -5.69 1.00 5.71
CA ILE A 48 -6.95 0.90 6.44
C ILE A 48 -7.67 2.26 6.48
N SER A 49 -6.89 3.32 6.57
CA SER A 49 -7.41 4.66 6.62
C SER A 49 -7.88 5.16 5.24
N GLU A 50 -7.13 4.83 4.19
CA GLU A 50 -7.44 5.28 2.87
C GLU A 50 -8.52 4.48 2.17
N TRP A 51 -8.69 3.24 2.56
CA TRP A 51 -9.71 2.41 1.95
C TRP A 51 -11.07 2.93 2.42
N PRO A 52 -11.99 3.23 1.45
CA PRO A 52 -13.32 3.80 1.72
C PRO A 52 -13.97 3.24 2.98
N ARG A 53 -14.29 4.13 3.89
CA ARG A 53 -14.86 3.79 5.20
C ARG A 53 -16.25 3.20 5.04
N GLU A 54 -16.88 3.54 3.94
CA GLU A 54 -18.20 3.06 3.59
C GLU A 54 -18.16 1.55 3.29
N LYS A 55 -17.01 1.05 2.90
CA LYS A 55 -16.87 -0.30 2.52
C LYS A 55 -16.66 -1.22 3.71
N GLU A 56 -17.78 -1.66 4.27
CA GLU A 56 -17.76 -2.62 5.33
C GLU A 56 -17.64 -3.99 4.71
N ASN A 57 -17.03 -4.92 5.43
CA ASN A 57 -16.82 -6.31 4.97
C ASN A 57 -15.93 -6.33 3.70
N GLY A 58 -15.21 -5.25 3.51
CA GLY A 58 -14.38 -5.13 2.38
C GLY A 58 -12.95 -5.32 2.76
N PRO A 59 -12.03 -5.33 1.81
CA PRO A 59 -10.60 -5.48 2.10
C PRO A 59 -10.03 -4.23 2.74
N LYS A 60 -10.18 -4.12 4.03
CA LYS A 60 -9.84 -2.89 4.68
C LYS A 60 -8.81 -3.09 5.79
N THR A 61 -8.78 -4.27 6.40
CA THR A 61 -7.88 -4.48 7.52
C THR A 61 -6.53 -5.12 7.10
N VAL A 62 -5.60 -5.18 8.06
CA VAL A 62 -4.21 -5.62 7.85
C VAL A 62 -4.09 -6.98 7.16
N LYS A 63 -4.86 -7.94 7.62
CA LYS A 63 -4.72 -9.32 7.13
C LYS A 63 -5.33 -9.50 5.75
N GLU A 64 -6.35 -8.72 5.48
CA GLU A 64 -7.15 -8.92 4.28
C GLU A 64 -6.50 -8.25 3.07
N VAL A 65 -5.84 -7.16 3.30
CA VAL A 65 -5.19 -6.44 2.23
C VAL A 65 -3.73 -6.87 2.14
N LYS A 66 -3.37 -7.46 1.05
CA LYS A 66 -2.00 -7.83 0.84
C LYS A 66 -1.33 -6.85 -0.08
N LEU A 67 -0.21 -6.33 0.36
CA LEU A 67 0.49 -5.30 -0.36
C LEU A 67 1.67 -5.96 -1.11
N ILE A 68 1.69 -5.80 -2.41
CA ILE A 68 2.69 -6.41 -3.29
C ILE A 68 3.58 -5.37 -3.97
N SER A 69 4.87 -5.54 -3.79
CA SER A 69 5.86 -4.75 -4.46
C SER A 69 6.80 -5.70 -5.19
N ALA A 70 6.86 -5.58 -6.52
CA ALA A 70 7.70 -6.42 -7.40
C ALA A 70 7.30 -7.90 -7.35
N GLY A 71 6.11 -8.15 -6.83
CA GLY A 71 5.60 -9.50 -6.70
C GLY A 71 5.81 -10.06 -5.31
N LYS A 72 6.39 -9.27 -4.42
CA LYS A 72 6.66 -9.69 -3.10
C LYS A 72 5.69 -9.03 -2.13
N VAL A 73 5.22 -9.81 -1.18
CA VAL A 73 4.31 -9.31 -0.18
C VAL A 73 5.09 -8.51 0.85
N LEU A 74 4.69 -7.30 1.10
CA LEU A 74 5.31 -6.53 2.12
C LEU A 74 4.82 -7.00 3.47
N GLU A 75 5.70 -7.62 4.18
CA GLU A 75 5.40 -8.18 5.47
C GLU A 75 5.29 -7.08 6.52
N ASN A 76 4.24 -7.16 7.32
CA ASN A 76 3.85 -6.14 8.31
C ASN A 76 5.00 -5.71 9.26
N SER A 77 5.87 -6.63 9.64
CA SER A 77 6.90 -6.31 10.63
C SER A 77 8.23 -5.81 10.03
N LYS A 78 8.29 -5.59 8.75
CA LYS A 78 9.48 -5.08 8.13
C LYS A 78 9.23 -3.76 7.44
N THR A 79 10.27 -3.07 7.08
CA THR A 79 10.17 -1.80 6.44
C THR A 79 10.35 -1.96 4.92
N VAL A 80 10.00 -0.92 4.17
CA VAL A 80 10.13 -0.95 2.70
C VAL A 80 11.61 -1.07 2.32
N LYS A 81 12.44 -0.46 3.13
CA LYS A 81 13.88 -0.43 2.99
C LYS A 81 14.46 -1.84 2.95
N ASP A 82 13.84 -2.77 3.66
CA ASP A 82 14.34 -4.16 3.70
C ASP A 82 14.30 -4.79 2.30
N TYR A 83 13.26 -4.46 1.55
CA TYR A 83 13.12 -4.95 0.18
C TYR A 83 13.81 -4.03 -0.81
N ARG A 84 13.91 -2.76 -0.48
CA ARG A 84 14.44 -1.80 -1.36
C ARG A 84 15.97 -1.90 -1.42
N SER A 85 16.44 -2.48 -2.47
CA SER A 85 17.84 -2.65 -2.70
C SER A 85 18.33 -1.58 -3.67
N PRO A 86 19.55 -1.06 -3.51
CA PRO A 86 20.09 -0.06 -4.41
C PRO A 86 20.53 -0.66 -5.74
N VAL A 87 19.82 -0.30 -6.76
CA VAL A 87 20.14 -0.73 -8.12
C VAL A 87 20.25 0.52 -9.01
N SER A 88 19.74 1.59 -8.48
CA SER A 88 19.74 2.88 -9.12
C SER A 88 19.49 3.94 -8.06
N ASN A 89 20.48 4.74 -7.76
CA ASN A 89 20.33 5.74 -6.73
C ASN A 89 19.54 6.94 -7.21
N LEU A 90 18.27 6.90 -6.97
CA LEU A 90 17.36 7.89 -7.32
C LEU A 90 17.12 8.78 -6.11
N ALA A 91 16.32 9.81 -6.29
CA ALA A 91 15.98 10.69 -5.23
C ALA A 91 14.52 11.06 -5.32
N GLY A 92 13.71 10.37 -4.57
CA GLY A 92 12.30 10.59 -4.59
C GLY A 92 11.66 9.88 -5.75
N ALA A 93 11.52 8.59 -5.63
CA ALA A 93 10.95 7.77 -6.68
C ALA A 93 9.47 7.50 -6.42
N VAL A 94 8.72 7.26 -7.46
CA VAL A 94 7.31 6.95 -7.32
C VAL A 94 7.13 5.45 -7.47
N THR A 95 6.43 4.87 -6.54
CA THR A 95 6.29 3.45 -6.50
C THR A 95 4.80 3.06 -6.53
N THR A 96 4.47 2.18 -7.44
CA THR A 96 3.14 1.68 -7.55
C THR A 96 3.06 0.34 -6.83
N MET A 97 2.22 0.28 -5.83
CA MET A 97 2.05 -0.93 -5.08
C MET A 97 0.81 -1.63 -5.55
N HIS A 98 0.90 -2.92 -5.71
CA HIS A 98 -0.24 -3.69 -6.13
C HIS A 98 -0.95 -4.23 -4.93
N VAL A 99 -2.20 -3.92 -4.85
CA VAL A 99 -3.00 -4.35 -3.76
C VAL A 99 -3.76 -5.59 -4.16
N ILE A 100 -3.55 -6.60 -3.40
CA ILE A 100 -4.17 -7.86 -3.59
C ILE A 100 -5.35 -7.99 -2.67
N ILE A 101 -6.50 -8.15 -3.26
CA ILE A 101 -7.73 -8.20 -2.54
C ILE A 101 -8.19 -9.62 -2.37
N GLN A 102 -8.12 -10.08 -1.15
CA GLN A 102 -8.68 -11.33 -0.81
C GLN A 102 -9.87 -11.03 0.03
N ALA A 103 -11.02 -11.35 -0.52
CA ALA A 103 -12.31 -10.96 0.05
C ALA A 103 -12.57 -11.57 1.42
N PRO A 104 -12.74 -10.70 2.45
CA PRO A 104 -13.10 -11.12 3.80
C PRO A 104 -14.49 -11.73 3.80
N VAL A 105 -14.70 -12.71 4.64
CA VAL A 105 -15.97 -13.36 4.68
C VAL A 105 -16.83 -12.92 5.86
N THR A 106 -17.97 -12.43 5.53
CA THR A 106 -18.98 -12.05 6.48
C THR A 106 -20.30 -12.10 5.72
N GLU A 107 -21.22 -12.89 6.19
CA GLU A 107 -22.45 -13.06 5.49
C GLU A 107 -23.56 -12.26 6.15
N LYS A 108 -23.95 -11.20 5.49
CA LYS A 108 -25.02 -10.36 5.92
C LYS A 108 -25.58 -9.63 4.73
N GLU A 109 -26.88 -9.48 4.69
CA GLU A 109 -27.53 -8.81 3.61
C GLU A 109 -28.83 -8.16 4.08
N LYS A 110 -28.69 -6.98 4.59
CA LYS A 110 -29.78 -6.24 5.14
C LYS A 110 -29.34 -4.77 5.13
N GLU A 10 5.26 23.82 -1.80
CA GLU A 10 6.18 24.00 -0.68
C GLU A 10 7.59 24.22 -1.19
N ALA A 11 8.37 24.98 -0.44
CA ALA A 11 9.74 25.27 -0.81
C ALA A 11 10.62 24.04 -0.59
N GLU A 12 10.92 23.35 -1.69
CA GLU A 12 11.72 22.12 -1.73
C GLU A 12 11.02 20.96 -1.05
N VAL A 13 10.69 19.98 -1.82
CA VAL A 13 10.09 18.79 -1.29
C VAL A 13 11.03 17.62 -1.52
N HIS A 14 11.17 16.81 -0.53
CA HIS A 14 11.97 15.62 -0.61
C HIS A 14 11.04 14.47 -0.79
N ASN A 15 11.13 13.79 -1.91
CA ASN A 15 10.23 12.68 -2.16
C ASN A 15 10.78 11.41 -1.58
N GLN A 16 9.99 10.79 -0.76
CA GLN A 16 10.29 9.49 -0.22
C GLN A 16 9.93 8.46 -1.29
N LEU A 17 9.60 7.26 -0.91
CA LEU A 17 9.26 6.30 -1.93
C LEU A 17 7.80 6.32 -2.15
N GLU A 18 7.43 6.68 -3.33
CA GLU A 18 6.06 6.88 -3.66
C GLU A 18 5.48 5.60 -4.20
N ILE A 19 4.42 5.21 -3.62
CA ILE A 19 3.76 3.99 -3.98
C ILE A 19 2.32 4.30 -4.33
N LYS A 20 1.82 3.67 -5.35
CA LYS A 20 0.44 3.78 -5.69
C LYS A 20 -0.17 2.40 -5.60
N PHE A 21 -1.43 2.33 -5.33
CA PHE A 21 -2.06 1.06 -5.11
C PHE A 21 -2.98 0.69 -6.24
N ARG A 22 -2.69 -0.39 -6.92
CA ARG A 22 -3.60 -0.88 -7.94
C ARG A 22 -4.12 -2.24 -7.56
N LEU A 23 -5.41 -2.31 -7.40
CA LEU A 23 -6.09 -3.53 -7.06
C LEU A 23 -6.01 -4.46 -8.24
N THR A 24 -6.04 -5.75 -7.98
CA THR A 24 -6.02 -6.75 -9.05
C THR A 24 -7.29 -6.63 -9.89
N ASP A 25 -8.23 -5.91 -9.35
CA ASP A 25 -9.53 -5.64 -9.95
C ASP A 25 -9.43 -4.53 -11.03
N GLY A 26 -8.24 -3.96 -11.19
CA GLY A 26 -8.02 -3.00 -12.28
C GLY A 26 -8.19 -1.54 -11.90
N SER A 27 -8.41 -1.28 -10.65
CA SER A 27 -8.56 0.08 -10.19
C SER A 27 -7.34 0.50 -9.38
N ASP A 28 -6.92 1.75 -9.51
CA ASP A 28 -5.77 2.21 -8.81
C ASP A 28 -6.01 3.49 -8.05
N ILE A 29 -5.27 3.63 -6.99
CA ILE A 29 -5.26 4.77 -6.13
C ILE A 29 -3.98 5.53 -6.41
N GLY A 30 -4.06 6.85 -6.42
CA GLY A 30 -2.92 7.69 -6.71
C GLY A 30 -1.71 7.47 -5.79
N PRO A 31 -0.50 7.78 -6.27
CA PRO A 31 0.73 7.60 -5.51
C PRO A 31 0.82 8.51 -4.30
N LYS A 32 1.42 7.99 -3.27
CA LYS A 32 1.60 8.66 -2.02
C LYS A 32 3.05 8.39 -1.60
N ALA A 33 3.67 9.29 -0.89
CA ALA A 33 5.06 9.10 -0.51
C ALA A 33 5.18 8.37 0.82
N PHE A 34 5.86 7.26 0.79
CA PHE A 34 6.08 6.46 1.96
C PHE A 34 7.55 6.47 2.31
N PRO A 35 7.88 7.00 3.47
CA PRO A 35 9.24 6.98 3.98
C PRO A 35 9.76 5.55 4.18
N ASP A 36 11.06 5.39 4.02
CA ASP A 36 11.73 4.09 4.22
C ASP A 36 11.47 3.53 5.63
N ALA A 37 11.26 4.41 6.58
CA ALA A 37 11.02 4.01 7.97
C ALA A 37 9.58 3.57 8.20
N THR A 38 8.74 3.75 7.20
CA THR A 38 7.36 3.37 7.30
C THR A 38 7.21 1.84 7.14
N THR A 39 6.44 1.25 8.01
CA THR A 39 6.21 -0.18 8.00
C THR A 39 5.16 -0.56 6.97
N VAL A 40 5.18 -1.81 6.55
CA VAL A 40 4.16 -2.35 5.68
C VAL A 40 2.83 -2.38 6.44
N SER A 41 2.93 -2.43 7.77
CA SER A 41 1.78 -2.34 8.63
C SER A 41 1.10 -0.97 8.37
N ALA A 42 1.91 0.09 8.40
CA ALA A 42 1.44 1.45 8.13
C ALA A 42 1.04 1.61 6.65
N LEU A 43 1.60 0.77 5.80
CA LEU A 43 1.29 0.75 4.42
C LEU A 43 -0.19 0.35 4.23
N LYS A 44 -0.64 -0.68 4.97
CA LYS A 44 -2.05 -1.02 4.93
C LYS A 44 -2.89 0.05 5.59
N GLU A 45 -2.36 0.67 6.65
CA GLU A 45 -3.06 1.76 7.35
C GLU A 45 -3.42 2.87 6.40
N THR A 46 -2.53 3.12 5.45
CA THR A 46 -2.73 4.13 4.44
C THR A 46 -3.95 3.76 3.56
N VAL A 47 -4.02 2.49 3.18
CA VAL A 47 -5.12 1.98 2.38
C VAL A 47 -6.43 2.10 3.17
N ILE A 48 -6.41 1.61 4.40
CA ILE A 48 -7.56 1.61 5.31
C ILE A 48 -8.12 3.03 5.49
N SER A 49 -7.24 4.01 5.51
CA SER A 49 -7.64 5.40 5.70
C SER A 49 -8.40 5.94 4.48
N GLU A 50 -7.95 5.56 3.28
CA GLU A 50 -8.51 6.03 2.05
C GLU A 50 -9.75 5.22 1.65
N TRP A 51 -9.66 3.93 1.88
CA TRP A 51 -10.68 2.98 1.47
C TRP A 51 -11.99 3.20 2.25
N PRO A 52 -13.14 3.17 1.55
CA PRO A 52 -14.46 3.34 2.16
C PRO A 52 -14.72 2.39 3.34
N ARG A 53 -14.94 2.98 4.51
CA ARG A 53 -15.24 2.25 5.74
C ARG A 53 -16.57 1.49 5.60
N GLU A 54 -17.40 1.95 4.69
CA GLU A 54 -18.72 1.41 4.47
C GLU A 54 -18.67 0.15 3.58
N LYS A 55 -17.53 -0.12 2.97
CA LYS A 55 -17.44 -1.24 2.05
C LYS A 55 -17.48 -2.57 2.84
N GLU A 56 -18.58 -3.29 2.69
CA GLU A 56 -18.75 -4.58 3.33
C GLU A 56 -17.90 -5.60 2.64
N ASN A 57 -17.26 -6.41 3.42
CA ASN A 57 -16.33 -7.45 2.95
C ASN A 57 -15.28 -6.90 2.02
N GLY A 58 -14.26 -6.34 2.58
CA GLY A 58 -13.21 -5.84 1.79
C GLY A 58 -12.15 -5.22 2.63
N PRO A 59 -11.20 -4.53 1.98
CA PRO A 59 -10.02 -3.78 2.63
C PRO A 59 -10.38 -2.74 3.68
N LYS A 60 -11.28 -3.07 4.53
CA LYS A 60 -11.72 -2.16 5.54
C LYS A 60 -10.71 -2.19 6.70
N THR A 61 -10.05 -3.33 6.89
CA THR A 61 -8.98 -3.40 7.86
C THR A 61 -7.70 -4.06 7.29
N VAL A 62 -6.66 -4.01 8.10
CA VAL A 62 -5.30 -4.42 7.78
C VAL A 62 -5.18 -5.87 7.31
N LYS A 63 -6.10 -6.70 7.77
CA LYS A 63 -6.06 -8.11 7.49
C LYS A 63 -6.53 -8.41 6.07
N GLU A 64 -7.37 -7.55 5.54
CA GLU A 64 -7.96 -7.83 4.22
C GLU A 64 -7.09 -7.32 3.08
N VAL A 65 -6.03 -6.62 3.40
CA VAL A 65 -5.21 -6.01 2.38
C VAL A 65 -3.84 -6.66 2.31
N LYS A 66 -3.53 -7.27 1.17
CA LYS A 66 -2.22 -7.77 0.92
C LYS A 66 -1.61 -7.01 -0.23
N LEU A 67 -0.34 -6.73 -0.13
CA LEU A 67 0.35 -5.97 -1.15
C LEU A 67 1.37 -6.83 -1.84
N ILE A 68 1.32 -6.86 -3.15
CA ILE A 68 2.26 -7.61 -3.94
C ILE A 68 3.06 -6.68 -4.84
N SER A 69 4.36 -6.76 -4.71
CA SER A 69 5.26 -5.98 -5.52
C SER A 69 6.28 -6.91 -6.14
N ALA A 70 6.37 -6.87 -7.47
CA ALA A 70 7.32 -7.68 -8.26
C ALA A 70 6.97 -9.17 -8.17
N GLY A 71 5.73 -9.46 -7.85
CA GLY A 71 5.28 -10.83 -7.74
C GLY A 71 5.64 -11.45 -6.42
N LYS A 72 5.86 -10.62 -5.42
CA LYS A 72 6.18 -11.09 -4.09
C LYS A 72 5.34 -10.28 -3.09
N VAL A 73 4.69 -10.96 -2.16
CA VAL A 73 3.82 -10.30 -1.18
C VAL A 73 4.62 -9.88 0.07
N LEU A 74 4.45 -8.66 0.47
CA LEU A 74 5.10 -8.13 1.62
C LEU A 74 4.15 -8.08 2.81
N GLU A 75 4.63 -8.52 3.96
CA GLU A 75 3.81 -8.63 5.14
C GLU A 75 4.13 -7.43 6.08
N ASN A 76 3.23 -7.14 7.01
CA ASN A 76 3.24 -5.90 7.83
C ASN A 76 4.50 -5.67 8.68
N SER A 77 5.23 -6.73 8.98
CA SER A 77 6.35 -6.65 9.91
C SER A 77 7.54 -5.82 9.44
N LYS A 78 7.75 -5.80 8.17
CA LYS A 78 8.86 -5.11 7.60
C LYS A 78 8.53 -3.70 7.14
N THR A 79 9.56 -2.94 6.85
CA THR A 79 9.43 -1.58 6.43
C THR A 79 9.60 -1.45 4.92
N VAL A 80 9.32 -0.24 4.42
CA VAL A 80 9.54 0.10 3.01
C VAL A 80 11.06 0.05 2.73
N LYS A 81 11.83 0.28 3.79
CA LYS A 81 13.29 0.21 3.78
C LYS A 81 13.78 -1.16 3.29
N ASP A 82 13.02 -2.19 3.57
CA ASP A 82 13.40 -3.55 3.18
C ASP A 82 13.39 -3.73 1.66
N TYR A 83 12.46 -3.08 0.99
CA TYR A 83 12.33 -3.21 -0.44
C TYR A 83 12.80 -1.99 -1.21
N ARG A 84 13.36 -1.01 -0.53
CA ARG A 84 13.82 0.16 -1.18
C ARG A 84 15.06 -0.14 -2.00
N SER A 85 15.26 0.63 -3.02
CA SER A 85 16.41 0.54 -3.85
C SER A 85 17.61 1.20 -3.11
N PRO A 86 18.85 1.09 -3.63
CA PRO A 86 20.01 1.72 -3.00
C PRO A 86 19.91 3.25 -3.02
N VAL A 87 20.89 3.91 -2.40
CA VAL A 87 20.94 5.38 -2.33
C VAL A 87 20.94 6.00 -3.74
N SER A 88 21.39 5.23 -4.67
CA SER A 88 21.40 5.61 -6.04
C SER A 88 20.12 5.09 -6.68
N ASN A 89 19.17 5.96 -6.84
CA ASN A 89 17.89 5.63 -7.44
C ASN A 89 17.30 6.86 -8.10
N LEU A 90 16.08 6.76 -8.55
CA LEU A 90 15.39 7.80 -9.17
C LEU A 90 14.92 8.86 -8.16
N ALA A 91 14.31 9.90 -8.67
CA ALA A 91 13.81 10.97 -7.87
C ALA A 91 12.45 11.35 -8.39
N GLY A 92 11.45 10.93 -7.69
CA GLY A 92 10.10 11.11 -8.15
C GLY A 92 9.66 9.88 -8.87
N ALA A 93 9.88 8.76 -8.23
CA ALA A 93 9.60 7.48 -8.81
C ALA A 93 8.42 6.85 -8.11
N VAL A 94 7.48 6.41 -8.89
CA VAL A 94 6.30 5.80 -8.36
C VAL A 94 6.40 4.29 -8.49
N THR A 95 6.19 3.64 -7.41
CA THR A 95 6.18 2.22 -7.35
C THR A 95 4.72 1.76 -7.40
N THR A 96 4.42 0.85 -8.28
CA THR A 96 3.07 0.39 -8.40
C THR A 96 2.90 -0.90 -7.59
N MET A 97 2.05 -0.85 -6.61
CA MET A 97 1.81 -1.95 -5.72
C MET A 97 0.52 -2.63 -6.13
N HIS A 98 0.50 -3.93 -6.07
CA HIS A 98 -0.70 -4.69 -6.42
C HIS A 98 -1.46 -5.03 -5.17
N VAL A 99 -2.70 -4.64 -5.11
CA VAL A 99 -3.52 -4.88 -3.95
C VAL A 99 -4.37 -6.11 -4.15
N ILE A 100 -4.17 -7.03 -3.28
CA ILE A 100 -4.89 -8.25 -3.23
C ILE A 100 -5.90 -8.16 -2.12
N ILE A 101 -7.14 -8.25 -2.50
CA ILE A 101 -8.23 -8.16 -1.58
C ILE A 101 -8.63 -9.54 -1.11
N GLN A 102 -8.61 -9.75 0.18
CA GLN A 102 -9.09 -10.97 0.75
C GLN A 102 -10.32 -10.70 1.56
N ALA A 103 -11.42 -11.19 1.07
CA ALA A 103 -12.71 -10.98 1.69
C ALA A 103 -12.85 -11.80 2.96
N PRO A 104 -13.21 -11.14 4.08
CA PRO A 104 -13.43 -11.82 5.36
C PRO A 104 -14.55 -12.84 5.22
N VAL A 105 -14.37 -13.99 5.83
CA VAL A 105 -15.36 -15.05 5.75
C VAL A 105 -16.66 -14.65 6.46
N THR A 106 -16.52 -13.87 7.50
CA THR A 106 -17.64 -13.38 8.23
C THR A 106 -17.40 -11.92 8.57
N GLU A 107 -18.44 -11.13 8.54
CA GLU A 107 -18.32 -9.70 8.83
C GLU A 107 -19.71 -9.12 9.02
N LYS A 108 -20.52 -9.24 7.95
CA LYS A 108 -21.89 -8.74 7.90
C LYS A 108 -22.45 -8.99 6.50
N GLU A 109 -21.94 -8.22 5.52
CA GLU A 109 -22.35 -8.30 4.11
C GLU A 109 -23.77 -7.75 3.96
N LYS A 110 -23.85 -6.49 3.61
CA LYS A 110 -25.09 -5.77 3.50
C LYS A 110 -25.07 -5.03 2.18
N GLU A 10 -3.82 12.17 -1.60
CA GLU A 10 -2.60 12.09 -2.39
C GLU A 10 -1.77 13.35 -2.21
N ALA A 11 -0.48 13.18 -2.03
CA ALA A 11 0.44 14.29 -1.84
C ALA A 11 1.86 13.81 -2.09
N GLU A 12 2.31 13.97 -3.29
CA GLU A 12 3.62 13.57 -3.69
C GLU A 12 4.66 14.55 -3.16
N VAL A 13 5.77 14.02 -2.68
CA VAL A 13 6.84 14.87 -2.18
C VAL A 13 8.02 14.84 -3.15
N HIS A 14 8.13 13.73 -3.77
CA HIS A 14 9.15 13.40 -4.77
C HIS A 14 10.59 13.38 -4.22
N ASN A 15 10.71 13.57 -2.94
CA ASN A 15 12.01 13.46 -2.26
C ASN A 15 12.09 12.09 -1.63
N GLN A 16 10.96 11.64 -1.13
CA GLN A 16 10.79 10.29 -0.66
C GLN A 16 10.20 9.54 -1.81
N LEU A 17 9.78 8.32 -1.60
CA LEU A 17 9.17 7.62 -2.68
C LEU A 17 7.68 7.60 -2.54
N GLU A 18 6.99 7.91 -3.60
CA GLU A 18 5.56 7.87 -3.56
C GLU A 18 5.09 6.52 -3.96
N ILE A 19 4.09 6.06 -3.29
CA ILE A 19 3.52 4.78 -3.56
C ILE A 19 2.03 4.93 -3.76
N LYS A 20 1.53 4.22 -4.72
CA LYS A 20 0.11 4.14 -4.90
C LYS A 20 -0.29 2.70 -4.76
N PHE A 21 -1.48 2.48 -4.32
CA PHE A 21 -1.95 1.15 -4.09
C PHE A 21 -2.93 0.77 -5.16
N ARG A 22 -2.62 -0.24 -5.93
CA ARG A 22 -3.50 -0.67 -6.99
C ARG A 22 -4.04 -2.05 -6.72
N LEU A 23 -5.35 -2.15 -6.74
CA LEU A 23 -6.05 -3.39 -6.49
C LEU A 23 -5.98 -4.29 -7.70
N THR A 24 -6.38 -5.53 -7.52
CA THR A 24 -6.49 -6.50 -8.60
C THR A 24 -7.71 -6.11 -9.48
N ASP A 25 -8.51 -5.23 -8.91
CA ASP A 25 -9.73 -4.70 -9.52
C ASP A 25 -9.39 -3.62 -10.56
N GLY A 26 -8.13 -3.23 -10.62
CA GLY A 26 -7.68 -2.23 -11.57
C GLY A 26 -7.87 -0.83 -11.06
N SER A 27 -8.35 -0.72 -9.86
CA SER A 27 -8.56 0.55 -9.24
C SER A 27 -7.41 0.84 -8.30
N ASP A 28 -6.84 2.02 -8.41
CA ASP A 28 -5.77 2.41 -7.57
C ASP A 28 -6.10 3.62 -6.75
N ILE A 29 -5.32 3.82 -5.73
CA ILE A 29 -5.48 4.90 -4.80
C ILE A 29 -4.39 5.93 -5.06
N GLY A 30 -4.76 7.22 -4.95
CA GLY A 30 -3.83 8.32 -5.17
C GLY A 30 -2.53 8.16 -4.39
N PRO A 31 -1.38 8.46 -5.02
CA PRO A 31 -0.07 8.24 -4.44
C PRO A 31 0.26 9.12 -3.23
N LYS A 32 1.00 8.56 -2.32
CA LYS A 32 1.42 9.25 -1.13
C LYS A 32 2.87 9.03 -0.96
N ALA A 33 3.46 9.82 -0.17
CA ALA A 33 4.89 9.76 0.02
C ALA A 33 5.24 8.89 1.21
N PHE A 34 6.07 7.92 0.97
CA PHE A 34 6.50 7.01 1.99
C PHE A 34 7.99 6.99 1.99
N PRO A 35 8.61 7.40 3.08
CA PRO A 35 10.06 7.29 3.22
C PRO A 35 10.51 5.83 3.18
N ASP A 36 11.70 5.60 2.68
CA ASP A 36 12.28 4.27 2.59
C ASP A 36 12.47 3.66 3.97
N ALA A 37 12.65 4.50 4.96
CA ALA A 37 12.83 4.02 6.33
C ALA A 37 11.50 3.69 7.03
N THR A 38 10.37 3.90 6.34
CA THR A 38 9.06 3.64 6.91
C THR A 38 8.70 2.13 6.89
N THR A 39 8.00 1.69 7.93
CA THR A 39 7.61 0.31 8.10
C THR A 39 6.49 -0.10 7.13
N VAL A 40 6.47 -1.38 6.78
CA VAL A 40 5.42 -1.96 5.95
C VAL A 40 4.10 -1.97 6.72
N SER A 41 4.19 -2.04 8.03
CA SER A 41 3.02 -1.93 8.86
C SER A 41 2.33 -0.59 8.63
N ALA A 42 3.11 0.50 8.66
CA ALA A 42 2.57 1.84 8.41
C ALA A 42 2.09 1.95 6.97
N LEU A 43 2.75 1.23 6.08
CA LEU A 43 2.42 1.18 4.70
C LEU A 43 1.02 0.56 4.53
N LYS A 44 0.79 -0.57 5.20
CA LYS A 44 -0.51 -1.23 5.13
C LYS A 44 -1.56 -0.41 5.85
N GLU A 45 -1.20 0.14 6.99
CA GLU A 45 -2.08 1.02 7.76
C GLU A 45 -2.53 2.21 6.90
N THR A 46 -1.66 2.63 5.99
CA THR A 46 -2.00 3.68 5.06
C THR A 46 -3.12 3.21 4.11
N VAL A 47 -3.00 1.98 3.60
CA VAL A 47 -4.03 1.40 2.71
C VAL A 47 -5.36 1.39 3.42
N ILE A 48 -5.33 0.92 4.66
CA ILE A 48 -6.50 0.81 5.52
C ILE A 48 -7.15 2.18 5.71
N SER A 49 -6.33 3.19 5.85
CA SER A 49 -6.79 4.54 6.06
C SER A 49 -7.33 5.18 4.76
N GLU A 50 -6.72 4.85 3.63
CA GLU A 50 -7.12 5.39 2.36
C GLU A 50 -8.35 4.64 1.80
N TRP A 51 -8.68 3.51 2.40
CA TRP A 51 -9.83 2.74 1.98
C TRP A 51 -11.07 3.52 2.42
N PRO A 52 -12.07 3.67 1.55
CA PRO A 52 -13.29 4.43 1.87
C PRO A 52 -13.92 3.97 3.19
N ARG A 53 -14.02 4.89 4.12
CA ARG A 53 -14.50 4.63 5.47
C ARG A 53 -15.95 4.14 5.47
N GLU A 54 -16.76 4.76 4.64
CA GLU A 54 -18.18 4.43 4.53
C GLU A 54 -18.40 3.01 4.00
N LYS A 55 -17.43 2.51 3.26
CA LYS A 55 -17.51 1.22 2.67
C LYS A 55 -17.65 0.11 3.68
N GLU A 56 -18.02 -1.03 3.16
CA GLU A 56 -18.28 -2.24 3.89
C GLU A 56 -17.16 -2.61 4.83
N ASN A 57 -17.49 -3.47 5.76
CA ASN A 57 -16.55 -4.03 6.63
C ASN A 57 -15.91 -5.17 5.90
N GLY A 58 -15.13 -4.77 4.95
CA GLY A 58 -14.47 -5.66 4.08
C GLY A 58 -12.98 -5.52 4.11
N PRO A 59 -12.36 -5.19 2.98
CA PRO A 59 -10.88 -5.07 2.85
C PRO A 59 -10.26 -3.86 3.56
N LYS A 60 -10.55 -3.69 4.81
CA LYS A 60 -9.93 -2.60 5.53
C LYS A 60 -8.72 -3.05 6.29
N THR A 61 -8.93 -3.87 7.29
CA THR A 61 -7.88 -4.17 8.24
C THR A 61 -6.81 -5.16 7.75
N VAL A 62 -5.75 -5.27 8.56
CA VAL A 62 -4.50 -5.99 8.25
C VAL A 62 -4.70 -7.41 7.70
N LYS A 63 -5.63 -8.17 8.24
CA LYS A 63 -5.83 -9.54 7.81
C LYS A 63 -6.60 -9.62 6.49
N GLU A 64 -7.24 -8.55 6.10
CA GLU A 64 -8.10 -8.60 4.92
C GLU A 64 -7.34 -8.11 3.68
N VAL A 65 -6.16 -7.55 3.89
CA VAL A 65 -5.41 -6.97 2.82
C VAL A 65 -3.93 -7.40 2.82
N LYS A 66 -3.46 -7.91 1.70
CA LYS A 66 -2.09 -8.30 1.53
C LYS A 66 -1.42 -7.35 0.55
N LEU A 67 -0.20 -6.97 0.83
CA LEU A 67 0.50 -6.02 0.01
C LEU A 67 1.67 -6.75 -0.69
N ILE A 68 1.69 -6.71 -2.01
CA ILE A 68 2.70 -7.39 -2.80
C ILE A 68 3.40 -6.40 -3.74
N SER A 69 4.69 -6.49 -3.76
CA SER A 69 5.51 -5.67 -4.61
C SER A 69 6.66 -6.52 -5.08
N ALA A 70 6.90 -6.50 -6.39
CA ALA A 70 8.00 -7.26 -7.02
C ALA A 70 7.77 -8.77 -6.92
N GLY A 71 6.53 -9.14 -6.63
CA GLY A 71 6.17 -10.52 -6.48
C GLY A 71 6.41 -11.05 -5.08
N LYS A 72 6.65 -10.15 -4.14
CA LYS A 72 6.92 -10.50 -2.78
C LYS A 72 5.85 -9.93 -1.90
N VAL A 73 5.42 -10.70 -0.92
CA VAL A 73 4.45 -10.24 0.04
C VAL A 73 5.20 -9.51 1.13
N LEU A 74 4.89 -8.27 1.35
CA LEU A 74 5.59 -7.48 2.29
C LEU A 74 5.14 -7.76 3.72
N GLU A 75 6.11 -8.18 4.52
CA GLU A 75 5.92 -8.45 5.93
C GLU A 75 5.80 -7.11 6.65
N ASN A 76 4.83 -6.99 7.52
CA ASN A 76 4.59 -5.69 8.18
C ASN A 76 5.73 -5.28 9.12
N SER A 77 6.51 -6.27 9.56
CA SER A 77 7.58 -6.05 10.52
C SER A 77 8.87 -5.49 9.90
N LYS A 78 8.90 -5.40 8.59
CA LYS A 78 10.01 -4.85 7.89
C LYS A 78 9.66 -3.49 7.32
N THR A 79 10.63 -2.78 6.87
CA THR A 79 10.45 -1.49 6.32
C THR A 79 10.43 -1.54 4.79
N VAL A 80 10.12 -0.42 4.17
CA VAL A 80 10.16 -0.28 2.72
C VAL A 80 11.62 -0.41 2.25
N LYS A 81 12.52 -0.08 3.16
CA LYS A 81 13.96 -0.12 2.99
C LYS A 81 14.41 -1.50 2.53
N ASP A 82 13.72 -2.52 2.99
CA ASP A 82 14.02 -3.90 2.64
C ASP A 82 13.84 -4.16 1.13
N TYR A 83 12.93 -3.41 0.54
CA TYR A 83 12.66 -3.50 -0.88
C TYR A 83 13.18 -2.29 -1.64
N ARG A 84 13.85 -1.41 -0.93
CA ARG A 84 14.42 -0.24 -1.50
C ARG A 84 15.70 -0.63 -2.23
N SER A 85 15.91 -0.07 -3.37
CA SER A 85 17.08 -0.33 -4.15
C SER A 85 17.91 0.94 -4.22
N PRO A 86 19.24 0.85 -4.10
CA PRO A 86 20.12 2.01 -4.24
C PRO A 86 20.05 2.58 -5.64
N VAL A 87 19.51 3.75 -5.74
CA VAL A 87 19.33 4.42 -7.01
C VAL A 87 20.51 5.31 -7.30
N SER A 88 21.21 5.66 -6.23
CA SER A 88 22.40 6.53 -6.27
C SER A 88 22.00 7.95 -6.68
N ASN A 89 20.75 8.22 -6.51
CA ASN A 89 20.13 9.47 -6.88
C ASN A 89 18.77 9.44 -6.19
N LEU A 90 18.06 10.53 -6.18
CA LEU A 90 16.78 10.58 -5.61
C LEU A 90 15.84 9.78 -6.45
N ALA A 91 14.83 9.33 -5.84
CA ALA A 91 13.86 8.53 -6.48
C ALA A 91 12.51 8.80 -5.91
N GLY A 92 11.93 9.87 -6.36
CA GLY A 92 10.62 10.25 -5.94
C GLY A 92 9.64 9.93 -6.99
N ALA A 93 9.66 8.72 -7.42
CA ALA A 93 8.79 8.26 -8.44
C ALA A 93 7.69 7.49 -7.78
N VAL A 94 6.57 7.42 -8.42
CA VAL A 94 5.48 6.72 -7.84
C VAL A 94 5.61 5.26 -8.16
N THR A 95 5.70 4.50 -7.13
CA THR A 95 5.84 3.09 -7.20
C THR A 95 4.44 2.48 -7.03
N THR A 96 4.12 1.49 -7.82
CA THR A 96 2.83 0.91 -7.72
C THR A 96 2.89 -0.43 -6.98
N MET A 97 2.21 -0.50 -5.87
CA MET A 97 2.11 -1.71 -5.11
C MET A 97 0.82 -2.41 -5.42
N HIS A 98 0.87 -3.71 -5.49
CA HIS A 98 -0.28 -4.48 -5.81
C HIS A 98 -0.97 -4.93 -4.55
N VAL A 99 -2.20 -4.59 -4.45
CA VAL A 99 -2.97 -4.90 -3.29
C VAL A 99 -3.84 -6.08 -3.55
N ILE A 100 -3.64 -7.06 -2.76
CA ILE A 100 -4.35 -8.28 -2.83
C ILE A 100 -5.43 -8.27 -1.78
N ILE A 101 -6.63 -8.32 -2.27
CA ILE A 101 -7.79 -8.23 -1.46
C ILE A 101 -8.37 -9.60 -1.21
N GLN A 102 -8.46 -9.97 0.04
CA GLN A 102 -9.13 -11.19 0.39
C GLN A 102 -10.29 -10.80 1.26
N ALA A 103 -11.46 -10.94 0.72
CA ALA A 103 -12.67 -10.54 1.41
C ALA A 103 -13.38 -11.74 2.00
N PRO A 104 -14.02 -11.59 3.16
CA PRO A 104 -14.84 -12.66 3.75
C PRO A 104 -16.06 -12.91 2.86
N VAL A 105 -16.71 -14.04 3.05
CA VAL A 105 -17.87 -14.36 2.25
C VAL A 105 -19.06 -13.51 2.67
N THR A 106 -19.24 -12.43 1.95
CA THR A 106 -20.30 -11.50 2.19
C THR A 106 -20.36 -10.50 1.03
N GLU A 107 -21.53 -10.02 0.72
CA GLU A 107 -21.70 -9.05 -0.30
C GLU A 107 -22.66 -8.01 0.20
N LYS A 108 -22.18 -6.79 0.27
CA LYS A 108 -22.94 -5.66 0.74
C LYS A 108 -23.21 -5.76 2.23
N GLU A 109 -22.20 -5.49 3.00
CA GLU A 109 -22.31 -5.42 4.41
C GLU A 109 -21.96 -3.99 4.80
N LYS A 110 -22.93 -3.15 4.56
CA LYS A 110 -22.85 -1.74 4.77
C LYS A 110 -24.23 -1.28 5.16
N GLU A 10 1.26 22.86 -5.80
CA GLU A 10 1.99 21.71 -5.27
C GLU A 10 3.39 21.66 -5.88
N ALA A 11 4.37 22.02 -5.11
CA ALA A 11 5.74 21.98 -5.54
C ALA A 11 6.56 21.20 -4.54
N GLU A 12 7.11 20.11 -4.97
CA GLU A 12 7.90 19.28 -4.12
C GLU A 12 8.92 18.53 -4.95
N VAL A 13 10.15 18.89 -4.81
CA VAL A 13 11.23 18.22 -5.49
C VAL A 13 11.87 17.24 -4.55
N HIS A 14 11.89 17.59 -3.32
CA HIS A 14 12.38 16.70 -2.28
C HIS A 14 11.27 15.78 -1.83
N ASN A 15 11.13 14.74 -2.58
CA ASN A 15 10.08 13.80 -2.42
C ASN A 15 10.60 12.46 -1.92
N GLN A 16 9.81 11.83 -1.07
CA GLN A 16 10.11 10.52 -0.52
C GLN A 16 9.66 9.46 -1.54
N LEU A 17 9.22 8.31 -1.10
CA LEU A 17 8.69 7.37 -2.05
C LEU A 17 7.20 7.48 -2.08
N GLU A 18 6.65 7.72 -3.22
CA GLU A 18 5.24 7.73 -3.33
C GLU A 18 4.80 6.36 -3.71
N ILE A 19 4.02 5.80 -2.90
CA ILE A 19 3.51 4.48 -3.14
C ILE A 19 2.07 4.59 -3.51
N LYS A 20 1.74 3.97 -4.58
CA LYS A 20 0.40 3.91 -5.04
C LYS A 20 -0.06 2.48 -5.03
N PHE A 21 -1.25 2.28 -4.58
CA PHE A 21 -1.78 0.95 -4.41
C PHE A 21 -2.55 0.52 -5.64
N ARG A 22 -2.10 -0.56 -6.25
CA ARG A 22 -2.73 -1.11 -7.44
C ARG A 22 -3.64 -2.28 -7.07
N LEU A 23 -4.92 -2.11 -7.29
CA LEU A 23 -5.91 -3.13 -7.01
C LEU A 23 -6.01 -4.12 -8.15
N THR A 24 -6.72 -5.21 -7.92
CA THR A 24 -6.89 -6.27 -8.89
C THR A 24 -7.73 -5.82 -10.10
N ASP A 25 -8.52 -4.79 -9.91
CA ASP A 25 -9.38 -4.26 -10.98
C ASP A 25 -8.61 -3.29 -11.85
N GLY A 26 -7.37 -3.02 -11.49
CA GLY A 26 -6.60 -2.04 -12.20
C GLY A 26 -6.88 -0.66 -11.64
N SER A 27 -7.58 -0.64 -10.54
CA SER A 27 -7.91 0.56 -9.84
C SER A 27 -6.72 0.93 -8.97
N ASP A 28 -6.58 2.17 -8.62
CA ASP A 28 -5.50 2.60 -7.84
C ASP A 28 -5.96 3.48 -6.72
N ILE A 29 -5.16 3.57 -5.72
CA ILE A 29 -5.38 4.50 -4.64
C ILE A 29 -4.36 5.59 -4.84
N GLY A 30 -4.75 6.83 -4.61
CA GLY A 30 -3.87 7.96 -4.82
C GLY A 30 -2.53 7.78 -4.14
N PRO A 31 -1.42 8.01 -4.86
CA PRO A 31 -0.08 7.84 -4.31
C PRO A 31 0.15 8.72 -3.10
N LYS A 32 0.82 8.17 -2.14
CA LYS A 32 1.10 8.88 -0.93
C LYS A 32 2.58 8.80 -0.68
N ALA A 33 3.12 9.74 0.02
CA ALA A 33 4.54 9.74 0.26
C ALA A 33 4.88 8.95 1.50
N PHE A 34 5.72 7.96 1.34
CA PHE A 34 6.19 7.13 2.40
C PHE A 34 7.71 7.17 2.42
N PRO A 35 8.30 7.67 3.48
CA PRO A 35 9.74 7.61 3.68
C PRO A 35 10.27 6.16 3.70
N ASP A 36 11.53 5.98 3.27
CA ASP A 36 12.22 4.67 3.31
C ASP A 36 12.12 4.05 4.70
N ALA A 37 12.15 4.91 5.71
CA ALA A 37 12.14 4.49 7.11
C ALA A 37 10.74 4.15 7.64
N THR A 38 9.73 4.24 6.80
CA THR A 38 8.38 3.89 7.22
C THR A 38 8.22 2.38 7.31
N THR A 39 7.62 1.92 8.36
CA THR A 39 7.41 0.54 8.57
C THR A 39 6.19 0.04 7.78
N VAL A 40 6.19 -1.24 7.45
CA VAL A 40 5.07 -1.84 6.72
C VAL A 40 3.82 -1.84 7.61
N SER A 41 4.04 -1.86 8.91
CA SER A 41 2.97 -1.77 9.86
C SER A 41 2.15 -0.48 9.63
N ALA A 42 2.87 0.64 9.52
CA ALA A 42 2.25 1.94 9.29
C ALA A 42 1.67 2.02 7.88
N LEU A 43 2.30 1.32 6.94
CA LEU A 43 1.86 1.23 5.60
C LEU A 43 0.51 0.53 5.58
N LYS A 44 0.45 -0.60 6.26
CA LYS A 44 -0.76 -1.41 6.41
C LYS A 44 -1.87 -0.60 7.07
N GLU A 45 -1.52 0.07 8.13
CA GLU A 45 -2.43 0.96 8.84
C GLU A 45 -2.98 2.02 7.90
N THR A 46 -2.13 2.51 7.04
CA THR A 46 -2.51 3.47 6.05
C THR A 46 -3.44 2.84 5.00
N VAL A 47 -3.15 1.60 4.61
CA VAL A 47 -3.96 0.88 3.61
C VAL A 47 -5.38 0.77 4.10
N ILE A 48 -5.54 0.29 5.32
CA ILE A 48 -6.85 0.12 5.94
C ILE A 48 -7.56 1.47 6.07
N SER A 49 -6.79 2.50 6.28
CA SER A 49 -7.32 3.83 6.42
C SER A 49 -7.74 4.45 5.06
N GLU A 50 -6.95 4.22 4.01
CA GLU A 50 -7.24 4.76 2.71
C GLU A 50 -8.34 3.98 2.03
N TRP A 51 -8.45 2.72 2.38
CA TRP A 51 -9.49 1.86 1.87
C TRP A 51 -10.74 2.27 2.65
N PRO A 52 -11.89 2.43 1.99
CA PRO A 52 -13.10 2.82 2.69
C PRO A 52 -13.52 1.76 3.71
N ARG A 53 -13.39 2.09 4.98
CA ARG A 53 -13.78 1.18 6.05
C ARG A 53 -15.30 1.05 6.06
N GLU A 54 -15.93 2.07 5.51
CA GLU A 54 -17.36 2.15 5.37
C GLU A 54 -17.84 1.17 4.27
N LYS A 55 -16.91 0.61 3.52
CA LYS A 55 -17.25 -0.31 2.45
C LYS A 55 -17.75 -1.63 3.05
N GLU A 56 -18.50 -2.37 2.27
CA GLU A 56 -19.02 -3.67 2.65
C GLU A 56 -17.89 -4.67 2.89
N ASN A 57 -18.26 -5.91 3.14
CA ASN A 57 -17.30 -6.95 3.42
C ASN A 57 -16.52 -7.41 2.23
N GLY A 58 -15.69 -6.56 1.84
CA GLY A 58 -14.66 -6.82 0.90
C GLY A 58 -13.39 -6.85 1.69
N PRO A 59 -12.29 -6.41 1.15
CA PRO A 59 -11.11 -6.21 1.94
C PRO A 59 -11.39 -5.05 2.91
N LYS A 60 -10.95 -5.17 4.11
CA LYS A 60 -11.15 -4.10 5.06
C LYS A 60 -10.01 -4.08 6.04
N THR A 61 -9.59 -5.23 6.44
CA THR A 61 -8.50 -5.34 7.34
C THR A 61 -7.34 -6.11 6.69
N VAL A 62 -6.22 -6.12 7.39
CA VAL A 62 -4.97 -6.76 6.96
C VAL A 62 -5.15 -8.26 6.61
N LYS A 63 -6.16 -8.89 7.20
CA LYS A 63 -6.42 -10.28 6.94
C LYS A 63 -6.95 -10.47 5.53
N GLU A 64 -7.47 -9.40 4.94
CA GLU A 64 -7.95 -9.48 3.59
C GLU A 64 -6.99 -8.79 2.65
N VAL A 65 -6.61 -7.59 2.98
CA VAL A 65 -5.77 -6.81 2.11
C VAL A 65 -4.28 -6.95 2.45
N LYS A 66 -3.54 -7.53 1.54
CA LYS A 66 -2.12 -7.69 1.65
C LYS A 66 -1.36 -6.97 0.56
N LEU A 67 -0.18 -6.47 0.92
CA LEU A 67 0.65 -5.69 0.03
C LEU A 67 1.78 -6.55 -0.54
N ILE A 68 1.88 -6.63 -1.86
CA ILE A 68 2.91 -7.43 -2.51
C ILE A 68 3.67 -6.63 -3.57
N SER A 69 4.97 -6.69 -3.48
CA SER A 69 5.84 -6.06 -4.45
C SER A 69 6.79 -7.09 -5.02
N ALA A 70 6.72 -7.28 -6.35
CA ALA A 70 7.60 -8.22 -7.09
C ALA A 70 7.35 -9.68 -6.72
N GLY A 71 6.19 -9.96 -6.17
CA GLY A 71 5.86 -11.31 -5.76
C GLY A 71 6.34 -11.61 -4.36
N LYS A 72 6.56 -10.57 -3.60
CA LYS A 72 7.02 -10.69 -2.25
C LYS A 72 6.09 -9.84 -1.37
N VAL A 73 5.52 -10.47 -0.35
CA VAL A 73 4.55 -9.80 0.51
C VAL A 73 5.25 -8.99 1.61
N LEU A 74 4.75 -7.81 1.83
CA LEU A 74 5.24 -6.94 2.84
C LEU A 74 4.44 -7.16 4.11
N GLU A 75 5.05 -7.77 5.10
CA GLU A 75 4.39 -8.00 6.36
C GLU A 75 4.77 -6.90 7.34
N ASN A 76 3.95 -6.71 8.36
CA ASN A 76 4.10 -5.60 9.35
C ASN A 76 5.48 -5.52 10.02
N SER A 77 6.18 -6.63 10.04
CA SER A 77 7.48 -6.72 10.70
C SER A 77 8.58 -6.02 9.89
N LYS A 78 8.30 -5.76 8.66
CA LYS A 78 9.24 -5.16 7.75
C LYS A 78 9.11 -3.64 7.66
N THR A 79 10.11 -3.04 7.07
CA THR A 79 10.16 -1.62 6.82
C THR A 79 10.23 -1.43 5.30
N VAL A 80 9.98 -0.22 4.80
CA VAL A 80 10.02 0.03 3.35
C VAL A 80 11.44 -0.13 2.83
N LYS A 81 12.38 0.29 3.66
CA LYS A 81 13.81 0.19 3.39
C LYS A 81 14.25 -1.24 3.04
N ASP A 82 13.60 -2.24 3.63
CA ASP A 82 13.93 -3.65 3.36
C ASP A 82 13.71 -3.97 1.88
N TYR A 83 12.64 -3.46 1.35
CA TYR A 83 12.26 -3.71 -0.01
C TYR A 83 12.74 -2.63 -0.96
N ARG A 84 13.49 -1.70 -0.42
CA ARG A 84 14.01 -0.63 -1.16
C ARG A 84 15.25 -1.10 -1.90
N SER A 85 15.06 -1.37 -3.15
CA SER A 85 16.09 -1.84 -4.01
C SER A 85 16.96 -0.69 -4.51
N PRO A 86 18.29 -0.90 -4.61
CA PRO A 86 19.18 0.11 -5.14
C PRO A 86 18.97 0.27 -6.63
N VAL A 87 18.51 1.41 -6.99
CA VAL A 87 18.20 1.83 -8.29
C VAL A 87 18.43 3.30 -8.21
N SER A 88 18.92 3.86 -9.27
CA SER A 88 19.24 5.30 -9.36
C SER A 88 18.15 6.15 -8.69
N ASN A 89 18.54 6.79 -7.61
CA ASN A 89 17.62 7.57 -6.81
C ASN A 89 17.52 9.00 -7.31
N LEU A 90 16.42 9.32 -7.92
CA LEU A 90 16.15 10.61 -8.36
C LEU A 90 15.31 11.34 -7.32
N ALA A 91 14.97 12.57 -7.62
CA ALA A 91 14.21 13.39 -6.75
C ALA A 91 12.73 13.15 -6.97
N GLY A 92 12.25 12.12 -6.37
CA GLY A 92 10.87 11.76 -6.50
C GLY A 92 10.70 10.39 -7.08
N ALA A 93 10.48 9.43 -6.24
CA ALA A 93 10.34 8.06 -6.66
C ALA A 93 8.91 7.60 -6.44
N VAL A 94 8.32 7.02 -7.46
CA VAL A 94 7.00 6.48 -7.36
C VAL A 94 7.08 4.98 -7.46
N THR A 95 6.47 4.32 -6.54
CA THR A 95 6.49 2.90 -6.47
C THR A 95 5.05 2.37 -6.48
N THR A 96 4.75 1.55 -7.44
CA THR A 96 3.45 0.96 -7.55
C THR A 96 3.49 -0.42 -6.89
N MET A 97 2.62 -0.65 -5.94
CA MET A 97 2.60 -1.90 -5.24
C MET A 97 1.29 -2.62 -5.47
N HIS A 98 1.36 -3.94 -5.60
CA HIS A 98 0.22 -4.76 -5.90
C HIS A 98 -0.54 -5.07 -4.64
N VAL A 99 -1.81 -4.86 -4.68
CA VAL A 99 -2.68 -5.13 -3.57
C VAL A 99 -3.41 -6.41 -3.84
N ILE A 100 -3.47 -7.22 -2.84
CA ILE A 100 -4.13 -8.48 -2.89
C ILE A 100 -5.50 -8.35 -2.28
N ILE A 101 -6.48 -8.57 -3.11
CA ILE A 101 -7.84 -8.46 -2.72
C ILE A 101 -8.44 -9.83 -2.45
N GLN A 102 -8.63 -10.13 -1.20
CA GLN A 102 -9.29 -11.32 -0.81
C GLN A 102 -10.71 -10.94 -0.51
N ALA A 103 -11.58 -11.40 -1.33
CA ALA A 103 -12.97 -11.07 -1.25
C ALA A 103 -13.76 -12.16 -0.53
N PRO A 104 -14.31 -11.83 0.64
CA PRO A 104 -15.16 -12.73 1.37
C PRO A 104 -16.63 -12.52 0.99
N VAL A 105 -17.50 -13.25 1.60
CA VAL A 105 -18.92 -13.06 1.38
C VAL A 105 -19.38 -11.87 2.20
N THR A 106 -20.23 -11.04 1.64
CA THR A 106 -20.70 -9.87 2.33
C THR A 106 -21.61 -10.27 3.49
N GLU A 107 -21.23 -9.91 4.69
CA GLU A 107 -21.96 -10.27 5.86
C GLU A 107 -21.88 -9.14 6.88
N LYS A 108 -23.05 -8.61 7.24
CA LYS A 108 -23.20 -7.51 8.20
C LYS A 108 -22.67 -6.19 7.58
N GLU A 109 -22.96 -5.06 8.25
CA GLU A 109 -22.52 -3.73 7.83
C GLU A 109 -23.27 -3.26 6.58
N LYS A 110 -24.27 -4.01 6.19
CA LYS A 110 -25.16 -3.70 5.11
C LYS A 110 -26.35 -4.62 5.21
N GLU A 10 -2.78 18.08 -3.53
CA GLU A 10 -2.39 17.61 -2.19
C GLU A 10 -1.02 18.15 -1.86
N ALA A 11 -0.68 18.18 -0.58
CA ALA A 11 0.60 18.70 -0.16
C ALA A 11 1.32 17.72 0.75
N GLU A 12 2.51 17.35 0.35
CA GLU A 12 3.36 16.45 1.09
C GLU A 12 4.80 16.68 0.64
N VAL A 13 5.75 16.23 1.42
CA VAL A 13 7.14 16.50 1.09
C VAL A 13 7.68 15.45 0.10
N HIS A 14 8.64 15.86 -0.70
CA HIS A 14 9.19 15.01 -1.76
C HIS A 14 10.51 14.34 -1.31
N ASN A 15 10.82 14.46 -0.03
CA ASN A 15 12.01 13.78 0.51
C ASN A 15 11.65 12.36 0.89
N GLN A 16 10.37 12.10 0.90
CA GLN A 16 9.85 10.79 1.14
C GLN A 16 9.60 10.18 -0.22
N LEU A 17 9.39 8.91 -0.31
CA LEU A 17 9.21 8.29 -1.60
C LEU A 17 7.77 7.97 -1.88
N GLU A 18 7.33 8.21 -3.09
CA GLU A 18 5.95 7.99 -3.42
C GLU A 18 5.70 6.57 -3.88
N ILE A 19 4.66 6.03 -3.36
CA ILE A 19 4.23 4.70 -3.69
C ILE A 19 2.79 4.78 -4.17
N LYS A 20 2.46 4.03 -5.19
CA LYS A 20 1.09 3.96 -5.64
C LYS A 20 0.58 2.56 -5.48
N PHE A 21 -0.68 2.45 -5.15
CA PHE A 21 -1.28 1.17 -4.93
C PHE A 21 -2.12 0.76 -6.11
N ARG A 22 -1.86 -0.42 -6.63
CA ARG A 22 -2.64 -0.98 -7.71
C ARG A 22 -3.64 -1.93 -7.11
N LEU A 23 -4.90 -1.69 -7.29
CA LEU A 23 -5.93 -2.55 -6.76
C LEU A 23 -6.15 -3.74 -7.68
N THR A 24 -6.82 -4.77 -7.19
CA THR A 24 -7.09 -5.97 -7.98
C THR A 24 -8.08 -5.70 -9.10
N ASP A 25 -8.77 -4.59 -8.98
CA ASP A 25 -9.77 -4.13 -9.93
C ASP A 25 -9.09 -3.50 -11.16
N GLY A 26 -7.79 -3.32 -11.07
CA GLY A 26 -7.04 -2.76 -12.17
C GLY A 26 -6.98 -1.25 -12.10
N SER A 27 -7.53 -0.71 -11.06
CA SER A 27 -7.50 0.69 -10.82
C SER A 27 -6.40 0.97 -9.82
N ASP A 28 -5.85 2.17 -9.80
CA ASP A 28 -4.81 2.45 -8.86
C ASP A 28 -5.14 3.66 -8.03
N ILE A 29 -4.37 3.85 -7.02
CA ILE A 29 -4.49 4.98 -6.14
C ILE A 29 -3.35 5.94 -6.44
N GLY A 30 -3.64 7.23 -6.42
CA GLY A 30 -2.63 8.23 -6.63
C GLY A 30 -1.49 8.05 -5.66
N PRO A 31 -0.25 8.30 -6.09
CA PRO A 31 0.93 8.06 -5.27
C PRO A 31 0.89 8.83 -3.95
N LYS A 32 1.35 8.19 -2.92
CA LYS A 32 1.35 8.70 -1.58
C LYS A 32 2.81 8.71 -1.15
N ALA A 33 3.21 9.62 -0.29
CA ALA A 33 4.62 9.70 0.10
C ALA A 33 4.90 8.91 1.38
N PHE A 34 5.87 8.01 1.31
CA PHE A 34 6.25 7.17 2.43
C PHE A 34 7.76 7.23 2.65
N PRO A 35 8.19 7.53 3.85
CA PRO A 35 9.58 7.43 4.26
C PRO A 35 10.12 5.98 4.21
N ASP A 36 11.42 5.85 3.99
CA ASP A 36 12.14 4.55 3.96
C ASP A 36 11.84 3.71 5.21
N ALA A 37 11.72 4.37 6.35
CA ALA A 37 11.52 3.70 7.63
C ALA A 37 10.08 3.29 7.90
N THR A 38 9.18 3.69 7.03
CA THR A 38 7.77 3.32 7.16
C THR A 38 7.58 1.81 7.00
N THR A 39 6.78 1.23 7.89
CA THR A 39 6.54 -0.19 7.90
C THR A 39 5.45 -0.58 6.90
N VAL A 40 5.44 -1.85 6.53
CA VAL A 40 4.45 -2.41 5.62
C VAL A 40 3.07 -2.35 6.27
N SER A 41 3.04 -2.43 7.58
CA SER A 41 1.83 -2.27 8.32
C SER A 41 1.27 -0.87 8.07
N ALA A 42 2.16 0.12 8.06
CA ALA A 42 1.79 1.51 7.83
C ALA A 42 1.29 1.71 6.40
N LEU A 43 1.82 0.92 5.44
CA LEU A 43 1.27 0.91 4.06
C LEU A 43 -0.19 0.58 4.13
N LYS A 44 -0.51 -0.49 4.83
CA LYS A 44 -1.86 -0.94 4.97
C LYS A 44 -2.71 0.06 5.75
N GLU A 45 -2.13 0.63 6.82
CA GLU A 45 -2.80 1.67 7.60
C GLU A 45 -3.18 2.83 6.67
N THR A 46 -2.28 3.15 5.76
CA THR A 46 -2.51 4.17 4.77
C THR A 46 -3.66 3.76 3.85
N VAL A 47 -3.63 2.51 3.36
CA VAL A 47 -4.67 2.00 2.46
C VAL A 47 -6.03 2.11 3.13
N ILE A 48 -6.10 1.67 4.37
CA ILE A 48 -7.35 1.67 5.15
C ILE A 48 -7.87 3.12 5.31
N SER A 49 -6.94 4.06 5.50
CA SER A 49 -7.31 5.45 5.71
C SER A 49 -7.72 6.16 4.41
N GLU A 50 -7.02 5.89 3.31
CA GLU A 50 -7.27 6.57 2.06
C GLU A 50 -8.49 6.01 1.36
N TRP A 51 -8.75 4.75 1.59
CA TRP A 51 -9.88 4.06 1.02
C TRP A 51 -11.16 4.60 1.73
N PRO A 52 -12.32 4.66 1.02
CA PRO A 52 -13.60 5.19 1.55
C PRO A 52 -13.89 4.87 3.02
N ARG A 53 -14.46 5.83 3.75
CA ARG A 53 -14.79 5.63 5.16
C ARG A 53 -15.92 4.62 5.31
N GLU A 54 -16.82 4.64 4.33
CA GLU A 54 -18.02 3.82 4.31
C GLU A 54 -17.73 2.42 3.71
N LYS A 55 -16.45 2.16 3.41
CA LYS A 55 -15.98 1.00 2.65
C LYS A 55 -16.73 -0.34 2.86
N GLU A 56 -16.95 -1.00 1.73
CA GLU A 56 -17.66 -2.25 1.60
C GLU A 56 -16.81 -3.45 2.05
N ASN A 57 -17.26 -4.64 1.65
CA ASN A 57 -16.57 -5.95 1.90
C ASN A 57 -15.20 -6.08 1.24
N GLY A 58 -14.65 -4.98 0.81
CA GLY A 58 -13.35 -4.96 0.20
C GLY A 58 -12.33 -4.57 1.23
N PRO A 59 -11.37 -3.70 0.88
CA PRO A 59 -10.40 -3.14 1.83
C PRO A 59 -11.08 -2.44 2.98
N LYS A 60 -11.19 -3.11 4.09
CA LYS A 60 -11.80 -2.51 5.24
C LYS A 60 -10.85 -2.42 6.41
N THR A 61 -10.16 -3.49 6.68
CA THR A 61 -9.15 -3.51 7.69
C THR A 61 -7.88 -4.19 7.17
N VAL A 62 -6.83 -4.17 7.97
CA VAL A 62 -5.53 -4.76 7.63
C VAL A 62 -5.66 -6.27 7.37
N LYS A 63 -6.66 -6.86 7.99
CA LYS A 63 -6.87 -8.30 7.93
C LYS A 63 -7.32 -8.78 6.55
N GLU A 64 -7.79 -7.87 5.70
CA GLU A 64 -8.15 -8.30 4.34
C GLU A 64 -7.46 -7.52 3.24
N VAL A 65 -6.35 -6.88 3.58
CA VAL A 65 -5.55 -6.18 2.60
C VAL A 65 -4.13 -6.76 2.57
N LYS A 66 -3.71 -7.26 1.43
CA LYS A 66 -2.39 -7.85 1.28
C LYS A 66 -1.56 -7.00 0.30
N LEU A 67 -0.26 -6.84 0.57
CA LEU A 67 0.57 -5.94 -0.21
C LEU A 67 1.72 -6.72 -0.88
N ILE A 68 1.81 -6.62 -2.20
CA ILE A 68 2.88 -7.25 -2.97
C ILE A 68 3.61 -6.22 -3.82
N SER A 69 4.92 -6.25 -3.77
CA SER A 69 5.74 -5.33 -4.52
C SER A 69 6.86 -6.12 -5.17
N ALA A 70 7.06 -5.91 -6.46
CA ALA A 70 8.11 -6.58 -7.25
C ALA A 70 7.93 -8.10 -7.28
N GLY A 71 6.72 -8.54 -7.00
CA GLY A 71 6.40 -9.94 -6.98
C GLY A 71 6.72 -10.62 -5.66
N LYS A 72 6.79 -9.86 -4.59
CA LYS A 72 7.09 -10.41 -3.29
C LYS A 72 6.07 -9.88 -2.29
N VAL A 73 5.62 -10.73 -1.39
CA VAL A 73 4.63 -10.33 -0.40
C VAL A 73 5.35 -9.65 0.76
N LEU A 74 4.88 -8.48 1.12
CA LEU A 74 5.49 -7.72 2.16
C LEU A 74 4.90 -8.04 3.51
N GLU A 75 5.73 -8.62 4.37
CA GLU A 75 5.34 -8.91 5.73
C GLU A 75 5.26 -7.59 6.49
N ASN A 76 4.15 -7.38 7.20
CA ASN A 76 3.79 -6.11 7.89
C ASN A 76 4.91 -5.48 8.71
N SER A 77 5.73 -6.30 9.33
CA SER A 77 6.77 -5.84 10.25
C SER A 77 7.91 -5.10 9.54
N LYS A 78 8.07 -5.37 8.29
CA LYS A 78 9.17 -4.84 7.51
C LYS A 78 8.92 -3.41 7.07
N THR A 79 9.95 -2.76 6.60
CA THR A 79 9.89 -1.40 6.17
C THR A 79 9.92 -1.30 4.64
N VAL A 80 9.62 -0.10 4.11
CA VAL A 80 9.64 0.17 2.67
C VAL A 80 11.03 -0.09 2.10
N LYS A 81 12.03 0.43 2.80
CA LYS A 81 13.43 0.33 2.38
C LYS A 81 13.88 -1.12 2.17
N ASP A 82 13.33 -2.02 2.96
CA ASP A 82 13.74 -3.43 2.90
C ASP A 82 13.42 -4.06 1.54
N TYR A 83 12.30 -3.67 0.97
CA TYR A 83 11.87 -4.24 -0.29
C TYR A 83 12.23 -3.33 -1.44
N ARG A 84 12.51 -2.10 -1.13
CA ARG A 84 12.81 -1.14 -2.12
C ARG A 84 14.25 -1.33 -2.62
N SER A 85 14.51 -0.84 -3.80
CA SER A 85 15.81 -0.81 -4.35
C SER A 85 16.64 0.18 -3.52
N PRO A 86 17.95 -0.07 -3.36
CA PRO A 86 18.81 0.82 -2.59
C PRO A 86 18.98 2.20 -3.24
N VAL A 87 19.75 3.06 -2.61
CA VAL A 87 19.95 4.39 -3.12
C VAL A 87 20.94 4.38 -4.25
N SER A 88 20.44 4.08 -5.37
CA SER A 88 21.14 4.09 -6.61
C SER A 88 20.61 5.27 -7.43
N ASN A 89 21.16 5.52 -8.58
CA ASN A 89 20.67 6.63 -9.38
C ASN A 89 19.58 6.15 -10.33
N LEU A 90 18.35 6.29 -9.88
CA LEU A 90 17.23 5.96 -10.62
C LEU A 90 16.61 7.23 -11.20
N ALA A 91 15.48 7.08 -11.87
CA ALA A 91 14.83 8.17 -12.51
C ALA A 91 13.38 8.25 -12.12
N GLY A 92 13.11 9.05 -11.10
CA GLY A 92 11.76 9.20 -10.61
C GLY A 92 11.37 8.04 -9.76
N ALA A 93 11.53 8.18 -8.46
CA ALA A 93 11.27 7.08 -7.59
C ALA A 93 9.79 7.00 -7.27
N VAL A 94 9.14 6.06 -7.91
CA VAL A 94 7.78 5.73 -7.64
C VAL A 94 7.75 4.24 -7.44
N THR A 95 7.22 3.81 -6.36
CA THR A 95 7.13 2.40 -6.14
C THR A 95 5.72 1.94 -6.46
N THR A 96 5.61 0.85 -7.18
CA THR A 96 4.34 0.33 -7.54
C THR A 96 4.06 -0.92 -6.72
N MET A 97 3.02 -0.87 -5.93
CA MET A 97 2.66 -1.99 -5.10
C MET A 97 1.27 -2.47 -5.45
N HIS A 98 1.09 -3.77 -5.48
CA HIS A 98 -0.19 -4.34 -5.81
C HIS A 98 -0.91 -4.73 -4.55
N VAL A 99 -2.08 -4.21 -4.41
CA VAL A 99 -2.92 -4.46 -3.29
C VAL A 99 -3.89 -5.52 -3.64
N ILE A 100 -3.85 -6.54 -2.87
CA ILE A 100 -4.71 -7.62 -3.02
C ILE A 100 -5.83 -7.52 -2.03
N ILE A 101 -7.02 -7.49 -2.56
CA ILE A 101 -8.21 -7.43 -1.80
C ILE A 101 -8.62 -8.83 -1.48
N GLN A 102 -8.75 -9.12 -0.22
CA GLN A 102 -9.11 -10.41 0.23
C GLN A 102 -10.56 -10.41 0.60
N ALA A 103 -11.34 -11.09 -0.18
CA ALA A 103 -12.76 -11.21 0.06
C ALA A 103 -12.99 -12.16 1.22
N PRO A 104 -13.54 -11.66 2.33
CA PRO A 104 -13.80 -12.47 3.51
C PRO A 104 -15.01 -13.37 3.33
N VAL A 105 -15.34 -14.11 4.36
CA VAL A 105 -16.50 -14.99 4.35
C VAL A 105 -17.75 -14.13 4.19
N THR A 106 -18.66 -14.54 3.32
CA THR A 106 -19.84 -13.77 3.07
C THR A 106 -20.83 -13.84 4.23
N GLU A 107 -20.60 -12.96 5.15
CA GLU A 107 -21.40 -12.72 6.32
C GLU A 107 -21.13 -11.29 6.68
N LYS A 108 -21.88 -10.40 6.11
CA LYS A 108 -21.57 -9.03 6.28
C LYS A 108 -22.23 -8.37 7.47
N GLU A 109 -21.70 -8.69 8.63
CA GLU A 109 -22.09 -8.00 9.81
C GLU A 109 -21.21 -6.79 9.86
N LYS A 110 -21.70 -5.76 9.24
CA LYS A 110 -21.00 -4.56 9.02
C LYS A 110 -22.05 -3.50 8.97
N GLU A 10 4.28 22.76 -9.54
CA GLU A 10 3.98 22.25 -8.21
C GLU A 10 5.24 22.27 -7.36
N ALA A 11 5.06 22.17 -6.07
CA ALA A 11 6.17 22.13 -5.16
C ALA A 11 6.56 20.68 -4.94
N GLU A 12 7.72 20.30 -5.45
CA GLU A 12 8.18 18.96 -5.32
C GLU A 12 8.74 18.68 -3.92
N VAL A 13 7.93 18.06 -3.11
CA VAL A 13 8.28 17.73 -1.72
C VAL A 13 8.57 16.22 -1.63
N HIS A 14 8.51 15.58 -2.76
CA HIS A 14 8.74 14.15 -2.83
C HIS A 14 10.22 13.80 -2.87
N ASN A 15 10.80 13.64 -1.70
CA ASN A 15 12.19 13.24 -1.60
C ASN A 15 12.26 11.76 -1.29
N GLN A 16 11.22 11.28 -0.63
CA GLN A 16 11.11 9.89 -0.27
C GLN A 16 10.57 9.09 -1.45
N LEU A 17 10.33 7.82 -1.27
CA LEU A 17 9.90 7.02 -2.38
C LEU A 17 8.40 6.96 -2.43
N GLU A 18 7.84 7.21 -3.56
CA GLU A 18 6.41 7.24 -3.68
C GLU A 18 5.90 5.87 -4.04
N ILE A 19 4.83 5.50 -3.43
CA ILE A 19 4.18 4.26 -3.71
C ILE A 19 2.72 4.55 -4.01
N LYS A 20 2.23 3.92 -5.03
CA LYS A 20 0.84 4.01 -5.38
C LYS A 20 0.25 2.61 -5.30
N PHE A 21 -1.03 2.52 -5.14
CA PHE A 21 -1.65 1.23 -4.93
C PHE A 21 -2.53 0.82 -6.09
N ARG A 22 -2.21 -0.31 -6.67
CA ARG A 22 -2.97 -0.90 -7.76
C ARG A 22 -3.74 -2.11 -7.27
N LEU A 23 -5.03 -1.99 -7.25
CA LEU A 23 -5.91 -3.03 -6.77
C LEU A 23 -6.17 -4.09 -7.83
N THR A 24 -6.58 -5.27 -7.36
CA THR A 24 -7.03 -6.38 -8.21
C THR A 24 -8.34 -6.01 -8.91
N ASP A 25 -8.94 -4.93 -8.45
CA ASP A 25 -10.17 -4.37 -8.99
C ASP A 25 -9.87 -3.59 -10.27
N GLY A 26 -8.57 -3.42 -10.55
CA GLY A 26 -8.16 -2.72 -11.75
C GLY A 26 -8.12 -1.23 -11.55
N SER A 27 -8.19 -0.82 -10.33
CA SER A 27 -8.16 0.57 -9.98
C SER A 27 -6.90 0.90 -9.23
N ASP A 28 -6.44 2.13 -9.34
CA ASP A 28 -5.25 2.56 -8.68
C ASP A 28 -5.52 3.77 -7.82
N ILE A 29 -4.78 3.87 -6.74
CA ILE A 29 -4.89 4.96 -5.79
C ILE A 29 -3.67 5.85 -5.95
N GLY A 30 -3.89 7.17 -5.83
CA GLY A 30 -2.83 8.16 -5.98
C GLY A 30 -1.60 7.89 -5.10
N PRO A 31 -0.41 8.26 -5.59
CA PRO A 31 0.86 8.00 -4.90
C PRO A 31 1.05 8.78 -3.62
N LYS A 32 1.73 8.17 -2.69
CA LYS A 32 2.04 8.75 -1.40
C LYS A 32 3.53 8.53 -1.19
N ALA A 33 4.21 9.46 -0.53
CA ALA A 33 5.65 9.32 -0.34
C ALA A 33 5.97 8.58 0.95
N PHE A 34 6.70 7.51 0.83
CA PHE A 34 7.08 6.69 1.96
C PHE A 34 8.59 6.64 2.06
N PRO A 35 9.15 6.97 3.21
CA PRO A 35 10.56 6.78 3.48
C PRO A 35 10.93 5.29 3.39
N ASP A 36 12.15 5.00 2.98
CA ASP A 36 12.60 3.61 2.82
C ASP A 36 12.52 2.82 4.13
N ALA A 37 12.67 3.53 5.25
CA ALA A 37 12.63 2.91 6.57
C ALA A 37 11.21 2.72 7.08
N THR A 38 10.23 3.18 6.34
CA THR A 38 8.86 2.98 6.73
C THR A 38 8.45 1.52 6.56
N THR A 39 7.86 0.97 7.62
CA THR A 39 7.48 -0.40 7.66
C THR A 39 6.17 -0.68 6.92
N VAL A 40 6.02 -1.93 6.51
CA VAL A 40 4.83 -2.41 5.83
C VAL A 40 3.60 -2.30 6.73
N SER A 41 3.81 -2.34 8.03
CA SER A 41 2.75 -2.13 8.98
C SER A 41 2.19 -0.72 8.78
N ALA A 42 3.09 0.26 8.67
CA ALA A 42 2.71 1.64 8.46
C ALA A 42 2.17 1.84 7.04
N LEU A 43 2.64 0.99 6.12
CA LEU A 43 2.18 0.99 4.77
C LEU A 43 0.71 0.60 4.78
N LYS A 44 0.38 -0.48 5.49
CA LYS A 44 -0.99 -0.90 5.65
C LYS A 44 -1.80 0.14 6.38
N GLU A 45 -1.24 0.72 7.44
CA GLU A 45 -1.92 1.76 8.18
C GLU A 45 -2.29 2.92 7.28
N THR A 46 -1.41 3.25 6.35
CA THR A 46 -1.66 4.28 5.40
C THR A 46 -2.83 3.87 4.47
N VAL A 47 -2.82 2.60 4.04
CA VAL A 47 -3.87 2.06 3.19
C VAL A 47 -5.20 2.09 3.92
N ILE A 48 -5.20 1.61 5.15
CA ILE A 48 -6.42 1.56 5.98
C ILE A 48 -6.97 2.98 6.21
N SER A 49 -6.09 3.96 6.28
CA SER A 49 -6.51 5.34 6.46
C SER A 49 -7.15 5.90 5.17
N GLU A 50 -6.59 5.55 4.03
CA GLU A 50 -7.10 6.00 2.76
C GLU A 50 -8.32 5.19 2.32
N TRP A 51 -8.38 3.97 2.78
CA TRP A 51 -9.47 3.09 2.44
C TRP A 51 -10.63 3.43 3.34
N PRO A 52 -11.82 3.64 2.77
CA PRO A 52 -12.98 4.00 3.54
C PRO A 52 -13.31 2.97 4.62
N ARG A 53 -13.39 3.43 5.84
CA ARG A 53 -13.69 2.58 6.98
C ARG A 53 -15.10 2.04 6.83
N GLU A 54 -15.93 2.84 6.23
CA GLU A 54 -17.31 2.48 5.99
C GLU A 54 -17.50 1.67 4.71
N LYS A 55 -16.41 1.35 4.01
CA LYS A 55 -16.49 0.50 2.82
C LYS A 55 -16.98 -0.87 3.26
N GLU A 56 -18.20 -1.21 2.90
CA GLU A 56 -18.78 -2.45 3.35
C GLU A 56 -18.22 -3.66 2.65
N ASN A 57 -17.86 -4.63 3.46
CA ASN A 57 -17.27 -5.90 3.05
C ASN A 57 -16.08 -5.72 2.14
N GLY A 58 -14.92 -5.51 2.73
CA GLY A 58 -13.73 -5.34 1.95
C GLY A 58 -12.49 -5.28 2.82
N PRO A 59 -11.39 -4.75 2.26
CA PRO A 59 -10.07 -4.58 2.95
C PRO A 59 -10.13 -3.54 4.09
N LYS A 60 -11.07 -3.71 4.97
CA LYS A 60 -11.32 -2.81 6.06
C LYS A 60 -10.15 -2.75 7.06
N THR A 61 -9.46 -3.86 7.26
CA THR A 61 -8.40 -3.88 8.25
C THR A 61 -7.08 -4.48 7.71
N VAL A 62 -6.04 -4.36 8.54
CA VAL A 62 -4.65 -4.76 8.24
C VAL A 62 -4.50 -6.21 7.73
N LYS A 63 -5.26 -7.12 8.29
CA LYS A 63 -5.13 -8.52 7.91
C LYS A 63 -5.80 -8.80 6.58
N GLU A 64 -6.81 -8.00 6.25
CA GLU A 64 -7.62 -8.28 5.08
C GLU A 64 -7.02 -7.68 3.83
N VAL A 65 -6.24 -6.65 3.98
CA VAL A 65 -5.62 -6.01 2.86
C VAL A 65 -4.21 -6.59 2.63
N LYS A 66 -4.02 -7.20 1.49
CA LYS A 66 -2.78 -7.84 1.17
C LYS A 66 -2.00 -7.05 0.12
N LEU A 67 -0.75 -6.76 0.43
CA LEU A 67 0.12 -6.02 -0.46
C LEU A 67 1.08 -6.99 -1.14
N ILE A 68 1.24 -6.82 -2.43
CA ILE A 68 2.10 -7.63 -3.27
C ILE A 68 3.08 -6.77 -4.04
N SER A 69 4.34 -7.01 -3.83
CA SER A 69 5.36 -6.37 -4.57
C SER A 69 6.17 -7.44 -5.29
N ALA A 70 6.09 -7.44 -6.62
CA ALA A 70 6.81 -8.42 -7.47
C ALA A 70 6.31 -9.84 -7.26
N GLY A 71 5.14 -9.96 -6.68
CA GLY A 71 4.54 -11.25 -6.42
C GLY A 71 4.73 -11.71 -4.99
N LYS A 72 5.43 -10.93 -4.20
CA LYS A 72 5.74 -11.32 -2.85
C LYS A 72 4.85 -10.52 -1.88
N VAL A 73 4.13 -11.23 -1.00
CA VAL A 73 3.26 -10.61 0.02
C VAL A 73 4.14 -9.92 1.05
N LEU A 74 4.02 -8.63 1.16
CA LEU A 74 4.80 -7.85 2.08
C LEU A 74 4.59 -8.29 3.52
N GLU A 75 5.68 -8.54 4.19
CA GLU A 75 5.66 -8.90 5.59
C GLU A 75 5.57 -7.57 6.36
N ASN A 76 4.58 -7.45 7.24
CA ASN A 76 4.25 -6.19 7.91
C ASN A 76 5.40 -5.60 8.75
N SER A 77 6.27 -6.42 9.27
CA SER A 77 7.30 -5.91 10.14
C SER A 77 8.59 -5.51 9.40
N LYS A 78 8.57 -5.56 8.08
CA LYS A 78 9.69 -5.13 7.30
C LYS A 78 9.46 -3.75 6.73
N THR A 79 10.53 -3.15 6.24
CA THR A 79 10.50 -1.83 5.71
C THR A 79 10.45 -1.89 4.19
N VAL A 80 10.26 -0.74 3.56
CA VAL A 80 10.31 -0.65 2.12
C VAL A 80 11.71 -1.03 1.66
N LYS A 81 12.69 -0.60 2.44
CA LYS A 81 14.12 -0.87 2.23
C LYS A 81 14.42 -2.37 2.20
N ASP A 82 13.68 -3.15 2.96
CA ASP A 82 13.84 -4.59 2.96
C ASP A 82 13.59 -5.21 1.59
N TYR A 83 12.78 -4.55 0.79
CA TYR A 83 12.44 -5.06 -0.52
C TYR A 83 13.05 -4.19 -1.62
N ARG A 84 13.58 -3.05 -1.24
CA ARG A 84 14.12 -2.11 -2.15
C ARG A 84 15.56 -1.73 -1.83
N SER A 85 16.14 -0.95 -2.68
CA SER A 85 17.43 -0.42 -2.48
C SER A 85 17.30 1.10 -2.32
N PRO A 86 18.21 1.74 -1.57
CA PRO A 86 18.20 3.20 -1.40
C PRO A 86 18.41 3.88 -2.74
N VAL A 87 17.60 4.88 -3.02
CA VAL A 87 17.70 5.56 -4.29
C VAL A 87 18.89 6.51 -4.30
N SER A 88 19.10 7.13 -3.16
CA SER A 88 20.22 8.04 -2.88
C SER A 88 20.30 9.21 -3.89
N ASN A 89 19.18 9.47 -4.50
CA ASN A 89 19.03 10.50 -5.52
C ASN A 89 17.63 11.04 -5.40
N LEU A 90 17.16 11.73 -6.41
CA LEU A 90 15.85 12.22 -6.46
C LEU A 90 14.88 11.05 -6.59
N ALA A 91 13.63 11.30 -6.38
CA ALA A 91 12.65 10.27 -6.41
C ALA A 91 11.39 10.71 -7.12
N GLY A 92 11.40 10.53 -8.41
CA GLY A 92 10.24 10.80 -9.20
C GLY A 92 9.60 9.53 -9.66
N ALA A 93 10.30 8.44 -9.45
CA ALA A 93 9.82 7.12 -9.82
C ALA A 93 8.82 6.63 -8.79
N VAL A 94 7.61 6.40 -9.23
CA VAL A 94 6.58 5.95 -8.34
C VAL A 94 6.52 4.43 -8.36
N THR A 95 6.48 3.87 -7.20
CA THR A 95 6.44 2.46 -7.02
C THR A 95 5.00 1.98 -7.10
N THR A 96 4.72 1.03 -7.93
CA THR A 96 3.39 0.53 -8.02
C THR A 96 3.28 -0.74 -7.16
N MET A 97 2.45 -0.68 -6.15
CA MET A 97 2.25 -1.79 -5.25
C MET A 97 0.94 -2.45 -5.62
N HIS A 98 0.91 -3.76 -5.66
CA HIS A 98 -0.30 -4.45 -6.04
C HIS A 98 -1.07 -4.83 -4.80
N VAL A 99 -2.31 -4.46 -4.77
CA VAL A 99 -3.16 -4.74 -3.65
C VAL A 99 -4.14 -5.81 -4.03
N ILE A 100 -4.21 -6.79 -3.22
CA ILE A 100 -5.10 -7.86 -3.41
C ILE A 100 -6.32 -7.64 -2.54
N ILE A 101 -7.42 -7.48 -3.21
CA ILE A 101 -8.66 -7.20 -2.56
C ILE A 101 -9.38 -8.48 -2.21
N GLN A 102 -9.30 -8.85 -0.96
CA GLN A 102 -10.03 -9.97 -0.48
C GLN A 102 -10.84 -9.57 0.72
N ALA A 103 -12.13 -9.56 0.54
CA ALA A 103 -13.04 -9.15 1.56
C ALA A 103 -13.32 -10.29 2.52
N PRO A 104 -13.56 -9.97 3.81
CA PRO A 104 -13.89 -10.98 4.83
C PRO A 104 -15.23 -11.65 4.57
N VAL A 105 -15.65 -12.47 5.48
CA VAL A 105 -16.88 -13.20 5.33
C VAL A 105 -18.10 -12.31 5.53
N THR A 106 -18.84 -12.13 4.48
CA THR A 106 -20.12 -11.45 4.48
C THR A 106 -20.91 -12.06 3.33
N GLU A 107 -21.82 -12.92 3.68
CA GLU A 107 -22.50 -13.76 2.73
C GLU A 107 -23.86 -13.21 2.31
N LYS A 108 -24.75 -13.03 3.25
CA LYS A 108 -26.06 -12.52 2.96
C LYS A 108 -26.58 -11.80 4.19
N GLU A 109 -25.66 -11.25 4.91
CA GLU A 109 -25.93 -10.55 6.12
C GLU A 109 -26.55 -9.19 5.82
N LYS A 110 -27.84 -9.18 5.80
CA LYS A 110 -28.67 -8.05 5.52
C LYS A 110 -29.96 -8.31 6.25
N GLU A 10 -0.08 20.45 -4.73
CA GLU A 10 0.41 20.45 -3.35
C GLU A 10 1.91 20.48 -3.36
N ALA A 11 2.48 20.90 -2.26
CA ALA A 11 3.91 20.97 -2.12
C ALA A 11 4.37 19.94 -1.11
N GLU A 12 5.46 19.27 -1.41
CA GLU A 12 6.09 18.32 -0.52
C GLU A 12 7.39 17.94 -1.20
N VAL A 13 8.41 17.71 -0.44
CA VAL A 13 9.74 17.46 -0.98
C VAL A 13 9.91 15.97 -1.25
N HIS A 14 10.72 15.63 -2.23
CA HIS A 14 11.05 14.25 -2.46
C HIS A 14 12.20 13.84 -1.56
N ASN A 15 11.89 13.67 -0.29
CA ASN A 15 12.87 13.29 0.70
C ASN A 15 12.75 11.81 0.93
N GLN A 16 11.53 11.33 0.85
CA GLN A 16 11.22 9.96 1.01
C GLN A 16 10.81 9.39 -0.34
N LEU A 17 10.26 8.20 -0.33
CA LEU A 17 9.81 7.59 -1.57
C LEU A 17 8.30 7.64 -1.65
N GLU A 18 7.78 7.95 -2.82
CA GLU A 18 6.36 8.04 -2.98
C GLU A 18 5.81 6.69 -3.38
N ILE A 19 4.78 6.29 -2.70
CA ILE A 19 4.14 5.02 -2.94
C ILE A 19 2.70 5.26 -3.27
N LYS A 20 2.21 4.56 -4.25
CA LYS A 20 0.81 4.59 -4.57
C LYS A 20 0.25 3.19 -4.49
N PHE A 21 -1.04 3.09 -4.28
CA PHE A 21 -1.68 1.82 -4.14
C PHE A 21 -2.45 1.49 -5.38
N ARG A 22 -2.11 0.40 -6.02
CA ARG A 22 -2.80 0.00 -7.22
C ARG A 22 -3.61 -1.24 -6.96
N LEU A 23 -4.89 -1.10 -7.16
CA LEU A 23 -5.87 -2.13 -6.93
C LEU A 23 -5.68 -3.32 -7.88
N THR A 24 -6.37 -4.39 -7.59
CA THR A 24 -6.31 -5.62 -8.34
C THR A 24 -6.77 -5.41 -9.80
N ASP A 25 -7.72 -4.50 -9.97
CA ASP A 25 -8.30 -4.21 -11.28
C ASP A 25 -7.44 -3.21 -12.06
N GLY A 26 -6.39 -2.73 -11.44
CA GLY A 26 -5.46 -1.83 -12.10
C GLY A 26 -5.74 -0.37 -11.86
N SER A 27 -6.71 -0.06 -11.03
CA SER A 27 -6.96 1.32 -10.68
C SER A 27 -6.03 1.69 -9.53
N ASP A 28 -5.45 2.85 -9.58
CA ASP A 28 -4.51 3.25 -8.58
C ASP A 28 -4.92 4.50 -7.85
N ILE A 29 -4.47 4.62 -6.62
CA ILE A 29 -4.76 5.73 -5.75
C ILE A 29 -3.54 6.61 -5.68
N GLY A 30 -3.76 7.92 -5.66
CA GLY A 30 -2.69 8.92 -5.66
C GLY A 30 -1.55 8.64 -4.68
N PRO A 31 -0.30 8.83 -5.15
CA PRO A 31 0.91 8.57 -4.38
C PRO A 31 1.16 9.55 -3.24
N LYS A 32 1.75 9.05 -2.18
CA LYS A 32 2.17 9.85 -1.03
C LYS A 32 3.58 9.52 -0.74
N ALA A 33 4.24 10.33 0.03
CA ALA A 33 5.62 10.05 0.39
C ALA A 33 5.66 9.21 1.64
N PHE A 34 6.29 8.09 1.55
CA PHE A 34 6.45 7.19 2.65
C PHE A 34 7.92 7.03 2.92
N PRO A 35 8.36 7.36 4.10
CA PRO A 35 9.73 7.13 4.50
C PRO A 35 10.09 5.65 4.47
N ASP A 36 11.36 5.36 4.20
CA ASP A 36 11.84 3.98 4.20
C ASP A 36 11.69 3.35 5.58
N ALA A 37 11.61 4.21 6.61
CA ALA A 37 11.44 3.78 7.98
C ALA A 37 9.97 3.50 8.32
N THR A 38 9.08 3.71 7.37
CA THR A 38 7.67 3.40 7.56
C THR A 38 7.43 1.90 7.39
N THR A 39 6.62 1.34 8.25
CA THR A 39 6.35 -0.07 8.22
C THR A 39 5.21 -0.42 7.28
N VAL A 40 5.09 -1.69 6.93
CA VAL A 40 3.98 -2.19 6.12
C VAL A 40 2.69 -2.06 6.93
N SER A 41 2.83 -2.09 8.24
CA SER A 41 1.71 -1.90 9.12
C SER A 41 1.12 -0.48 8.93
N ALA A 42 2.01 0.52 8.95
CA ALA A 42 1.61 1.92 8.77
C ALA A 42 1.19 2.19 7.33
N LEU A 43 1.69 1.37 6.43
CA LEU A 43 1.35 1.42 5.06
C LEU A 43 -0.15 1.12 4.91
N LYS A 44 -0.63 0.13 5.66
CA LYS A 44 -2.05 -0.21 5.67
C LYS A 44 -2.85 0.83 6.40
N GLU A 45 -2.28 1.41 7.45
CA GLU A 45 -2.94 2.47 8.21
C GLU A 45 -3.31 3.61 7.29
N THR A 46 -2.43 3.89 6.34
CA THR A 46 -2.66 4.92 5.35
C THR A 46 -3.87 4.56 4.46
N VAL A 47 -3.91 3.28 4.04
CA VAL A 47 -4.99 2.75 3.21
C VAL A 47 -6.32 2.91 3.93
N ILE A 48 -6.36 2.42 5.16
CA ILE A 48 -7.57 2.44 6.00
C ILE A 48 -8.09 3.86 6.19
N SER A 49 -7.19 4.81 6.22
CA SER A 49 -7.54 6.19 6.42
C SER A 49 -8.28 6.80 5.21
N GLU A 50 -7.88 6.43 3.99
CA GLU A 50 -8.45 7.00 2.80
C GLU A 50 -9.50 6.11 2.13
N TRP A 51 -9.38 4.84 2.35
CA TRP A 51 -10.33 3.89 1.79
C TRP A 51 -11.60 3.92 2.62
N PRO A 52 -12.78 3.88 1.98
CA PRO A 52 -14.06 3.84 2.71
C PRO A 52 -14.13 2.59 3.58
N ARG A 53 -14.08 2.80 4.89
CA ARG A 53 -14.05 1.69 5.82
C ARG A 53 -15.40 0.96 5.86
N GLU A 54 -16.43 1.66 5.45
CA GLU A 54 -17.78 1.10 5.40
C GLU A 54 -17.90 0.08 4.24
N LYS A 55 -17.00 0.20 3.26
CA LYS A 55 -17.06 -0.59 2.03
C LYS A 55 -17.01 -2.09 2.28
N GLU A 56 -18.13 -2.74 2.08
CA GLU A 56 -18.21 -4.14 2.22
C GLU A 56 -17.77 -4.81 0.93
N ASN A 57 -17.36 -6.08 1.04
CA ASN A 57 -16.85 -6.87 -0.11
C ASN A 57 -15.51 -6.36 -0.57
N GLY A 58 -14.93 -5.50 0.23
CA GLY A 58 -13.67 -4.95 -0.02
C GLY A 58 -12.98 -4.65 1.29
N PRO A 59 -11.80 -4.06 1.23
CA PRO A 59 -11.02 -3.69 2.42
C PRO A 59 -11.75 -2.72 3.34
N LYS A 60 -11.37 -2.75 4.59
CA LYS A 60 -11.90 -1.85 5.62
C LYS A 60 -10.78 -1.66 6.62
N THR A 61 -10.28 -2.79 7.10
CA THR A 61 -9.21 -2.84 8.07
C THR A 61 -7.97 -3.59 7.49
N VAL A 62 -6.86 -3.58 8.24
CA VAL A 62 -5.58 -4.15 7.85
C VAL A 62 -5.66 -5.62 7.39
N LYS A 63 -6.63 -6.33 7.93
CA LYS A 63 -6.80 -7.76 7.67
C LYS A 63 -7.24 -7.96 6.24
N GLU A 64 -7.90 -6.97 5.71
CA GLU A 64 -8.58 -7.06 4.44
C GLU A 64 -7.77 -6.44 3.31
N VAL A 65 -6.55 -6.05 3.63
CA VAL A 65 -5.67 -5.43 2.66
C VAL A 65 -4.39 -6.26 2.53
N LYS A 66 -4.11 -6.71 1.33
CA LYS A 66 -2.87 -7.42 1.05
C LYS A 66 -2.03 -6.61 0.07
N LEU A 67 -0.81 -6.27 0.46
CA LEU A 67 0.09 -5.51 -0.41
C LEU A 67 1.12 -6.42 -1.04
N ILE A 68 1.17 -6.41 -2.34
CA ILE A 68 2.12 -7.19 -3.11
C ILE A 68 3.02 -6.26 -3.93
N SER A 69 4.30 -6.52 -3.90
CA SER A 69 5.26 -5.78 -4.66
C SER A 69 6.03 -6.73 -5.56
N ALA A 70 5.87 -6.59 -6.87
CA ALA A 70 6.59 -7.37 -7.89
C ALA A 70 6.33 -8.89 -7.78
N GLY A 71 5.23 -9.24 -7.15
CA GLY A 71 4.88 -10.63 -6.98
C GLY A 71 5.30 -11.20 -5.63
N LYS A 72 5.56 -10.34 -4.68
CA LYS A 72 5.89 -10.72 -3.34
C LYS A 72 4.98 -9.99 -2.38
N VAL A 73 4.42 -10.69 -1.42
CA VAL A 73 3.53 -10.07 -0.46
C VAL A 73 4.36 -9.38 0.62
N LEU A 74 3.98 -8.19 0.99
CA LEU A 74 4.66 -7.47 2.01
C LEU A 74 4.28 -7.98 3.39
N GLU A 75 5.28 -8.40 4.10
CA GLU A 75 5.16 -8.87 5.45
C GLU A 75 5.00 -7.65 6.36
N ASN A 76 3.94 -7.65 7.15
CA ASN A 76 3.52 -6.49 7.96
C ASN A 76 4.57 -5.96 8.92
N SER A 77 5.36 -6.84 9.48
CA SER A 77 6.36 -6.46 10.49
C SER A 77 7.59 -5.80 9.87
N LYS A 78 7.68 -5.88 8.58
CA LYS A 78 8.81 -5.36 7.88
C LYS A 78 8.59 -3.93 7.46
N THR A 79 9.64 -3.29 7.07
CA THR A 79 9.63 -1.89 6.83
C THR A 79 9.86 -1.63 5.33
N VAL A 80 9.59 -0.41 4.86
CA VAL A 80 9.77 -0.07 3.43
C VAL A 80 11.23 -0.27 3.02
N LYS A 81 12.12 -0.06 3.99
CA LYS A 81 13.54 -0.31 3.87
C LYS A 81 13.81 -1.73 3.36
N ASP A 82 12.99 -2.66 3.75
CA ASP A 82 13.13 -4.05 3.42
C ASP A 82 12.73 -4.36 1.98
N TYR A 83 11.93 -3.50 1.37
CA TYR A 83 11.40 -3.76 0.05
C TYR A 83 12.04 -2.91 -1.03
N ARG A 84 12.63 -1.79 -0.63
CA ARG A 84 13.25 -0.90 -1.55
C ARG A 84 14.47 -1.56 -2.23
N SER A 85 14.53 -1.40 -3.52
CA SER A 85 15.63 -1.91 -4.31
C SER A 85 16.87 -1.01 -4.12
N PRO A 86 18.09 -1.48 -4.56
CA PRO A 86 19.34 -0.69 -4.49
C PRO A 86 19.17 0.75 -5.02
N VAL A 87 20.02 1.65 -4.55
CA VAL A 87 19.91 3.05 -4.88
C VAL A 87 20.45 3.32 -6.27
N SER A 88 19.63 3.08 -7.19
CA SER A 88 19.90 3.35 -8.56
C SER A 88 19.16 4.64 -8.91
N ASN A 89 19.79 5.49 -9.68
CA ASN A 89 19.19 6.74 -10.09
C ASN A 89 18.14 6.51 -11.19
N LEU A 90 16.91 6.49 -10.80
CA LEU A 90 15.85 6.33 -11.67
C LEU A 90 15.39 7.69 -12.17
N ALA A 91 14.38 7.71 -12.98
CA ALA A 91 13.85 8.93 -13.52
C ALA A 91 12.69 9.45 -12.66
N GLY A 92 12.76 9.15 -11.37
CA GLY A 92 11.70 9.53 -10.47
C GLY A 92 10.58 8.56 -10.60
N ALA A 93 10.72 7.40 -9.99
CA ALA A 93 9.73 6.37 -10.10
C ALA A 93 8.87 6.31 -8.86
N VAL A 94 7.59 6.23 -9.08
CA VAL A 94 6.64 6.10 -8.00
C VAL A 94 6.51 4.62 -7.68
N THR A 95 6.53 4.31 -6.43
CA THR A 95 6.54 2.96 -5.99
C THR A 95 5.10 2.48 -5.96
N THR A 96 4.82 1.39 -6.61
CA THR A 96 3.47 0.95 -6.68
C THR A 96 3.28 -0.37 -5.92
N MET A 97 2.45 -0.33 -4.91
CA MET A 97 2.09 -1.52 -4.18
C MET A 97 0.78 -2.03 -4.74
N HIS A 98 0.81 -3.25 -5.18
CA HIS A 98 -0.36 -3.84 -5.76
C HIS A 98 -1.19 -4.45 -4.65
N VAL A 99 -2.40 -4.04 -4.58
CA VAL A 99 -3.25 -4.50 -3.52
C VAL A 99 -4.20 -5.57 -3.98
N ILE A 100 -4.22 -6.60 -3.22
CA ILE A 100 -5.09 -7.70 -3.41
C ILE A 100 -6.16 -7.64 -2.35
N ILE A 101 -7.37 -7.64 -2.81
CA ILE A 101 -8.49 -7.51 -1.95
C ILE A 101 -8.96 -8.86 -1.46
N GLN A 102 -8.72 -9.11 -0.20
CA GLN A 102 -9.19 -10.31 0.45
C GLN A 102 -9.74 -9.95 1.79
N ALA A 103 -11.01 -10.06 1.92
CA ALA A 103 -11.71 -9.85 3.15
C ALA A 103 -11.95 -11.23 3.75
N PRO A 104 -12.19 -11.34 5.08
CA PRO A 104 -12.48 -12.62 5.76
C PRO A 104 -13.34 -13.59 4.91
N VAL A 105 -13.06 -14.87 5.08
CA VAL A 105 -13.66 -15.93 4.28
C VAL A 105 -15.18 -15.87 4.28
N THR A 106 -15.76 -15.79 5.43
CA THR A 106 -17.18 -15.69 5.52
C THR A 106 -17.58 -14.24 5.82
N GLU A 107 -17.89 -13.50 4.78
CA GLU A 107 -18.37 -12.15 4.94
C GLU A 107 -19.76 -12.04 4.39
N LYS A 108 -20.71 -11.90 5.26
CA LYS A 108 -22.06 -11.74 4.89
C LYS A 108 -22.70 -10.81 5.89
N GLU A 109 -22.44 -9.53 5.68
CA GLU A 109 -22.87 -8.51 6.59
C GLU A 109 -23.54 -7.36 5.88
N LYS A 110 -23.73 -7.50 4.58
CA LYS A 110 -24.42 -6.49 3.80
C LYS A 110 -25.90 -6.65 4.05
#